data_8FDR
# 
_entry.id   8FDR 
# 
_audit_conform.dict_name       mmcif_pdbx.dic 
_audit_conform.dict_version    5.378 
_audit_conform.dict_location   http://mmcif.pdb.org/dictionaries/ascii/mmcif_pdbx.dic 
# 
loop_
_database_2.database_id 
_database_2.database_code 
_database_2.pdbx_database_accession 
_database_2.pdbx_DOI 
PDB   8FDR         pdb_00008fdr 10.2210/pdb8fdr/pdb 
WWPDB D_1000270473 ?            ?                   
# 
_pdbx_database_status.status_code                     REL 
_pdbx_database_status.status_code_sf                  REL 
_pdbx_database_status.status_code_mr                  ? 
_pdbx_database_status.entry_id                        8FDR 
_pdbx_database_status.recvd_initial_deposition_date   2022-12-04 
_pdbx_database_status.SG_entry                        N 
_pdbx_database_status.deposit_site                    RCSB 
_pdbx_database_status.process_site                    RCSB 
_pdbx_database_status.status_code_cs                  ? 
_pdbx_database_status.status_code_nmr_data            ? 
_pdbx_database_status.methods_development_category    ? 
_pdbx_database_status.pdb_format_compatible           Y 
# 
loop_
_audit_author.name 
_audit_author.pdbx_ordinal 
_audit_author.identifier_ORCID 
'Ogbonna, E.'  1 0000-0002-0762-0603 
'Wilson, W.D.' 2 0000-0001-5225-5089 
# 
loop_
_citation.abstract 
_citation.abstract_id_CAS 
_citation.book_id_ISBN 
_citation.book_publisher 
_citation.book_publisher_city 
_citation.book_title 
_citation.coordinate_linkage 
_citation.country 
_citation.database_id_Medline 
_citation.details 
_citation.id 
_citation.journal_abbrev 
_citation.journal_id_ASTM 
_citation.journal_id_CSD 
_citation.journal_id_ISSN 
_citation.journal_full 
_citation.journal_issue 
_citation.journal_volume 
_citation.language 
_citation.page_first 
_citation.page_last 
_citation.title 
_citation.year 
_citation.database_id_CSD 
_citation.pdbx_database_id_DOI 
_citation.pdbx_database_id_PubMed 
_citation.pdbx_database_id_patent 
_citation.unpublished_flag 
? ? ? ? ? ? ? US ? ? primary 'Acs Bio Med Chem Au' ? ?    2694-2437 ? ? 3 ? 335 348 
'X-ray Structure Characterization of the Selective Recognition of AT Base Pair Sequences.' 2023 ? 10.1021/acsbiomedchemau.3c00002 
37599788 ? ? 
? ? ? ? ? ? ? US ? ? 1       'To be published'     ? 0353 ?         ? ? ? ? ?   ?   
'X-ray Structure Characterization of the Selective Recognition of AT Base Pair Sequences'  ?    ? ?                               
?        ? ? 
# 
loop_
_citation_author.citation_id 
_citation_author.name 
_citation_author.ordinal 
_citation_author.identifier_ORCID 
primary 'Ogbonna, E.N.' 1  ?                   
primary 'Paul, A.'      2  0000-0003-4592-3442 
primary 'Farahat, A.A.' 3  ?                   
primary 'Terrell, J.R.' 4  ?                   
primary 'Mineva, E.'    5  ?                   
primary 'Ogbonna, V.'   6  ?                   
primary 'Boykin, D.W.'  7  ?                   
primary 'Wilson, W.D.'  8  0000-0001-5225-5089 
1       'Ogbonna, E.N.' 9  ?                   
1       'Paul, A.'      10 ?                   
1       'Faharat, A.'   11 ?                   
1       'Terrell, J.R.' 12 ?                   
1       'Ogbonna, V.'   13 ?                   
1       'Boykin, D.W.'  14 ?                   
1       'Wilson, W.D.'  15 ?                   
# 
_cell.angle_alpha                  90.000 
_cell.angle_alpha_esd              ? 
_cell.angle_beta                   90.000 
_cell.angle_beta_esd               ? 
_cell.angle_gamma                  90.000 
_cell.angle_gamma_esd              ? 
_cell.entry_id                     8FDR 
_cell.details                      ? 
_cell.formula_units_Z              ? 
_cell.length_a                     25.761 
_cell.length_a_esd                 ? 
_cell.length_b                     39.840 
_cell.length_b_esd                 ? 
_cell.length_c                     66.469 
_cell.length_c_esd                 ? 
_cell.volume                       68218.347 
_cell.volume_esd                   ? 
_cell.Z_PDB                        4 
_cell.reciprocal_angle_alpha       ? 
_cell.reciprocal_angle_beta        ? 
_cell.reciprocal_angle_gamma       ? 
_cell.reciprocal_angle_alpha_esd   ? 
_cell.reciprocal_angle_beta_esd    ? 
_cell.reciprocal_angle_gamma_esd   ? 
_cell.reciprocal_length_a          ? 
_cell.reciprocal_length_b          ? 
_cell.reciprocal_length_c          ? 
_cell.reciprocal_length_a_esd      ? 
_cell.reciprocal_length_b_esd      ? 
_cell.reciprocal_length_c_esd      ? 
_cell.pdbx_unique_axis             ? 
_cell.pdbx_esd_method              ? 
# 
_symmetry.entry_id                         8FDR 
_symmetry.cell_setting                     ? 
_symmetry.Int_Tables_number                19 
_symmetry.space_group_name_Hall            'P 2ac 2ab' 
_symmetry.space_group_name_H-M             'P 21 21 21' 
_symmetry.pdbx_full_space_group_name_H-M   ? 
# 
loop_
_entity.id 
_entity.type 
_entity.src_method 
_entity.pdbx_description 
_entity.formula_weight 
_entity.pdbx_number_of_molecules 
_entity.pdbx_ec 
_entity.pdbx_mutation 
_entity.pdbx_fragment 
_entity.details 
1 polymer     syn 
;DNA (5'-D(*CP*GP*CP*GP*AP*AP*AP*AP*CP*GP*CP*G)-3')
;
3681.420 1  ? ? ? ? 
2 polymer     syn 
;DNA (5'-D(*CP*GP*CP*GP*TP*TP*TP*TP*CP*GP*CP*G)-3')
;
3645.364 1  ? ? ? ? 
3 non-polymer syn "4,4'-(1H-benzimidazole-2,6-diyl)di(benzene-1-carboximidamide)" 354.408  1  ? ? ? ? 
4 non-polymer syn 'MAGNESIUM ION'                                                 24.305   1  ? ? ? ? 
5 water       nat water                                                           18.015   75 ? ? ? ? 
# 
loop_
_entity_poly.entity_id 
_entity_poly.type 
_entity_poly.nstd_linkage 
_entity_poly.nstd_monomer 
_entity_poly.pdbx_seq_one_letter_code 
_entity_poly.pdbx_seq_one_letter_code_can 
_entity_poly.pdbx_strand_id 
_entity_poly.pdbx_target_identifier 
1 polydeoxyribonucleotide no no '(DC)(DG)(DC)(DG)(DA)(DA)(DA)(DA)(DC)(DG)(DC)(DG)' CGCGAAAACGCG B ? 
2 polydeoxyribonucleotide no no '(DC)(DG)(DC)(DG)(DT)(DT)(DT)(DT)(DC)(DG)(DC)(DG)' CGCGTTTTCGCG C ? 
# 
loop_
_entity_poly_seq.entity_id 
_entity_poly_seq.num 
_entity_poly_seq.mon_id 
_entity_poly_seq.hetero 
1 1  DC n 
1 2  DG n 
1 3  DC n 
1 4  DG n 
1 5  DA n 
1 6  DA n 
1 7  DA n 
1 8  DA n 
1 9  DC n 
1 10 DG n 
1 11 DC n 
1 12 DG n 
2 1  DC n 
2 2  DG n 
2 3  DC n 
2 4  DG n 
2 5  DT n 
2 6  DT n 
2 7  DT n 
2 8  DT n 
2 9  DC n 
2 10 DG n 
2 11 DC n 
2 12 DG n 
# 
loop_
_pdbx_entity_src_syn.entity_id 
_pdbx_entity_src_syn.pdbx_src_id 
_pdbx_entity_src_syn.pdbx_alt_source_flag 
_pdbx_entity_src_syn.pdbx_beg_seq_num 
_pdbx_entity_src_syn.pdbx_end_seq_num 
_pdbx_entity_src_syn.organism_scientific 
_pdbx_entity_src_syn.organism_common_name 
_pdbx_entity_src_syn.ncbi_taxonomy_id 
_pdbx_entity_src_syn.details 
1 1 sample 1 12 'Homo sapiens' ? 9606 ? 
2 1 sample 1 12 'Homo sapiens' ? 9606 ? 
# 
loop_
_struct_ref.id 
_struct_ref.db_name 
_struct_ref.db_code 
_struct_ref.pdbx_db_accession 
_struct_ref.pdbx_db_isoform 
_struct_ref.entity_id 
_struct_ref.pdbx_seq_one_letter_code 
_struct_ref.pdbx_align_begin 
1 PDB 8FDR 8FDR ? 1 ? 1 
2 PDB 8FDR 8FDR ? 2 ? 1 
# 
loop_
_struct_ref_seq.align_id 
_struct_ref_seq.ref_id 
_struct_ref_seq.pdbx_PDB_id_code 
_struct_ref_seq.pdbx_strand_id 
_struct_ref_seq.seq_align_beg 
_struct_ref_seq.pdbx_seq_align_beg_ins_code 
_struct_ref_seq.seq_align_end 
_struct_ref_seq.pdbx_seq_align_end_ins_code 
_struct_ref_seq.pdbx_db_accession 
_struct_ref_seq.db_align_beg 
_struct_ref_seq.pdbx_db_align_beg_ins_code 
_struct_ref_seq.db_align_end 
_struct_ref_seq.pdbx_db_align_end_ins_code 
_struct_ref_seq.pdbx_auth_seq_align_beg 
_struct_ref_seq.pdbx_auth_seq_align_end 
1 1 8FDR B 1 ? 12 ? 8FDR 1  ? 12 ? 1  12 
2 2 8FDR C 1 ? 12 ? 8FDR 13 ? 24 ? 13 24 
# 
loop_
_chem_comp.id 
_chem_comp.type 
_chem_comp.mon_nstd_flag 
_chem_comp.name 
_chem_comp.pdbx_synonyms 
_chem_comp.formula 
_chem_comp.formula_weight 
DA  'DNA linking' y "2'-DEOXYADENOSINE-5'-MONOPHOSPHATE"                            ? 'C10 H14 N5 O6 P' 331.222 
DC  'DNA linking' y "2'-DEOXYCYTIDINE-5'-MONOPHOSPHATE"                             ? 'C9 H14 N3 O7 P'  307.197 
DG  'DNA linking' y "2'-DEOXYGUANOSINE-5'-MONOPHOSPHATE"                            ? 'C10 H14 N5 O7 P' 347.221 
DT  'DNA linking' y "THYMIDINE-5'-MONOPHOSPHATE"                                    ? 'C10 H15 N2 O8 P' 322.208 
HOH non-polymer   . WATER                                                           ? 'H2 O'            18.015  
MG  non-polymer   . 'MAGNESIUM ION'                                                 ? 'Mg 2'            24.305  
WFB non-polymer   . "4,4'-(1H-benzimidazole-2,6-diyl)di(benzene-1-carboximidamide)" ? 'C21 H18 N6'      354.408 
# 
_exptl.absorpt_coefficient_mu     ? 
_exptl.absorpt_correction_T_max   ? 
_exptl.absorpt_correction_T_min   ? 
_exptl.absorpt_correction_type    ? 
_exptl.absorpt_process_details    ? 
_exptl.entry_id                   8FDR 
_exptl.crystals_number            1 
_exptl.details                    ? 
_exptl.method                     'X-RAY DIFFRACTION' 
_exptl.method_details             ? 
# 
_exptl_crystal.colour                       ? 
_exptl_crystal.density_diffrn               ? 
_exptl_crystal.density_Matthews             2.33 
_exptl_crystal.density_method               ? 
_exptl_crystal.density_percent_sol          47.16 
_exptl_crystal.description                  ? 
_exptl_crystal.F_000                        ? 
_exptl_crystal.id                           1 
_exptl_crystal.preparation                  ? 
_exptl_crystal.size_max                     ? 
_exptl_crystal.size_mid                     ? 
_exptl_crystal.size_min                     ? 
_exptl_crystal.size_rad                     ? 
_exptl_crystal.colour_lustre                ? 
_exptl_crystal.colour_modifier              ? 
_exptl_crystal.colour_primary               ? 
_exptl_crystal.density_meas                 ? 
_exptl_crystal.density_meas_esd             ? 
_exptl_crystal.density_meas_gt              ? 
_exptl_crystal.density_meas_lt              ? 
_exptl_crystal.density_meas_temp            ? 
_exptl_crystal.density_meas_temp_esd        ? 
_exptl_crystal.density_meas_temp_gt         ? 
_exptl_crystal.density_meas_temp_lt         ? 
_exptl_crystal.pdbx_crystal_image_url       ? 
_exptl_crystal.pdbx_crystal_image_format    ? 
_exptl_crystal.pdbx_mosaicity               ? 
_exptl_crystal.pdbx_mosaicity_esd           ? 
_exptl_crystal.pdbx_mosaic_method           ? 
_exptl_crystal.pdbx_mosaic_block_size       ? 
_exptl_crystal.pdbx_mosaic_block_size_esd   ? 
# 
_exptl_crystal_grow.apparatus       ? 
_exptl_crystal_grow.atmosphere      ? 
_exptl_crystal_grow.crystal_id      1 
_exptl_crystal_grow.details         ? 
_exptl_crystal_grow.method          'VAPOR DIFFUSION, HANGING DROP' 
_exptl_crystal_grow.method_ref      ? 
_exptl_crystal_grow.pH              7 
_exptl_crystal_grow.pressure        ? 
_exptl_crystal_grow.pressure_esd    ? 
_exptl_crystal_grow.seeding         ? 
_exptl_crystal_grow.seeding_ref     ? 
_exptl_crystal_grow.temp_details    ? 
_exptl_crystal_grow.temp_esd        ? 
_exptl_crystal_grow.time            ? 
_exptl_crystal_grow.pdbx_details    
'MPD, SODIUM CACODYLATE TRIHYDRATE, SPERMINE TETRACHLORIDE, SODIUM CHLORIDE, MAGNESIUM HEXAHYDRATE' 
_exptl_crystal_grow.pdbx_pH_range   ? 
_exptl_crystal_grow.temp            298 
# 
_diffrn.ambient_environment              ? 
_diffrn.ambient_temp                     100 
_diffrn.ambient_temp_details             ? 
_diffrn.ambient_temp_esd                 ? 
_diffrn.crystal_id                       1 
_diffrn.crystal_support                  ? 
_diffrn.crystal_treatment                ? 
_diffrn.details                          ? 
_diffrn.id                               1 
_diffrn.ambient_pressure                 ? 
_diffrn.ambient_pressure_esd             ? 
_diffrn.ambient_pressure_gt              ? 
_diffrn.ambient_pressure_lt              ? 
_diffrn.ambient_temp_gt                  ? 
_diffrn.ambient_temp_lt                  ? 
_diffrn.pdbx_serial_crystal_experiment   N 
# 
_diffrn_detector.details                      ? 
_diffrn_detector.detector                     PIXEL 
_diffrn_detector.diffrn_id                    1 
_diffrn_detector.type                         'DECTRIS EIGER X 9M' 
_diffrn_detector.area_resol_mean              ? 
_diffrn_detector.dtime                        ? 
_diffrn_detector.pdbx_frames_total            ? 
_diffrn_detector.pdbx_collection_time_total   ? 
_diffrn_detector.pdbx_collection_date         2022-10-28 
_diffrn_detector.pdbx_frequency               ? 
_diffrn_detector.id                           ? 
_diffrn_detector.number_of_axes               ? 
# 
_diffrn_radiation.collimation                      ? 
_diffrn_radiation.diffrn_id                        1 
_diffrn_radiation.filter_edge                      ? 
_diffrn_radiation.inhomogeneity                    ? 
_diffrn_radiation.monochromator                    ? 
_diffrn_radiation.polarisn_norm                    ? 
_diffrn_radiation.polarisn_ratio                   ? 
_diffrn_radiation.probe                            ? 
_diffrn_radiation.type                             ? 
_diffrn_radiation.xray_symbol                      ? 
_diffrn_radiation.wavelength_id                    1 
_diffrn_radiation.pdbx_monochromatic_or_laue_m_l   M 
_diffrn_radiation.pdbx_wavelength_list             ? 
_diffrn_radiation.pdbx_wavelength                  ? 
_diffrn_radiation.pdbx_diffrn_protocol             'SINGLE WAVELENGTH' 
_diffrn_radiation.pdbx_analyzer                    ? 
_diffrn_radiation.pdbx_scattering_type             x-ray 
# 
_diffrn_radiation_wavelength.id           1 
_diffrn_radiation_wavelength.wavelength   1 
_diffrn_radiation_wavelength.wt           1.0 
# 
_diffrn_source.current                     ? 
_diffrn_source.details                     ? 
_diffrn_source.diffrn_id                   1 
_diffrn_source.power                       ? 
_diffrn_source.size                        ? 
_diffrn_source.source                      SYNCHROTRON 
_diffrn_source.target                      ? 
_diffrn_source.type                        'NSLS-II BEAMLINE 17-ID-1' 
_diffrn_source.voltage                     ? 
_diffrn_source.take-off_angle              ? 
_diffrn_source.pdbx_wavelength_list        1 
_diffrn_source.pdbx_wavelength             ? 
_diffrn_source.pdbx_synchrotron_beamline   17-ID-1 
_diffrn_source.pdbx_synchrotron_site       NSLS-II 
# 
_reflns.B_iso_Wilson_estimate                          24.40 
_reflns.entry_id                                       8FDR 
_reflns.data_reduction_details                         ? 
_reflns.data_reduction_method                          ? 
_reflns.d_resolution_high                              1.55 
_reflns.d_resolution_low                               25.52 
_reflns.details                                        ? 
_reflns.limit_h_max                                    ? 
_reflns.limit_h_min                                    ? 
_reflns.limit_k_max                                    ? 
_reflns.limit_k_min                                    ? 
_reflns.limit_l_max                                    ? 
_reflns.limit_l_min                                    ? 
_reflns.number_all                                     ? 
_reflns.number_obs                                     104344 
_reflns.observed_criterion                             ? 
_reflns.observed_criterion_F_max                       ? 
_reflns.observed_criterion_F_min                       ? 
_reflns.observed_criterion_I_max                       ? 
_reflns.observed_criterion_I_min                       ? 
_reflns.observed_criterion_sigma_F                     ? 
_reflns.observed_criterion_sigma_I                     ? 
_reflns.percent_possible_obs                           99.5 
_reflns.R_free_details                                 ? 
_reflns.Rmerge_F_all                                   ? 
_reflns.Rmerge_F_obs                                   ? 
_reflns.Friedel_coverage                               ? 
_reflns.number_gt                                      ? 
_reflns.threshold_expression                           ? 
_reflns.pdbx_redundancy                                2 
_reflns.pdbx_netI_over_av_sigmaI                       ? 
_reflns.pdbx_netI_over_sigmaI                          22.3 
_reflns.pdbx_res_netI_over_av_sigmaI_2                 ? 
_reflns.pdbx_res_netI_over_sigmaI_2                    ? 
_reflns.pdbx_chi_squared                               ? 
_reflns.pdbx_scaling_rejects                           ? 
_reflns.pdbx_d_res_high_opt                            ? 
_reflns.pdbx_d_res_low_opt                             ? 
_reflns.pdbx_d_res_opt_method                          ? 
_reflns.phase_calculation_details                      ? 
_reflns.pdbx_Rrim_I_all                                ? 
_reflns.pdbx_Rpim_I_all                                ? 
_reflns.pdbx_d_opt                                     ? 
_reflns.pdbx_number_measured_all                       ? 
_reflns.pdbx_diffrn_id                                 1 
_reflns.pdbx_ordinal                                   1 
_reflns.pdbx_CC_half                                   1 
_reflns.pdbx_CC_star                                   ? 
_reflns.pdbx_R_split                                   ? 
_reflns.pdbx_Rmerge_I_obs                              ? 
_reflns.pdbx_Rmerge_I_all                              ? 
_reflns.pdbx_Rsym_value                                ? 
_reflns.pdbx_CC_split_method                           ? 
_reflns.pdbx_aniso_diffraction_limit_axis_1_ortho[1]   ? 
_reflns.pdbx_aniso_diffraction_limit_axis_1_ortho[2]   ? 
_reflns.pdbx_aniso_diffraction_limit_axis_1_ortho[3]   ? 
_reflns.pdbx_aniso_diffraction_limit_axis_2_ortho[1]   ? 
_reflns.pdbx_aniso_diffraction_limit_axis_2_ortho[2]   ? 
_reflns.pdbx_aniso_diffraction_limit_axis_2_ortho[3]   ? 
_reflns.pdbx_aniso_diffraction_limit_axis_3_ortho[1]   ? 
_reflns.pdbx_aniso_diffraction_limit_axis_3_ortho[2]   ? 
_reflns.pdbx_aniso_diffraction_limit_axis_3_ortho[3]   ? 
_reflns.pdbx_aniso_diffraction_limit_1                 ? 
_reflns.pdbx_aniso_diffraction_limit_2                 ? 
_reflns.pdbx_aniso_diffraction_limit_3                 ? 
_reflns.pdbx_aniso_B_tensor_eigenvector_1_ortho[1]     ? 
_reflns.pdbx_aniso_B_tensor_eigenvector_1_ortho[2]     ? 
_reflns.pdbx_aniso_B_tensor_eigenvector_1_ortho[3]     ? 
_reflns.pdbx_aniso_B_tensor_eigenvector_2_ortho[1]     ? 
_reflns.pdbx_aniso_B_tensor_eigenvector_2_ortho[2]     ? 
_reflns.pdbx_aniso_B_tensor_eigenvector_2_ortho[3]     ? 
_reflns.pdbx_aniso_B_tensor_eigenvector_3_ortho[1]     ? 
_reflns.pdbx_aniso_B_tensor_eigenvector_3_ortho[2]     ? 
_reflns.pdbx_aniso_B_tensor_eigenvector_3_ortho[3]     ? 
_reflns.pdbx_aniso_B_tensor_eigenvalue_1               ? 
_reflns.pdbx_aniso_B_tensor_eigenvalue_2               ? 
_reflns.pdbx_aniso_B_tensor_eigenvalue_3               ? 
_reflns.pdbx_orthogonalization_convention              ? 
_reflns.pdbx_percent_possible_ellipsoidal              ? 
_reflns.pdbx_percent_possible_spherical                ? 
_reflns.pdbx_percent_possible_ellipsoidal_anomalous    ? 
_reflns.pdbx_percent_possible_spherical_anomalous      ? 
_reflns.pdbx_redundancy_anomalous                      ? 
_reflns.pdbx_CC_half_anomalous                         ? 
_reflns.pdbx_absDiff_over_sigma_anomalous              ? 
_reflns.pdbx_percent_possible_anomalous                ? 
_reflns.pdbx_observed_signal_threshold                 ? 
_reflns.pdbx_signal_type                               ? 
_reflns.pdbx_signal_details                            ? 
_reflns.pdbx_signal_software_id                        ? 
# 
_reflns_shell.d_res_high                                    1.55 
_reflns_shell.d_res_low                                     1.605 
_reflns_shell.meanI_over_sigI_all                           ? 
_reflns_shell.meanI_over_sigI_obs                           ? 
_reflns_shell.number_measured_all                           ? 
_reflns_shell.number_measured_obs                           ? 
_reflns_shell.number_possible                               ? 
_reflns_shell.number_unique_all                             ? 
_reflns_shell.number_unique_obs                             1011 
_reflns_shell.percent_possible_obs                          ? 
_reflns_shell.Rmerge_F_all                                  ? 
_reflns_shell.Rmerge_F_obs                                  ? 
_reflns_shell.meanI_over_sigI_gt                            ? 
_reflns_shell.meanI_over_uI_all                             ? 
_reflns_shell.meanI_over_uI_gt                              ? 
_reflns_shell.number_measured_gt                            ? 
_reflns_shell.number_unique_gt                              ? 
_reflns_shell.percent_possible_gt                           ? 
_reflns_shell.Rmerge_F_gt                                   ? 
_reflns_shell.Rmerge_I_gt                                   ? 
_reflns_shell.pdbx_redundancy                               ? 
_reflns_shell.pdbx_chi_squared                              ? 
_reflns_shell.pdbx_netI_over_sigmaI_all                     ? 
_reflns_shell.pdbx_netI_over_sigmaI_obs                     ? 
_reflns_shell.pdbx_Rrim_I_all                               ? 
_reflns_shell.pdbx_Rpim_I_all                               ? 
_reflns_shell.pdbx_rejects                                  ? 
_reflns_shell.pdbx_ordinal                                  1 
_reflns_shell.pdbx_diffrn_id                                1 
_reflns_shell.pdbx_CC_half                                  0.992 
_reflns_shell.pdbx_CC_star                                  ? 
_reflns_shell.pdbx_R_split                                  ? 
_reflns_shell.percent_possible_all                          ? 
_reflns_shell.Rmerge_I_all                                  ? 
_reflns_shell.Rmerge_I_obs                                  ? 
_reflns_shell.pdbx_Rsym_value                               ? 
_reflns_shell.pdbx_percent_possible_ellipsoidal             ? 
_reflns_shell.pdbx_percent_possible_spherical               ? 
_reflns_shell.pdbx_percent_possible_ellipsoidal_anomalous   ? 
_reflns_shell.pdbx_percent_possible_spherical_anomalous     ? 
_reflns_shell.pdbx_redundancy_anomalous                     ? 
_reflns_shell.pdbx_CC_half_anomalous                        ? 
_reflns_shell.pdbx_absDiff_over_sigma_anomalous             ? 
_reflns_shell.pdbx_percent_possible_anomalous               ? 
# 
_refine.aniso_B[1][1]                            ? 
_refine.aniso_B[1][2]                            ? 
_refine.aniso_B[1][3]                            ? 
_refine.aniso_B[2][2]                            ? 
_refine.aniso_B[2][3]                            ? 
_refine.aniso_B[3][3]                            ? 
_refine.B_iso_max                                ? 
_refine.B_iso_mean                               29.20 
_refine.B_iso_min                                ? 
_refine.correlation_coeff_Fo_to_Fc               ? 
_refine.correlation_coeff_Fo_to_Fc_free          ? 
_refine.details                                  ? 
_refine.diff_density_max                         ? 
_refine.diff_density_max_esd                     ? 
_refine.diff_density_min                         ? 
_refine.diff_density_min_esd                     ? 
_refine.diff_density_rms                         ? 
_refine.diff_density_rms_esd                     ? 
_refine.entry_id                                 8FDR 
_refine.pdbx_refine_id                           'X-RAY DIFFRACTION' 
_refine.ls_abs_structure_details                 ? 
_refine.ls_abs_structure_Flack                   ? 
_refine.ls_abs_structure_Flack_esd               ? 
_refine.ls_abs_structure_Rogers                  ? 
_refine.ls_abs_structure_Rogers_esd              ? 
_refine.ls_d_res_high                            1.55 
_refine.ls_d_res_low                             25.52 
_refine.ls_extinction_coef                       ? 
_refine.ls_extinction_coef_esd                   ? 
_refine.ls_extinction_expression                 ? 
_refine.ls_extinction_method                     ? 
_refine.ls_goodness_of_fit_all                   ? 
_refine.ls_goodness_of_fit_all_esd               ? 
_refine.ls_goodness_of_fit_obs                   ? 
_refine.ls_goodness_of_fit_obs_esd               ? 
_refine.ls_hydrogen_treatment                    ? 
_refine.ls_matrix_type                           ? 
_refine.ls_number_constraints                    ? 
_refine.ls_number_parameters                     ? 
_refine.ls_number_reflns_all                     ? 
_refine.ls_number_reflns_obs                     10392 
_refine.ls_number_reflns_R_free                  1040 
_refine.ls_number_reflns_R_work                  9352 
_refine.ls_number_restraints                     ? 
_refine.ls_percent_reflns_obs                    99.52 
_refine.ls_percent_reflns_R_free                 10.01 
_refine.ls_R_factor_all                          ? 
_refine.ls_R_factor_obs                          0.2230 
_refine.ls_R_factor_R_free                       0.2469 
_refine.ls_R_factor_R_free_error                 ? 
_refine.ls_R_factor_R_free_error_details         ? 
_refine.ls_R_factor_R_work                       0.2204 
_refine.ls_R_Fsqd_factor_obs                     ? 
_refine.ls_R_I_factor_obs                        ? 
_refine.ls_redundancy_reflns_all                 ? 
_refine.ls_redundancy_reflns_obs                 ? 
_refine.ls_restrained_S_all                      ? 
_refine.ls_restrained_S_obs                      ? 
_refine.ls_shift_over_esd_max                    ? 
_refine.ls_shift_over_esd_mean                   ? 
_refine.ls_structure_factor_coef                 ? 
_refine.ls_weighting_details                     ? 
_refine.ls_weighting_scheme                      ? 
_refine.ls_wR_factor_all                         ? 
_refine.ls_wR_factor_obs                         ? 
_refine.ls_wR_factor_R_free                      ? 
_refine.ls_wR_factor_R_work                      ? 
_refine.occupancy_max                            ? 
_refine.occupancy_min                            ? 
_refine.solvent_model_details                    'FLAT BULK SOLVENT MODEL' 
_refine.solvent_model_param_bsol                 ? 
_refine.solvent_model_param_ksol                 ? 
_refine.pdbx_R_complete                          ? 
_refine.ls_R_factor_gt                           ? 
_refine.ls_goodness_of_fit_gt                    ? 
_refine.ls_goodness_of_fit_ref                   ? 
_refine.ls_shift_over_su_max                     ? 
_refine.ls_shift_over_su_max_lt                  ? 
_refine.ls_shift_over_su_mean                    ? 
_refine.ls_shift_over_su_mean_lt                 ? 
_refine.pdbx_ls_sigma_I                          ? 
_refine.pdbx_ls_sigma_F                          1.34 
_refine.pdbx_ls_sigma_Fsqd                       ? 
_refine.pdbx_data_cutoff_high_absF               ? 
_refine.pdbx_data_cutoff_high_rms_absF           ? 
_refine.pdbx_data_cutoff_low_absF                ? 
_refine.pdbx_isotropic_thermal_model             ? 
_refine.pdbx_ls_cross_valid_method               THROUGHOUT 
_refine.pdbx_method_to_determine_struct          'MOLECULAR REPLACEMENT' 
_refine.pdbx_starting_model                      ? 
_refine.pdbx_stereochemistry_target_values       'GeoStd + Monomer Library + CDL v1.2' 
_refine.pdbx_R_Free_selection_details            ? 
_refine.pdbx_stereochem_target_val_spec_case     ? 
_refine.pdbx_overall_ESU_R                       ? 
_refine.pdbx_overall_ESU_R_Free                  ? 
_refine.pdbx_solvent_vdw_probe_radii             1.1100 
_refine.pdbx_solvent_ion_probe_radii             ? 
_refine.pdbx_solvent_shrinkage_radii             0.9000 
_refine.pdbx_real_space_R                        ? 
_refine.pdbx_density_correlation                 ? 
_refine.pdbx_pd_number_of_powder_patterns        ? 
_refine.pdbx_pd_number_of_points                 ? 
_refine.pdbx_pd_meas_number_of_points            ? 
_refine.pdbx_pd_proc_ls_prof_R_factor            ? 
_refine.pdbx_pd_proc_ls_prof_wR_factor           ? 
_refine.pdbx_pd_Marquardt_correlation_coeff      ? 
_refine.pdbx_pd_Fsqrd_R_factor                   ? 
_refine.pdbx_pd_ls_matrix_band_width             ? 
_refine.pdbx_overall_phase_error                 29.3651 
_refine.pdbx_overall_SU_R_free_Cruickshank_DPI   ? 
_refine.pdbx_overall_SU_R_free_Blow_DPI          ? 
_refine.pdbx_overall_SU_R_Blow_DPI               ? 
_refine.pdbx_TLS_residual_ADP_flag               ? 
_refine.pdbx_diffrn_id                           1 
_refine.overall_SU_B                             ? 
_refine.overall_SU_ML                            0.1460 
_refine.overall_SU_R_Cruickshank_DPI             ? 
_refine.overall_SU_R_free                        ? 
_refine.overall_FOM_free_R_set                   ? 
_refine.overall_FOM_work_R_set                   ? 
_refine.pdbx_average_fsc_overall                 ? 
_refine.pdbx_average_fsc_work                    ? 
_refine.pdbx_average_fsc_free                    ? 
# 
_refine_hist.pdbx_refine_id                   'X-RAY DIFFRACTION' 
_refine_hist.cycle_id                         LAST 
_refine_hist.details                          ? 
_refine_hist.d_res_high                       1.55 
_refine_hist.d_res_low                        25.52 
_refine_hist.number_atoms_solvent             75 
_refine_hist.number_atoms_total               589 
_refine_hist.number_reflns_all                ? 
_refine_hist.number_reflns_obs                ? 
_refine_hist.number_reflns_R_free             ? 
_refine_hist.number_reflns_R_work             ? 
_refine_hist.R_factor_all                     ? 
_refine_hist.R_factor_obs                     ? 
_refine_hist.R_factor_R_free                  ? 
_refine_hist.R_factor_R_work                  ? 
_refine_hist.pdbx_number_residues_total       ? 
_refine_hist.pdbx_B_iso_mean_ligand           ? 
_refine_hist.pdbx_B_iso_mean_solvent          ? 
_refine_hist.pdbx_number_atoms_protein        0 
_refine_hist.pdbx_number_atoms_nucleic_acid   486 
_refine_hist.pdbx_number_atoms_ligand         28 
_refine_hist.pdbx_number_atoms_lipid          ? 
_refine_hist.pdbx_number_atoms_carb           ? 
_refine_hist.pdbx_pseudo_atom_details         ? 
# 
loop_
_refine_ls_restr.pdbx_refine_id 
_refine_ls_restr.criterion 
_refine_ls_restr.dev_ideal 
_refine_ls_restr.dev_ideal_target 
_refine_ls_restr.number 
_refine_ls_restr.rejects 
_refine_ls_restr.type 
_refine_ls_restr.weight 
_refine_ls_restr.pdbx_restraint_function 
'X-RAY DIFFRACTION' ? 0.0099  ? 574 ? f_bond_d           ? ? 
'X-RAY DIFFRACTION' ? 1.2888  ? 879 ? f_angle_d          ? ? 
'X-RAY DIFFRACTION' ? 0.0647  ? 94  ? f_chiral_restr     ? ? 
'X-RAY DIFFRACTION' ? 0.0147  ? 29  ? f_plane_restr      ? ? 
'X-RAY DIFFRACTION' ? 29.5523 ? 258 ? f_dihedral_angle_d ? ? 
# 
loop_
_refine_ls_shell.pdbx_refine_id 
_refine_ls_shell.d_res_high 
_refine_ls_shell.d_res_low 
_refine_ls_shell.number_reflns_all 
_refine_ls_shell.number_reflns_obs 
_refine_ls_shell.number_reflns_R_free 
_refine_ls_shell.number_reflns_R_work 
_refine_ls_shell.percent_reflns_obs 
_refine_ls_shell.percent_reflns_R_free 
_refine_ls_shell.R_factor_all 
_refine_ls_shell.R_factor_obs 
_refine_ls_shell.R_factor_R_free_error 
_refine_ls_shell.R_factor_R_work 
_refine_ls_shell.redundancy_reflns_all 
_refine_ls_shell.redundancy_reflns_obs 
_refine_ls_shell.wR_factor_all 
_refine_ls_shell.wR_factor_obs 
_refine_ls_shell.wR_factor_R_free 
_refine_ls_shell.wR_factor_R_work 
_refine_ls_shell.pdbx_R_complete 
_refine_ls_shell.pdbx_total_number_of_bins_used 
_refine_ls_shell.pdbx_phase_error 
_refine_ls_shell.pdbx_fsc_work 
_refine_ls_shell.pdbx_fsc_free 
_refine_ls_shell.R_factor_R_free 
'X-RAY DIFFRACTION' 1.55 1.63  . . 145 1302 99.31  . . . . 0.2964 . . . . . . . . . . . 0.3069 
'X-RAY DIFFRACTION' 1.63 1.73  . . 142 1287 98.28  . . . . 0.2660 . . . . . . . . . . . 0.3210 
'X-RAY DIFFRACTION' 1.73 1.87  . . 146 1306 99.73  . . . . 0.2351 . . . . . . . . . . . 0.2780 
'X-RAY DIFFRACTION' 1.87 2.06  . . 148 1331 99.93  . . . . 0.2575 . . . . . . . . . . . 0.3382 
'X-RAY DIFFRACTION' 2.06 2.35  . . 150 1344 100.00 . . . . 0.2427 . . . . . . . . . . . 0.2637 
'X-RAY DIFFRACTION' 2.35 2.96  . . 150 1353 100.00 . . . . 0.2795 . . . . . . . . . . . 0.2882 
'X-RAY DIFFRACTION' 2.97 25.52 . . 159 1429 99.37  . . . . 0.1819 . . . . . . . . . . . 0.2054 
# 
_struct.entry_id                     8FDR 
_struct.title                        
;Structure of a dodecamer complex: 5'-CGCGAAAAGCCG-3-DB1476
;
_struct.pdbx_model_details           ? 
_struct.pdbx_formula_weight          ? 
_struct.pdbx_formula_weight_method   ? 
_struct.pdbx_model_type_details      ? 
_struct.pdbx_CASP_flag               N 
# 
_struct_keywords.entry_id        8FDR 
_struct_keywords.text            'DNA, AT sequence, Minor groove' 
_struct_keywords.pdbx_keywords   DNA 
# 
loop_
_struct_asym.id 
_struct_asym.pdbx_blank_PDB_chainid_flag 
_struct_asym.pdbx_modified 
_struct_asym.entity_id 
_struct_asym.details 
A N N 1 ? 
B N N 2 ? 
C N N 3 ? 
D N N 4 ? 
E N N 5 ? 
F N N 5 ? 
# 
loop_
_struct_conn.id 
_struct_conn.conn_type_id 
_struct_conn.pdbx_leaving_atom_flag 
_struct_conn.pdbx_PDB_id 
_struct_conn.ptnr1_label_asym_id 
_struct_conn.ptnr1_label_comp_id 
_struct_conn.ptnr1_label_seq_id 
_struct_conn.ptnr1_label_atom_id 
_struct_conn.pdbx_ptnr1_label_alt_id 
_struct_conn.pdbx_ptnr1_PDB_ins_code 
_struct_conn.pdbx_ptnr1_standard_comp_id 
_struct_conn.ptnr1_symmetry 
_struct_conn.ptnr2_label_asym_id 
_struct_conn.ptnr2_label_comp_id 
_struct_conn.ptnr2_label_seq_id 
_struct_conn.ptnr2_label_atom_id 
_struct_conn.pdbx_ptnr2_label_alt_id 
_struct_conn.pdbx_ptnr2_PDB_ins_code 
_struct_conn.ptnr1_auth_asym_id 
_struct_conn.ptnr1_auth_comp_id 
_struct_conn.ptnr1_auth_seq_id 
_struct_conn.ptnr2_auth_asym_id 
_struct_conn.ptnr2_auth_comp_id 
_struct_conn.ptnr2_auth_seq_id 
_struct_conn.ptnr2_symmetry 
_struct_conn.pdbx_ptnr3_label_atom_id 
_struct_conn.pdbx_ptnr3_label_seq_id 
_struct_conn.pdbx_ptnr3_label_comp_id 
_struct_conn.pdbx_ptnr3_label_asym_id 
_struct_conn.pdbx_ptnr3_label_alt_id 
_struct_conn.pdbx_ptnr3_PDB_ins_code 
_struct_conn.details 
_struct_conn.pdbx_dist_value 
_struct_conn.pdbx_value_order 
_struct_conn.pdbx_role 
metalc1  metalc ? ? D MG .  MG ? ? ? 1_555 E HOH .  O  ? ? B MG 102 B HOH 208 3_645 ? ? ? ? ? ? ?            2.184 ? ? 
metalc2  metalc ? ? D MG .  MG ? ? ? 1_555 E HOH .  O  ? ? B MG 102 B HOH 211 3_645 ? ? ? ? ? ? ?            2.155 ? ? 
metalc3  metalc ? ? D MG .  MG ? ? ? 1_555 E HOH .  O  ? ? B MG 102 B HOH 216 1_555 ? ? ? ? ? ? ?            2.067 ? ? 
metalc4  metalc ? ? D MG .  MG ? ? ? 1_555 E HOH .  O  ? ? B MG 102 B HOH 219 1_555 ? ? ? ? ? ? ?            2.008 ? ? 
metalc5  metalc ? ? D MG .  MG ? ? ? 1_555 E HOH .  O  ? ? B MG 102 B HOH 223 1_555 ? ? ? ? ? ? ?            2.191 ? ? 
metalc6  metalc ? ? D MG .  MG ? ? ? 1_555 F HOH .  O  ? ? B MG 102 C HOH 113 3_645 ? ? ? ? ? ? ?            2.114 ? ? 
hydrog1  hydrog ? ? A DC 1  N3 ? ? ? 1_555 B DG  12 N1 ? ? B DC 1   C DG  24  1_555 ? ? ? ? ? ? WATSON-CRICK ?     ? ? 
hydrog2  hydrog ? ? A DC 1  N4 ? ? ? 1_555 B DG  12 O6 ? ? B DC 1   C DG  24  1_555 ? ? ? ? ? ? WATSON-CRICK ?     ? ? 
hydrog3  hydrog ? ? A DC 1  O2 ? ? ? 1_555 B DG  12 N2 ? ? B DC 1   C DG  24  1_555 ? ? ? ? ? ? WATSON-CRICK ?     ? ? 
hydrog4  hydrog ? ? A DG 2  N1 ? ? ? 1_555 B DC  11 N3 ? ? B DG 2   C DC  23  1_555 ? ? ? ? ? ? WATSON-CRICK ?     ? ? 
hydrog5  hydrog ? ? A DG 2  N2 ? ? ? 1_555 B DC  11 O2 ? ? B DG 2   C DC  23  1_555 ? ? ? ? ? ? WATSON-CRICK ?     ? ? 
hydrog6  hydrog ? ? A DG 2  O6 ? ? ? 1_555 B DC  11 N4 ? ? B DG 2   C DC  23  1_555 ? ? ? ? ? ? WATSON-CRICK ?     ? ? 
hydrog7  hydrog ? ? A DC 3  N3 ? ? ? 1_555 B DG  10 N1 ? ? B DC 3   C DG  22  1_555 ? ? ? ? ? ? WATSON-CRICK ?     ? ? 
hydrog8  hydrog ? ? A DC 3  N4 ? ? ? 1_555 B DG  10 O6 ? ? B DC 3   C DG  22  1_555 ? ? ? ? ? ? WATSON-CRICK ?     ? ? 
hydrog9  hydrog ? ? A DC 3  O2 ? ? ? 1_555 B DG  10 N2 ? ? B DC 3   C DG  22  1_555 ? ? ? ? ? ? WATSON-CRICK ?     ? ? 
hydrog10 hydrog ? ? A DG 4  N1 ? ? ? 1_555 B DC  9  N3 ? ? B DG 4   C DC  21  1_555 ? ? ? ? ? ? WATSON-CRICK ?     ? ? 
hydrog11 hydrog ? ? A DG 4  N2 ? ? ? 1_555 B DC  9  O2 ? ? B DG 4   C DC  21  1_555 ? ? ? ? ? ? WATSON-CRICK ?     ? ? 
hydrog12 hydrog ? ? A DG 4  O6 ? ? ? 1_555 B DC  9  N4 ? ? B DG 4   C DC  21  1_555 ? ? ? ? ? ? WATSON-CRICK ?     ? ? 
hydrog13 hydrog ? ? A DA 5  N1 ? ? ? 1_555 B DT  8  N3 ? ? B DA 5   C DT  20  1_555 ? ? ? ? ? ? WATSON-CRICK ?     ? ? 
hydrog14 hydrog ? ? A DA 5  N6 ? ? ? 1_555 B DT  8  O4 ? ? B DA 5   C DT  20  1_555 ? ? ? ? ? ? WATSON-CRICK ?     ? ? 
hydrog15 hydrog ? ? A DA 6  N1 ? ? ? 1_555 B DT  7  N3 ? ? B DA 6   C DT  19  1_555 ? ? ? ? ? ? WATSON-CRICK ?     ? ? 
hydrog16 hydrog ? ? A DA 6  N6 ? ? ? 1_555 B DT  7  O4 ? ? B DA 6   C DT  19  1_555 ? ? ? ? ? ? WATSON-CRICK ?     ? ? 
hydrog17 hydrog ? ? A DA 7  N1 ? ? ? 1_555 B DT  6  N3 ? ? B DA 7   C DT  18  1_555 ? ? ? ? ? ? WATSON-CRICK ?     ? ? 
hydrog18 hydrog ? ? A DA 7  N6 ? ? ? 1_555 B DT  6  O4 ? ? B DA 7   C DT  18  1_555 ? ? ? ? ? ? WATSON-CRICK ?     ? ? 
hydrog19 hydrog ? ? A DA 8  N1 ? ? ? 1_555 B DT  5  N3 ? ? B DA 8   C DT  17  1_555 ? ? ? ? ? ? WATSON-CRICK ?     ? ? 
hydrog20 hydrog ? ? A DA 8  N6 ? ? ? 1_555 B DT  5  O4 ? ? B DA 8   C DT  17  1_555 ? ? ? ? ? ? WATSON-CRICK ?     ? ? 
hydrog21 hydrog ? ? A DC 9  N3 ? ? ? 1_555 B DG  4  N1 ? ? B DC 9   C DG  16  1_555 ? ? ? ? ? ? WATSON-CRICK ?     ? ? 
hydrog22 hydrog ? ? A DC 9  N4 ? ? ? 1_555 B DG  4  O6 ? ? B DC 9   C DG  16  1_555 ? ? ? ? ? ? WATSON-CRICK ?     ? ? 
hydrog23 hydrog ? ? A DC 9  O2 ? ? ? 1_555 B DG  4  N2 ? ? B DC 9   C DG  16  1_555 ? ? ? ? ? ? WATSON-CRICK ?     ? ? 
hydrog24 hydrog ? ? A DG 10 N1 ? ? ? 1_555 B DC  3  N3 ? ? B DG 10  C DC  15  1_555 ? ? ? ? ? ? WATSON-CRICK ?     ? ? 
hydrog25 hydrog ? ? A DG 10 N2 ? ? ? 1_555 B DC  3  O2 ? ? B DG 10  C DC  15  1_555 ? ? ? ? ? ? WATSON-CRICK ?     ? ? 
hydrog26 hydrog ? ? A DG 10 O6 ? ? ? 1_555 B DC  3  N4 ? ? B DG 10  C DC  15  1_555 ? ? ? ? ? ? WATSON-CRICK ?     ? ? 
hydrog27 hydrog ? ? A DC 11 N3 ? ? ? 1_555 B DG  2  N1 ? ? B DC 11  C DG  14  1_555 ? ? ? ? ? ? WATSON-CRICK ?     ? ? 
hydrog28 hydrog ? ? A DC 11 N4 ? ? ? 1_555 B DG  2  O6 ? ? B DC 11  C DG  14  1_555 ? ? ? ? ? ? WATSON-CRICK ?     ? ? 
hydrog29 hydrog ? ? A DC 11 O2 ? ? ? 1_555 B DG  2  N2 ? ? B DC 11  C DG  14  1_555 ? ? ? ? ? ? WATSON-CRICK ?     ? ? 
hydrog30 hydrog ? ? A DG 12 N1 ? ? ? 1_555 B DC  1  N3 ? ? B DG 12  C DC  13  1_555 ? ? ? ? ? ? WATSON-CRICK ?     ? ? 
hydrog31 hydrog ? ? A DG 12 N2 ? ? ? 1_555 B DC  1  O2 ? ? B DG 12  C DC  13  1_555 ? ? ? ? ? ? WATSON-CRICK ?     ? ? 
hydrog32 hydrog ? ? A DG 12 O6 ? ? ? 1_555 B DC  1  N4 ? ? B DG 12  C DC  13  1_555 ? ? ? ? ? ? WATSON-CRICK ?     ? ? 
# 
loop_
_struct_conn_type.id 
_struct_conn_type.criteria 
_struct_conn_type.reference 
metalc ? ? 
hydrog ? ? 
# 
_atom_sites.entry_id                    8FDR 
_atom_sites.Cartn_transf_matrix[1][1]   ? 
_atom_sites.Cartn_transf_matrix[1][2]   ? 
_atom_sites.Cartn_transf_matrix[1][3]   ? 
_atom_sites.Cartn_transf_matrix[2][1]   ? 
_atom_sites.Cartn_transf_matrix[2][2]   ? 
_atom_sites.Cartn_transf_matrix[2][3]   ? 
_atom_sites.Cartn_transf_matrix[3][1]   ? 
_atom_sites.Cartn_transf_matrix[3][2]   ? 
_atom_sites.Cartn_transf_matrix[3][3]   ? 
_atom_sites.Cartn_transf_vector[1]      ? 
_atom_sites.Cartn_transf_vector[2]      ? 
_atom_sites.Cartn_transf_vector[3]      ? 
_atom_sites.fract_transf_matrix[1][1]   -0.02380526 
_atom_sites.fract_transf_matrix[1][2]   0.00458669 
_atom_sites.fract_transf_matrix[1][3]   0.03031681 
_atom_sites.fract_transf_matrix[2][1]   -0.00248640 
_atom_sites.fract_transf_matrix[2][2]   0.02433288 
_atom_sites.fract_transf_matrix[2][3]   -0.00563373 
_atom_sites.fract_transf_matrix[3][1]   -0.01179002 
_atom_sites.fract_transf_matrix[3][2]   -0.00323484 
_atom_sites.fract_transf_matrix[3][3]   -0.00876831 
_atom_sites.fract_transf_vector[1]      0.582483 
_atom_sites.fract_transf_vector[2]      0.520631 
_atom_sites.fract_transf_vector[3]      0.137201 
_atom_sites.solution_primary            ? 
_atom_sites.solution_secondary          ? 
_atom_sites.solution_hydrogens          ? 
_atom_sites.special_details             ? 
# 
loop_
_atom_type.symbol 
_atom_type.scat_dispersion_real 
_atom_type.scat_dispersion_imag 
_atom_type.scat_Cromer_Mann_a1 
_atom_type.scat_Cromer_Mann_a2 
_atom_type.scat_Cromer_Mann_a3 
_atom_type.scat_Cromer_Mann_a4 
_atom_type.scat_Cromer_Mann_b1 
_atom_type.scat_Cromer_Mann_b2 
_atom_type.scat_Cromer_Mann_b3 
_atom_type.scat_Cromer_Mann_b4 
_atom_type.scat_Cromer_Mann_c 
_atom_type.scat_source 
_atom_type.scat_dispersion_source 
C  ? ? 3.54356 2.42580 ? ? 25.62398 1.50364  ? ? 0.0 
;2-Gaussian fit: Grosse-Kunstleve RW, Sauter NK, Adams PD: Newsletter of the IUCr Commission on Crystallographic Computing 2004, 3, 22-31.
;
? 
H  ? ? 0.51345 0.48472 ? ? 24.73122 6.32584  ? ? 0.0 
;2-Gaussian fit: Grosse-Kunstleve RW, Sauter NK, Adams PD: Newsletter of the IUCr Commission on Crystallographic Computing 2004, 3, 22-31.
;
? 
MG ? ? 9.41153 2.53737 ? ? 2.59044  63.03566 ? ? 0.0 
;2-Gaussian fit: Grosse-Kunstleve RW, Sauter NK, Adams PD: Newsletter of the IUCr Commission on Crystallographic Computing 2004, 3, 22-31.
;
? 
N  ? ? 4.01032 2.96436 ? ? 19.97189 1.75589  ? ? 0.0 
;2-Gaussian fit: Grosse-Kunstleve RW, Sauter NK, Adams PD: Newsletter of the IUCr Commission on Crystallographic Computing 2004, 3, 22-31.
;
? 
O  ? ? 4.49882 3.47563 ? ? 15.80542 1.70748  ? ? 0.0 
;2-Gaussian fit: Grosse-Kunstleve RW, Sauter NK, Adams PD: Newsletter of the IUCr Commission on Crystallographic Computing 2004, 3, 22-31.
;
? 
P  ? ? 9.51135 5.44231 ? ? 1.42069  35.72801 ? ? 0.0 
;2-Gaussian fit: Grosse-Kunstleve RW, Sauter NK, Adams PD: Newsletter of the IUCr Commission on Crystallographic Computing 2004, 3, 22-31.
;
? 
# 
loop_
_atom_site.group_PDB 
_atom_site.id 
_atom_site.type_symbol 
_atom_site.label_atom_id 
_atom_site.label_alt_id 
_atom_site.label_comp_id 
_atom_site.label_asym_id 
_atom_site.label_entity_id 
_atom_site.label_seq_id 
_atom_site.pdbx_PDB_ins_code 
_atom_site.Cartn_x 
_atom_site.Cartn_y 
_atom_site.Cartn_z 
_atom_site.occupancy 
_atom_site.B_iso_or_equiv 
_atom_site.pdbx_formal_charge 
_atom_site.auth_seq_id 
_atom_site.auth_comp_id 
_atom_site.auth_asym_id 
_atom_site.auth_atom_id 
_atom_site.pdbx_PDB_model_num 
ATOM   1   O  "O5'"  . DC  A 1 1  ? -16.64640 9.71205   -8.79514  1.000 41.86406 ? 1   DC  B "O5'"  1 
ATOM   2   C  "C5'"  . DC  A 1 1  ? -15.90288 9.64865   -7.60257  1.000 33.48010 ? 1   DC  B "C5'"  1 
ATOM   3   C  "C4'"  . DC  A 1 1  ? -16.38771 8.52617   -6.71002  1.000 30.31582 ? 1   DC  B "C4'"  1 
ATOM   4   O  "O4'"  . DC  A 1 1  ? -16.37479 7.23678   -7.42572  1.000 27.82778 ? 1   DC  B "O4'"  1 
ATOM   5   C  "C3'"  . DC  A 1 1  ? -15.52510 8.30411   -5.48783  1.000 33.82291 ? 1   DC  B "C3'"  1 
ATOM   6   O  "O3'"  . DC  A 1 1  ? -16.32752 7.90786   -4.40084  1.000 36.34101 ? 1   DC  B "O3'"  1 
ATOM   7   C  "C2'"  . DC  A 1 1  ? -14.57795 7.21492   -5.94980  1.000 28.94769 ? 1   DC  B "C2'"  1 
ATOM   8   C  "C1'"  . DC  A 1 1  ? -15.53368 6.33203   -6.74521  1.000 27.11095 ? 1   DC  B "C1'"  1 
ATOM   9   N  N1     . DC  A 1 1  ? -14.90775 5.42879   -7.75480  1.000 23.91225 ? 1   DC  B N1     1 
ATOM   10  C  C2     . DC  A 1 1  ? -15.31611 4.08657   -7.83667  1.000 26.05785 ? 1   DC  B C2     1 
ATOM   11  O  O2     . DC  A 1 1  ? -16.13075 3.65785   -7.01196  1.000 26.06539 ? 1   DC  B O2     1 
ATOM   12  N  N3     . DC  A 1 1  ? -14.76788 3.29092   -8.78559  1.000 22.38431 ? 1   DC  B N3     1 
ATOM   13  C  C4     . DC  A 1 1  ? -13.89516 3.79644   -9.65536  1.000 24.23605 ? 1   DC  B C4     1 
ATOM   14  N  N4     . DC  A 1 1  ? -13.36893 2.97854   -10.57009 1.000 22.14003 ? 1   DC  B N4     1 
ATOM   15  C  C5     . DC  A 1 1  ? -13.49096 5.16097   -9.59971  1.000 24.05347 ? 1   DC  B C5     1 
ATOM   16  C  C6     . DC  A 1 1  ? -14.02954 5.93132   -8.65548  1.000 25.42479 ? 1   DC  B C6     1 
ATOM   17  H  "H5'"  . DC  A 1 1  ? -15.98937 10.49085  -7.12916  1.000 40.13376 ? 1   DC  B "H5'"  1 
ATOM   18  H  "H5''" . DC  A 1 1  ? -14.96857 9.50207   -7.81816  1.000 40.13376 ? 1   DC  B "H5''" 1 
ATOM   19  H  "H4'"  . DC  A 1 1  ? -17.30446 8.71035   -6.45208  1.000 36.33663 ? 1   DC  B "H4'"  1 
ATOM   20  H  "H3'"  . DC  A 1 1  ? -15.02331 9.10211   -5.25910  1.000 40.54514 ? 1   DC  B "H3'"  1 
ATOM   21  H  "H2'"  . DC  A 1 1  ? -13.86690 7.56865   -6.50675  1.000 34.69487 ? 1   DC  B "H2'"  1 
ATOM   22  H  "H2''" . DC  A 1 1  ? -14.18561 6.73801   -5.20179  1.000 34.69487 ? 1   DC  B "H2''" 1 
ATOM   23  H  "H1'"  . DC  A 1 1  ? -16.03085 5.77444   -6.12648  1.000 32.49078 ? 1   DC  B "H1'"  1 
ATOM   24  H  H41    . DC  A 1 1  ? -12.80312 3.28109   -11.14275 1.000 26.52568 ? 1   DC  B H41    1 
ATOM   25  H  H42    . DC  A 1 1  ? -13.59577 2.14916   -10.58665 1.000 26.52568 ? 1   DC  B H42    1 
ATOM   26  H  H5     . DC  A 1 1  ? -12.87124 5.50314   -10.20284 1.000 28.82180 ? 1   DC  B H5     1 
ATOM   27  H  H6     . DC  A 1 1  ? -13.79817 6.83112   -8.61393  1.000 30.46740 ? 1   DC  B H6     1 
ATOM   28  H  "HO5'" . DC  A 1 1  ? -16.75654 9.01295   -9.24987  1.000 50.19452 ? 1   DC  B "HO5'" 1 
ATOM   29  P  P      . DG  A 1 2  ? -15.78783 8.05599   -2.90368  1.000 37.73036 ? 2   DG  B P      1 
ATOM   30  O  OP1    . DG  A 1 2  ? -16.87484 8.73635   -2.15488  1.000 41.09980 ? 2   DG  B OP1    1 
ATOM   31  O  OP2    . DG  A 1 2  ? -14.40781 8.59670   -2.94149  1.000 38.21017 ? 2   DG  B OP2    1 
ATOM   32  O  "O5'"  . DG  A 1 2  ? -15.63067 6.55907   -2.41301  1.000 34.82057 ? 2   DG  B "O5'"  1 
ATOM   33  C  "C5'"  . DG  A 1 2  ? -16.67674 5.65395   -2.63952  1.000 34.52076 ? 2   DG  B "C5'"  1 
ATOM   34  C  "C4'"  . DG  A 1 2  ? -16.28910 4.28767   -2.14807  1.000 33.42678 ? 2   DG  B "C4'"  1 
ATOM   35  O  "O4'"  . DG  A 1 2  ? -15.67476 3.51631   -3.21649  1.000 30.67231 ? 2   DG  B "O4'"  1 
ATOM   36  C  "C3'"  . DG  A 1 2  ? -15.28232 4.29766   -1.01573  1.000 26.57778 ? 2   DG  B "C3'"  1 
ATOM   37  O  "O3'"  . DG  A 1 2  ? -15.63063 3.28943   -0.10966  1.000 36.72600 ? 2   DG  B "O3'"  1 
ATOM   38  C  "C2'"  . DG  A 1 2  ? -13.96394 4.04923   -1.73152  1.000 27.66482 ? 2   DG  B "C2'"  1 
ATOM   39  C  "C1'"  . DG  A 1 2  ? -14.38590 3.09753   -2.83805  1.000 28.33220 ? 2   DG  B "C1'"  1 
ATOM   40  N  N9     . DG  A 1 2  ? -13.57218 3.10034   -4.05037  1.000 24.86277 ? 2   DG  B N9     1 
ATOM   41  C  C8     . DG  A 1 2  ? -12.91986 4.16441   -4.62641  1.000 25.57835 ? 2   DG  B C8     1 
ATOM   42  N  N7     . DG  A 1 2  ? -12.32923 3.85676   -5.75078  1.000 23.56861 ? 2   DG  B N7     1 
ATOM   43  C  C5     . DG  A 1 2  ? -12.67589 2.52570   -5.95603  1.000 21.80492 ? 2   DG  B C5     1 
ATOM   44  C  C6     . DG  A 1 2  ? -12.32175 1.64882   -6.99345  1.000 21.21594 ? 2   DG  B C6     1 
ATOM   45  O  O6     . DG  A 1 2  ? -11.64921 1.90090   -7.98682  1.000 21.61702 ? 2   DG  B O6     1 
ATOM   46  N  N1     . DG  A 1 2  ? -12.87710 0.38509   -6.82857  1.000 20.85812 ? 2   DG  B N1     1 
ATOM   47  C  C2     . DG  A 1 2  ? -13.63649 0.00724   -5.75742  1.000 21.06268 ? 2   DG  B C2     1 
ATOM   48  N  N2     . DG  A 1 2  ? -14.05244 -1.25615  -5.74896  1.000 20.89543 ? 2   DG  B N2     1 
ATOM   49  N  N3     . DG  A 1 2  ? -13.96356 0.81446   -4.75948  1.000 21.64174 ? 2   DG  B N3     1 
ATOM   50  C  C4     . DG  A 1 2  ? -13.44792 2.05895   -4.92937  1.000 25.37293 ? 2   DG  B C4     1 
ATOM   51  H  "H5'"  . DG  A 1 2  ? -16.86884 5.61322   -3.58944  1.000 41.38255 ? 2   DG  B "H5'"  1 
ATOM   52  H  "H5''" . DG  A 1 2  ? -17.47060 5.95330   -2.16933  1.000 41.38255 ? 2   DG  B "H5''" 1 
ATOM   53  H  "H4'"  . DG  A 1 2  ? -17.08937 3.81621   -1.86846  1.000 40.06978 ? 2   DG  B "H4'"  1 
ATOM   54  H  "H3'"  . DG  A 1 2  ? -15.23342 5.15783   -0.57006  1.000 31.85098 ? 2   DG  B "H3'"  1 
ATOM   55  H  "H2'"  . DG  A 1 2  ? -13.59464 4.87088   -2.09124  1.000 33.15543 ? 2   DG  B "H2'"  1 
ATOM   56  H  "H2''" . DG  A 1 2  ? -13.31087 3.64109   -1.14174  1.000 33.15543 ? 2   DG  B "H2''" 1 
ATOM   57  H  "H1'"  . DG  A 1 2  ? -14.37811 2.20007   -2.47009  1.000 33.95628 ? 2   DG  B "H1'"  1 
ATOM   58  H  H8     . DG  A 1 2  ? -12.90081 5.01636   -4.25394  1.000 30.65166 ? 2   DG  B H8     1 
ATOM   59  H  H1     . DG  A 1 2  ? -12.73275 -0.19903  -7.44305  1.000 24.98738 ? 2   DG  B H1     1 
ATOM   60  H  H21    . DG  A 1 2  ? -14.53217 -1.54657  -5.09694  1.000 25.03215 ? 2   DG  B H21    1 
ATOM   61  H  H22    . DG  A 1 2  ? -13.84165 -1.78259  -6.39551  1.000 25.03215 ? 2   DG  B H22    1 
ATOM   62  P  P      . DC  A 1 3  ? -14.92723 3.14700   1.30559   1.000 35.20430 ? 3   DC  B P      1 
ATOM   63  O  OP1    . DC  A 1 3  ? -16.00180 3.25442   2.29999   1.000 35.56595 ? 3   DC  B OP1    1 
ATOM   64  O  OP2    . DC  A 1 3  ? -13.72346 4.00892   1.39326   1.000 39.67027 ? 3   DC  B OP2    1 
ATOM   65  O  "O5'"  . DC  A 1 3  ? -14.34982 1.66372   1.23349   1.000 31.67033 ? 3   DC  B "O5'"  1 
ATOM   66  C  "C5'"  . DC  A 1 3  ? -15.21217 0.58881   0.86453   1.000 30.23151 ? 3   DC  B "C5'"  1 
ATOM   67  C  "C4'"  . DC  A 1 3  ? -14.43163 -0.52863  0.20381   1.000 25.50915 ? 3   DC  B "C4'"  1 
ATOM   68  O  "O4'"  . DC  A 1 3  ? -13.94135 -0.08579  -1.05916  1.000 25.95214 ? 3   DC  B "O4'"  1 
ATOM   69  C  "C3'"  . DC  A 1 3  ? -13.19888 -0.98719  0.95991   1.000 25.33698 ? 3   DC  B "C3'"  1 
ATOM   70  O  "O3'"  . DC  A 1 3  ? -13.53492 -2.03997  1.80720   1.000 30.83577 ? 3   DC  B "O3'"  1 
ATOM   71  C  "C2'"  . DC  A 1 3  ? -12.23086 -1.42066  -0.12808  1.000 25.57820 ? 3   DC  B "C2'"  1 
ATOM   72  C  "C1'"  . DC  A 1 3  ? -12.81621 -0.84971  -1.41056  1.000 25.65415 ? 3   DC  B "C1'"  1 
ATOM   73  N  N1     . DC  A 1 3  ? -11.90589 0.03043   -2.12351  1.000 22.17733 ? 3   DC  B N1     1 
ATOM   74  C  C2     . DC  A 1 3  ? -11.28573 -0.40829  -3.28463  1.000 20.86157 ? 3   DC  B C2     1 
ATOM   75  O  O2     . DC  A 1 3  ? -11.49079 -1.55989  -3.67489  1.000 21.64753 ? 3   DC  B O2     1 
ATOM   76  N  N3     . DC  A 1 3  ? -10.47572 0.44604   -3.95712  1.000 21.65159 ? 3   DC  B N3     1 
ATOM   77  C  C4     . DC  A 1 3  ? -10.27584 1.68063   -3.48709  1.000 23.74072 ? 3   DC  B C4     1 
ATOM   78  N  N4     . DC  A 1 3  ? -9.47239  2.49046   -4.17275  1.000 22.28202 ? 3   DC  B N4     1 
ATOM   79  C  C5     . DC  A 1 3  ? -10.90090 2.14224   -2.30181  1.000 24.10358 ? 3   DC  B C5     1 
ATOM   80  C  C6     . DC  A 1 3  ? -11.70566 1.29521   -1.66027  1.000 24.66665 ? 3   DC  B C6     1 
ATOM   81  H  "H5'"  . DC  A 1 3  ? -15.88501 0.91657   0.24747   1.000 36.23545 ? 3   DC  B "H5'"  1 
ATOM   82  H  "H5''" . DC  A 1 3  ? -15.65189 0.24538   1.65801   1.000 36.23545 ? 3   DC  B "H5''" 1 
ATOM   83  H  "H4'"  . DC  A 1 3  ? -15.02538 -1.28418  0.07143   1.000 30.56863 ? 3   DC  B "H4'"  1 
ATOM   84  H  "H3'"  . DC  A 1 3  ? -12.81514 -0.24449  1.45189   1.000 30.36201 ? 3   DC  B "H3'"  1 
ATOM   85  H  "H2'"  . DC  A 1 3  ? -11.34479 -1.06167  0.03600   1.000 30.65148 ? 3   DC  B "H2'"  1 
ATOM   86  H  "H2''" . DC  A 1 3  ? -12.17596 -2.38796  -0.17510  1.000 30.65148 ? 3   DC  B "H2''" 1 
ATOM   87  H  "H1'"  . DC  A 1 3  ? -13.08893 -1.58892  -1.97633  1.000 30.74262 ? 3   DC  B "H1'"  1 
ATOM   88  H  H41    . DC  A 1 3  ? -9.32674  3.29025   -3.89215  1.000 26.69606 ? 3   DC  B H41    1 
ATOM   89  H  H42    . DC  A 1 3  ? -9.09887  2.21395   -4.89637  1.000 26.69606 ? 3   DC  B H42    1 
ATOM   90  H  H5     . DC  A 1 3  ? -10.75502 3.00383   -1.98357  1.000 28.88194 ? 3   DC  B H5     1 
ATOM   91  H  H6     . DC  A 1 3  ? -12.13704 1.57226   -0.88434  1.000 29.55762 ? 3   DC  B H6     1 
ATOM   92  P  P      . DG  A 1 4  ? -12.47749 -2.60121  2.86454   1.000 31.33870 ? 4   DG  B P      1 
ATOM   93  O  OP1    . DG  A 1 4  ? -13.29685 -3.24915  3.90359   1.000 33.54609 ? 4   DG  B OP1    1 
ATOM   94  O  OP2    . DG  A 1 4  ? -11.44188 -1.59086  3.21937   1.000 31.58044 ? 4   DG  B OP2    1 
ATOM   95  O  "O5'"  . DG  A 1 4  ? -11.67389 -3.69867  2.05614   1.000 27.79555 ? 4   DG  B "O5'"  1 
ATOM   96  C  "C5'"  . DG  A 1 4  ? -12.36464 -4.67433  1.32470   1.000 30.06677 ? 4   DG  B "C5'"  1 
ATOM   97  C  "C4'"  . DG  A 1 4  ? -11.37330 -5.56766  0.63042   1.000 30.40621 ? 4   DG  B "C4'"  1 
ATOM   98  O  "O4'"  . DG  A 1 4  ? -10.75062 -4.82956  -0.45197  1.000 29.05468 ? 4   DG  B "O4'"  1 
ATOM   99  C  "C3'"  . DG  A 1 4  ? -10.23918 -6.05596  1.52391   1.000 30.94645 ? 4   DG  B "C3'"  1 
ATOM   100 O  "O3'"  . DG  A 1 4  ? -9.93881  -7.40446  1.20303   1.000 32.67419 ? 4   DG  B "O3'"  1 
ATOM   101 C  "C2'"  . DG  A 1 4  ? -9.10338  -5.08432  1.22476   1.000 27.23883 ? 4   DG  B "C2'"  1 
ATOM   102 C  "C1'"  . DG  A 1 4  ? -9.35776  -4.68865  -0.22668  1.000 26.37400 ? 4   DG  B "C1'"  1 
ATOM   103 N  N9     . DG  A 1 4  ? -8.97176  -3.31410  -0.53909  1.000 22.54860 ? 4   DG  B N9     1 
ATOM   104 C  C8     . DG  A 1 4  ? -9.09987  -2.21286  0.26819   1.000 22.50832 ? 4   DG  B C8     1 
ATOM   105 N  N7     . DG  A 1 4  ? -8.67902  -1.11199  -0.27793  1.000 22.74665 ? 4   DG  B N7     1 
ATOM   106 C  C5     . DG  A 1 4  ? -8.24365  -1.50687  -1.53580  1.000 21.65379 ? 4   DG  B C5     1 
ATOM   107 C  C6     . DG  A 1 4  ? -7.67378  -0.74784  -2.58104  1.000 20.00538 ? 4   DG  B C6     1 
ATOM   108 O  O6     . DG  A 1 4  ? -7.43483  0.47041   -2.60099  1.000 24.66547 ? 4   DG  B O6     1 
ATOM   109 N  N1     . DG  A 1 4  ? -7.36493  -1.53862  -3.67759  1.000 20.28657 ? 4   DG  B N1     1 
ATOM   110 C  C2     . DG  A 1 4  ? -7.58576  -2.88748  -3.75811  1.000 20.14140 ? 4   DG  B C2     1 
ATOM   111 N  N2     . DG  A 1 4  ? -7.22806  -3.49394  -4.90406  1.000 22.62917 ? 4   DG  B N2     1 
ATOM   112 N  N3     . DG  A 1 4  ? -8.12123  -3.60887  -2.78478  1.000 23.25488 ? 4   DG  B N3     1 
ATOM   113 C  C4     . DG  A 1 4  ? -8.41763  -2.85680  -1.70875  1.000 20.53430 ? 4   DG  B C4     1 
ATOM   114 H  "H5'"  . DG  A 1 4  ? -12.93446 -4.24614  0.66676   1.000 36.03777 ? 4   DG  B "H5'"  1 
ATOM   115 H  "H5''" . DG  A 1 4  ? -12.91545 -5.20204  1.92389   1.000 36.03777 ? 4   DG  B "H5''" 1 
ATOM   116 H  "H4'"  . DG  A 1 4  ? -11.82728 -6.33799  0.25438   1.000 36.44510 ? 4   DG  B "H4'"  1 
ATOM   117 H  "H3'"  . DG  A 1 4  ? -10.46870 -5.97591  2.46296   1.000 37.09338 ? 4   DG  B "H3'"  1 
ATOM   118 H  "H2'"  . DG  A 1 4  ? -9.14060  -4.31156  1.80988   1.000 32.64424 ? 4   DG  B "H2'"  1 
ATOM   119 H  "H2''" . DG  A 1 4  ? -8.23960  -5.51434  1.32409   1.000 32.64424 ? 4   DG  B "H2''" 1 
ATOM   120 H  "H1'"  . DG  A 1 4  ? -8.87796  -5.29705  -0.81025  1.000 31.60644 ? 4   DG  B "H1'"  1 
ATOM   121 H  H8     . DG  A 1 4  ? -9.45505  -2.25074  1.12685   1.000 26.96763 ? 4   DG  B H8     1 
ATOM   122 H  H1     . DG  A 1 4  ? -7.00783  -1.15278  -4.35820  1.000 24.30152 ? 4   DG  B H1     1 
ATOM   123 H  H21    . DG  A 1 4  ? -7.34791  -4.34032  -4.99822  1.000 27.11264 ? 4   DG  B H21    1 
ATOM   124 H  H22    . DG  A 1 4  ? -6.87950  -3.03533  -5.54264  1.000 27.11264 ? 4   DG  B H22    1 
ATOM   125 P  P      . DA  A 1 5  ? -8.66396  -8.16187  1.82617   1.000 35.16340 ? 5   DA  B P      1 
ATOM   126 O  OP1    . DA  A 1 5  ? -9.10506  -9.57446  1.88319   1.000 38.96913 ? 5   DA  B OP1    1 
ATOM   127 O  OP2    . DA  A 1 5  ? -8.14843  -7.47214  3.03394   1.000 36.23362 ? 5   DA  B OP2    1 
ATOM   128 O  "O5'"  . DA  A 1 5  ? -7.56195  -8.00874  0.68326   1.000 33.17904 ? 5   DA  B "O5'"  1 
ATOM   129 C  "C5'"  . DA  A 1 5  ? -7.81249  -8.60398  -0.57667  1.000 26.89081 ? 5   DA  B "C5'"  1 
ATOM   130 C  "C4'"  . DA  A 1 5  ? -6.74087  -8.24507  -1.58141  1.000 28.94216 ? 5   DA  B "C4'"  1 
ATOM   131 O  "O4'"  . DA  A 1 5  ? -6.61319  -6.81284  -1.68097  1.000 27.97702 ? 5   DA  B "O4'"  1 
ATOM   132 C  "C3'"  . DA  A 1 5  ? -5.35208  -8.77366  -1.25831  1.000 27.58288 ? 5   DA  B "C3'"  1 
ATOM   133 O  "O3'"  . DA  A 1 5  ? -4.86826  -9.47686  -2.39837  1.000 27.39110 ? 5   DA  B "O3'"  1 
ATOM   134 C  "C2'"  . DA  A 1 5  ? -4.53573  -7.51894  -0.91273  1.000 24.33139 ? 5   DA  B "C2'"  1 
ATOM   135 C  "C1'"  . DA  A 1 5  ? -5.26502  -6.42951  -1.68362  1.000 24.95966 ? 5   DA  B "C1'"  1 
ATOM   136 N  N9     . DA  A 1 5  ? -5.21564  -5.09085  -1.10934  1.000 25.36573 ? 5   DA  B N9     1 
ATOM   137 C  C8     . DA  A 1 5  ? -5.64170  -4.71158  0.13962   1.000 26.38008 ? 5   DA  B C8     1 
ATOM   138 N  N7     . DA  A 1 5  ? -5.53814  -3.42391  0.36920   1.000 24.93794 ? 5   DA  B N7     1 
ATOM   139 C  C5     . DA  A 1 5  ? -5.04332  -2.91798  -0.82418  1.000 23.93948 ? 5   DA  B C5     1 
ATOM   140 C  C6     . DA  A 1 5  ? -4.71948  -1.62558  -1.21474  1.000 26.90931 ? 5   DA  B C6     1 
ATOM   141 N  N6     . DA  A 1 5  ? -4.86036  -0.57146  -0.40087  1.000 29.95948 ? 5   DA  B N6     1 
ATOM   142 N  N1     . DA  A 1 5  ? -4.24409  -1.44635  -2.47614  1.000 28.85937 ? 5   DA  B N1     1 
ATOM   143 C  C2     . DA  A 1 5  ? -4.10777  -2.52383  -3.26896  1.000 28.01206 ? 5   DA  B C2     1 
ATOM   144 N  N3     . DA  A 1 5  ? -4.38021  -3.80993  -3.00040  1.000 26.00893 ? 5   DA  B N3     1 
ATOM   145 C  C4     . DA  A 1 5  ? -4.85289  -3.93262  -1.75115  1.000 24.43081 ? 5   DA  B C4     1 
ATOM   146 H  "H5'"  . DA  A 1 5  ? -8.67183  -8.29809  -0.90665  1.000 32.22662 ? 5   DA  B "H5'"  1 
ATOM   147 H  "H5''" . DA  A 1 5  ? -7.83926  -9.56798  -0.47228  1.000 32.22662 ? 5   DA  B "H5''" 1 
ATOM   148 H  "H4'"  . DA  A 1 5  ? -7.00546  -8.58176  -2.45178  1.000 34.68823 ? 5   DA  B "H4'"  1 
ATOM   149 H  "H3'"  . DA  A 1 5  ? -5.36023  -9.34128  -0.47177  1.000 33.05710 ? 5   DA  B "H3'"  1 
ATOM   150 H  "H2'"  . DA  A 1 5  ? -4.54609  -7.34316  0.04116   1.000 29.15531 ? 5   DA  B "H2'"  1 
ATOM   151 H  "H2''" . DA  A 1 5  ? -3.61576  -7.60438  -1.20812  1.000 29.15531 ? 5   DA  B "H2''" 1 
ATOM   152 H  "H1'"  . DA  A 1 5  ? -4.88862  -6.39736  -2.57704  1.000 29.90924 ? 5   DA  B "H1'"  1 
ATOM   153 H  H8     . DA  A 1 5  ? -5.97375  -5.31314  0.76632   1.000 31.61374 ? 5   DA  B H8     1 
ATOM   154 H  H61    . DA  A 1 5  ? -4.65045  0.21567   -0.67649  1.000 35.90902 ? 5   DA  B H61    1 
ATOM   155 H  H62    . DA  A 1 5  ? -5.16075  -0.68164  0.39739   1.000 35.90902 ? 5   DA  B H62    1 
ATOM   156 H  H2     . DA  A 1 5  ? -3.77889  -2.35401  -4.12214  1.000 33.57212 ? 5   DA  B H2     1 
ATOM   157 P  P      . DA  A 1 6  ? -3.46297  -10.24842 -2.37884  1.000 29.08878 ? 6   DA  B P      1 
ATOM   158 O  OP1    . DA  A 1 6  ? -3.55047  -11.28511 -3.42983  1.000 29.89298 ? 6   DA  B OP1    1 
ATOM   159 O  OP2    . DA  A 1 6  ? -3.13968  -10.65795 -0.98883  1.000 29.96963 ? 6   DA  B OP2    1 
ATOM   160 O  "O5'"  . DA  A 1 6  ? -2.43457  -9.12791  -2.83671  1.000 26.57966 ? 6   DA  B "O5'"  1 
ATOM   161 C  "C5'"  . DA  A 1 6  ? -2.53291  -8.58918  -4.13014  1.000 26.22485 ? 6   DA  B "C5'"  1 
ATOM   162 C  "C4'"  . DA  A 1 6  ? -1.49349  -7.52067  -4.35739  1.000 26.31169 ? 6   DA  B "C4'"  1 
ATOM   163 O  "O4'"  . DA  A 1 6  ? -1.81603  -6.35239  -3.57851  1.000 23.78196 ? 6   DA  B "O4'"  1 
ATOM   164 C  "C3'"  . DA  A 1 6  ? -0.08674  -7.92669  -3.96674  1.000 25.62981 ? 6   DA  B "C3'"  1 
ATOM   165 O  "O3'"  . DA  A 1 6  ? 0.70707   -7.97288  -5.15079  1.000 23.05195 ? 6   DA  B "O3'"  1 
ATOM   166 C  "C2'"  . DA  A 1 6  ? 0.35702   -6.85759  -2.95504  1.000 21.52438 ? 6   DA  B "C2'"  1 
ATOM   167 C  "C1'"  . DA  A 1 6  ? -0.63936  -5.72867  -3.16289  1.000 24.76256 ? 6   DA  B "C1'"  1 
ATOM   168 N  N9     . DA  A 1 6  ? -0.96803  -4.94023  -1.98201  1.000 21.38925 ? 6   DA  B N9     1 
ATOM   169 C  C8     . DA  A 1 6  ? -1.42543  -5.39968  -0.77942  1.000 24.22897 ? 6   DA  B C8     1 
ATOM   170 N  N7     . DA  A 1 6  ? -1.67376  -4.44252  0.09442   1.000 25.61612 ? 6   DA  B N7     1 
ATOM   171 C  C5     . DA  A 1 6  ? -1.38590  -3.27821  -0.59928  1.000 20.48298 ? 6   DA  B C5     1 
ATOM   172 C  C6     . DA  A 1 6  ? -1.44524  -1.92537  -0.23128  1.000 29.21151 ? 6   DA  B C6     1 
ATOM   173 N  N6     . DA  A 1 6  ? -1.83661  -1.52692  0.97876   1.000 32.21099 ? 6   DA  B N6     1 
ATOM   174 N  N1     . DA  A 1 6  ? -1.07460  -0.99809  -1.15210  1.000 27.73209 ? 6   DA  B N1     1 
ATOM   175 C  C2     . DA  A 1 6  ? -0.68667  -1.43221  -2.36834  1.000 28.84891 ? 6   DA  B C2     1 
ATOM   176 N  N3     . DA  A 1 6  ? -0.58261  -2.69574  -2.82169  1.000 25.23601 ? 6   DA  B N3     1 
ATOM   177 C  C4     . DA  A 1 6  ? -0.95814  -3.56583  -1.88504  1.000 19.56993 ? 6   DA  B C4     1 
ATOM   178 H  "H5'"  . DA  A 1 6  ? -3.41553  -8.20458  -4.24825  1.000 31.42746 ? 6   DA  B "H5'"  1 
ATOM   179 H  "H5''" . DA  A 1 6  ? -2.40774  -9.29807  -4.78031  1.000 31.42746 ? 6   DA  B "H5''" 1 
ATOM   180 H  "H4'"  . DA  A 1 6  ? -1.49510  -7.25976  -5.29164  1.000 31.53167 ? 6   DA  B "H4'"  1 
ATOM   181 H  "H3'"  . DA  A 1 6  ? -0.07567  -8.77941  -3.50452  1.000 30.71341 ? 6   DA  B "H3'"  1 
ATOM   182 H  "H2'"  . DA  A 1 6  ? 0.31300   -7.19774  -2.04771  1.000 25.78690 ? 6   DA  B "H2'"  1 
ATOM   183 H  "H2''" . DA  A 1 6  ? 1.26225   -6.56057  -3.13739  1.000 25.78690 ? 6   DA  B "H2''" 1 
ATOM   184 H  "H1'"  . DA  A 1 6  ? -0.28260  -5.13125  -3.83870  1.000 29.67272 ? 6   DA  B "H1'"  1 
ATOM   185 H  H8     . DA  A 1 6  ? -1.55011  -6.30244  -0.59400  1.000 29.03241 ? 6   DA  B H8     1 
ATOM   186 H  H61    . DA  A 1 6  ? -1.85296  -0.68886  1.17110   1.000 38.61084 ? 6   DA  B H61    1 
ATOM   187 H  H62    . DA  A 1 6  ? -2.07278  -2.10786  1.56726   1.000 38.61084 ? 6   DA  B H62    1 
ATOM   188 H  H2     . DA  A 1 6  ? -0.45979  -0.76746  -2.97788  1.000 34.57634 ? 6   DA  B H2     1 
ATOM   189 P  P      . DA  A 1 7  ? 2.25274   -8.34480  -5.12062  1.000 22.30110 ? 7   DA  B P      1 
ATOM   190 O  OP1    . DA  A 1 7  ? 2.55372   -8.79546  -6.51199  1.000 27.74902 ? 7   DA  B OP1    1 
ATOM   191 O  OP2    . DA  A 1 7  ? 2.64298   -9.18776  -3.96759  1.000 27.17194 ? 7   DA  B OP2    1 
ATOM   192 O  "O5'"  . DA  A 1 7  ? 2.96472   -6.94511  -4.93973  1.000 23.25153 ? 7   DA  B "O5'"  1 
ATOM   193 C  "C5'"  . DA  A 1 7  ? 2.71545   -5.89524  -5.86500  1.000 24.72320 ? 7   DA  B "C5'"  1 
ATOM   194 C  "C4'"  . DA  A 1 7  ? 3.27828   -4.59646  -5.35221  1.000 25.66453 ? 7   DA  B "C4'"  1 
ATOM   195 O  "O4'"  . DA  A 1 7  ? 2.58328   -4.18553  -4.15913  1.000 22.56709 ? 7   DA  B "O4'"  1 
ATOM   196 C  "C3'"  . DA  A 1 7  ? 4.75558   -4.64558  -5.01006  1.000 25.39727 ? 7   DA  B "C3'"  1 
ATOM   197 O  "O3'"  . DA  A 1 7  ? 5.41418   -3.77229  -5.90055  1.000 25.79375 ? 7   DA  B "O3'"  1 
ATOM   198 C  "C2'"  . DA  A 1 7  ? 4.82594   -4.18458  -3.53225  1.000 24.71005 ? 7   DA  B "C2'"  1 
ATOM   199 C  "C1'"  . DA  A 1 7  ? 3.48283   -3.47526  -3.34716  1.000 23.61200 ? 7   DA  B "C1'"  1 
ATOM   200 N  N9     . DA  A 1 7  ? 2.94566   -3.47278  -1.98427  1.000 21.05994 ? 7   DA  B N9     1 
ATOM   201 C  C8     . DA  A 1 7  ? 2.67545   -4.55573  -1.19149  1.000 21.30225 ? 7   DA  B C8     1 
ATOM   202 N  N7     . DA  A 1 7  ? 2.16367   -4.24179  -0.02784  1.000 26.47831 ? 7   DA  B N7     1 
ATOM   203 C  C5     . DA  A 1 7  ? 2.07998   -2.85013  -0.06260  1.000 19.14923 ? 7   DA  B C5     1 
ATOM   204 C  C6     . DA  A 1 7  ? 1.63232   -1.90395  0.87571   1.000 24.49955 ? 7   DA  B C6     1 
ATOM   205 N  N6     . DA  A 1 7  ? 1.15249   -2.25055  2.07567   1.000 31.98180 ? 7   DA  B N6     1 
ATOM   206 N  N1     . DA  A 1 7  ? 1.68634   -0.58892  0.52772   1.000 29.05275 ? 7   DA  B N1     1 
ATOM   207 C  C2     . DA  A 1 7  ? 2.16632   -0.26863  -0.68594  1.000 29.79665 ? 7   DA  B C2     1 
ATOM   208 N  N3     . DA  A 1 7  ? 2.63889   -1.07916  -1.64715  1.000 23.72018 ? 7   DA  B N3     1 
ATOM   209 C  C4     . DA  A 1 7  ? 2.56104   -2.36428  -1.26187  1.000 22.80467 ? 7   DA  B C4     1 
ATOM   210 P  P      . DA  A 1 8  ? 6.99921   -3.65828  -5.94791  1.000 27.39864 ? 8   DA  B P      1 
ATOM   211 O  OP1    . DA  A 1 8  ? 7.39127   -3.37427  -7.34521  1.000 31.17784 ? 8   DA  B OP1    1 
ATOM   212 O  OP2    . DA  A 1 8  ? 7.62880   -4.76288  -5.18976  1.000 29.95241 ? 8   DA  B OP2    1 
ATOM   213 O  "O5'"  . DA  A 1 8  ? 7.29746   -2.35967  -5.07420  1.000 29.34101 ? 8   DA  B "O5'"  1 
ATOM   214 C  "C5'"  . DA  A 1 8  ? 6.73933   -1.11979  -5.45129  1.000 28.69441 ? 8   DA  B "C5'"  1 
ATOM   215 C  "C4'"  . DA  A 1 8  ? 6.87885   -0.14308  -4.31703  1.000 26.57432 ? 8   DA  B "C4'"  1 
ATOM   216 O  "O4'"  . DA  A 1 8  ? 6.16025   -0.63285  -3.18350  1.000 25.96379 ? 8   DA  B "O4'"  1 
ATOM   217 C  "C3'"  . DA  A 1 8  ? 8.31838   0.05182   -3.83920  1.000 30.52337 ? 8   DA  B "C3'"  1 
ATOM   218 O  "O3'"  . DA  A 1 8  ? 8.74924   1.34066   -4.22315  1.000 34.97397 ? 8   DA  B "O3'"  1 
ATOM   219 C  "C2'"  . DA  A 1 8  ? 8.24959   -0.11885  -2.29910  1.000 30.15393 ? 8   DA  B "C2'"  1 
ATOM   220 C  "C1'"  . DA  A 1 8  ? 6.74764   -0.08281  -2.03002  1.000 27.34729 ? 8   DA  B "C1'"  1 
ATOM   221 N  N9     . DA  A 1 8  ? 6.29529   -0.89150  -0.91284  1.000 25.55709 ? 8   DA  B N9     1 
ATOM   222 C  C8     . DA  A 1 8  ? 6.33158   -2.25741  -0.82965  1.000 22.10260 ? 8   DA  B C8     1 
ATOM   223 N  N7     . DA  A 1 8  ? 5.80355   -2.74040  0.26814   1.000 23.61058 ? 8   DA  B N7     1 
ATOM   224 C  C5     . DA  A 1 8  ? 5.35016   -1.61327  0.93891   1.000 24.57185 ? 8   DA  B C5     1 
ATOM   225 C  C6     . DA  A 1 8  ? 4.69163   -1.46802  2.16305   1.000 27.47451 ? 8   DA  B C6     1 
ATOM   226 N  N6     . DA  A 1 8  ? 4.36372   -2.52339  2.92333   1.000 25.75705 ? 8   DA  B N6     1 
ATOM   227 N  N1     . DA  A 1 8  ? 4.37697   -0.20508  2.56334   1.000 28.70389 ? 8   DA  B N1     1 
ATOM   228 C  C2     . DA  A 1 8  ? 4.70863   0.82548   1.75747   1.000 30.32509 ? 8   DA  B C2     1 
ATOM   229 N  N3     . DA  A 1 8  ? 5.34582   0.80680   0.57056   1.000 25.08861 ? 8   DA  B N3     1 
ATOM   230 C  C4     . DA  A 1 8  ? 5.63231   -0.46238  0.22153   1.000 22.92898 ? 8   DA  B C4     1 
ATOM   231 P  P      . DC  A 1 9  ? 10.18860  1.90052   -3.79451  1.000 33.64534 ? 9   DC  B P      1 
ATOM   232 O  OP1    . DC  A 1 9  ? 10.58323  2.85934   -4.84541  1.000 38.94354 ? 9   DC  B OP1    1 
ATOM   233 O  OP2    . DC  A 1 9  ? 11.12978  0.85658   -3.31754  1.000 32.79838 ? 9   DC  B OP2    1 
ATOM   234 O  "O5'"  . DC  A 1 9  ? 9.85779   2.73865   -2.48353  1.000 28.60077 ? 9   DC  B "O5'"  1 
ATOM   235 C  "C5'"  . DC  A 1 9  ? 8.77928   3.64049   -2.50810  1.000 28.22635 ? 9   DC  B "C5'"  1 
ATOM   236 C  "C4'"  . DC  A 1 9  ? 8.62723   4.33473   -1.17490  1.000 28.81744 ? 9   DC  B "C4'"  1 
ATOM   237 O  "O4'"  . DC  A 1 9  ? 8.07978   3.41142   -0.20320  1.000 27.13430 ? 9   DC  B "O4'"  1 
ATOM   238 C  "C3'"  . DC  A 1 9  ? 9.92606   4.87284   -0.58287  1.000 32.27670 ? 9   DC  B "C3'"  1 
ATOM   239 O  "O3'"  . DC  A 1 9  ? 9.73374   6.24443   -0.23618  1.000 34.98567 ? 9   DC  B "O3'"  1 
ATOM   240 C  "C2'"  . DC  A 1 9  ? 10.19476  3.97113   0.62999   1.000 27.67740 ? 9   DC  B "C2'"  1 
ATOM   241 C  "C1'"  . DC  A 1 9  ? 8.80908   3.49227   1.01233   1.000 25.77922 ? 9   DC  B "C1'"  1 
ATOM   242 N  N1     . DC  A 1 9  ? 8.72320   2.13867   1.63674   1.000 23.53604 ? 9   DC  B N1     1 
ATOM   243 C  C2     . DC  A 1 9  ? 8.07648   1.95812   2.88101   1.000 23.92066 ? 9   DC  B C2     1 
ATOM   244 O  O2     . DC  A 1 9  ? 7.67957   2.94270   3.51334   1.000 25.10891 ? 9   DC  B O2     1 
ATOM   245 N  N3     . DC  A 1 9  ? 7.94477   0.70547   3.37347   1.000 22.07544 ? 9   DC  B N3     1 
ATOM   246 C  C4     . DC  A 1 9  ? 8.40766   -0.33814  2.67980   1.000 21.66144 ? 9   DC  B C4     1 
ATOM   247 N  N4     . DC  A 1 9  ? 8.24333   -1.54995  3.19136   1.000 21.93487 ? 9   DC  B N4     1 
ATOM   248 C  C5     . DC  A 1 9  ? 9.04422   -0.17669  1.41756   1.000 22.89397 ? 9   DC  B C5     1 
ATOM   249 C  C6     . DC  A 1 9  ? 9.16247   1.05542   0.93324   1.000 22.60455 ? 9   DC  B C6     1 
ATOM   250 H  "H5'"  . DC  A 1 9  ? 7.96324   3.15720   -2.71158  1.000 33.82926 ? 9   DC  B "H5'"  1 
ATOM   251 H  "H5''" . DC  A 1 9  ? 8.93358   4.30437   -3.19828  1.000 33.82926 ? 9   DC  B "H5''" 1 
ATOM   252 H  "H4'"  . DC  A 1 9  ? 8.00420   5.07252   -1.26666  1.000 34.53857 ? 9   DC  B "H4'"  1 
ATOM   253 H  "H3'"  . DC  A 1 9  ? 10.66451  4.76660   -1.20280  1.000 38.68968 ? 9   DC  B "H3'"  1 
ATOM   254 H  "H2'"  . DC  A 1 9  ? 10.76998  3.22689   0.39305   1.000 33.17053 ? 9   DC  B "H2'"  1 
ATOM   255 H  "H2''" . DC  A 1 9  ? 10.60547  4.46981   1.35355   1.000 33.17053 ? 9   DC  B "H2''" 1 
ATOM   256 H  "H1'"  . DC  A 1 9  ? 8.43897   4.14543   1.62656   1.000 30.89271 ? 9   DC  B "H1'"  1 
ATOM   257 H  H41    . DC  A 1 9  ? 8.53182   -2.23920  2.76554   1.000 26.27949 ? 9   DC  B H41    1 
ATOM   258 H  H42    . DC  A 1 9  ? 7.84823   -1.64689  3.94905   1.000 26.27949 ? 9   DC  B H42    1 
ATOM   259 H  H5     . DC  A 1 9  ? 9.36744   -0.91032  0.94616   1.000 27.43041 ? 9   DC  B H5     1 
ATOM   260 H  H6     . DC  A 1 9  ? 9.55232   1.18157   0.09837   1.000 27.08310 ? 9   DC  B H6     1 
ATOM   261 P  P      . DG  A 1 10 ? 10.96084  7.27059   -0.09291  1.000 36.79381 ? 10  DG  B P      1 
ATOM   262 O  OP1    . DG  A 1 10 ? 10.39654  8.58072   -0.44178  1.000 40.34641 ? 10  DG  B OP1    1 
ATOM   263 O  OP2    . DG  A 1 10 ? 12.19306  6.70224   -0.72707  1.000 35.22812 ? 10  DG  B OP2    1 
ATOM   264 O  "O5'"  . DG  A 1 10 ? 11.31588  7.18082   1.46621   1.000 31.25167 ? 10  DG  B "O5'"  1 
ATOM   265 C  "C5'"  . DG  A 1 10 ? 10.36395  7.60975   2.41530   1.000 32.13336 ? 10  DG  B "C5'"  1 
ATOM   266 C  "C4'"  . DG  A 1 10 ? 10.76057  7.15517   3.80429   1.000 31.66382 ? 10  DG  B "C4'"  1 
ATOM   267 O  "O4'"  . DG  A 1 10 ? 10.49956  5.72558   3.94936   1.000 28.59258 ? 10  DG  B "O4'"  1 
ATOM   268 C  "C3'"  . DG  A 1 10 ? 12.25134  7.32112   4.14577   1.000 34.22951 ? 10  DG  B "C3'"  1 
ATOM   269 O  "O3'"  . DG  A 1 10 ? 12.41805  7.65195   5.50576   1.000 34.68389 ? 10  DG  B "O3'"  1 
ATOM   270 C  "C2'"  . DG  A 1 10 ? 12.79048  5.93565   3.88461   1.000 30.74961 ? 10  DG  B "C2'"  1 
ATOM   271 C  "C1'"  . DG  A 1 10 ? 11.66596  5.14355   4.49171   1.000 28.64411 ? 10  DG  B "C1'"  1 
ATOM   272 N  N9     . DG  A 1 10 ? 11.68877  3.73169   4.20732   1.000 26.55656 ? 10  DG  B N9     1 
ATOM   273 C  C8     . DG  A 1 10 ? 12.29570  3.08790   3.15782   1.000 27.48672 ? 10  DG  B C8     1 
ATOM   274 N  N7     . DG  A 1 10 ? 12.13135  1.79152   3.18644   1.000 24.63154 ? 10  DG  B N7     1 
ATOM   275 C  C5     . DG  A 1 10 ? 11.37398  1.57322   4.33122   1.000 23.70956 ? 10  DG  B C5     1 
ATOM   276 C  C6     . DG  A 1 10 ? 10.88471  0.37988   4.88297   1.000 22.43779 ? 10  DG  B C6     1 
ATOM   277 O  O6     . DG  A 1 10 ? 11.03958  -0.78000  4.46765   1.000 24.88968 ? 10  DG  B O6     1 
ATOM   278 N  N1     . DG  A 1 10 ? 10.15562  0.61507   6.05391   1.000 21.65487 ? 10  DG  B N1     1 
ATOM   279 C  C2     . DG  A 1 10 ? 9.93488   1.85177   6.60366   1.000 23.63125 ? 10  DG  B C2     1 
ATOM   280 N  N2     . DG  A 1 10 ? 9.21490   1.89400   7.73298   1.000 23.99517 ? 10  DG  B N2     1 
ATOM   281 N  N3     . DG  A 1 10 ? 10.38695  2.98653   6.08445   1.000 24.08591 ? 10  DG  B N3     1 
ATOM   282 C  C4     . DG  A 1 10 ? 11.10016  2.76529   4.96318   1.000 23.04431 ? 10  DG  B C4     1 
ATOM   283 H  "H5'"  . DG  A 1 10 ? 9.49651   7.23811   2.19099   1.000 38.51768 ? 10  DG  B "H5'"  1 
ATOM   284 H  "H5''" . DG  A 1 10 ? 10.30674  8.57791   2.39813   1.000 38.51768 ? 10  DG  B "H5''" 1 
ATOM   285 H  "H4'"  . DG  A 1 10 ? 10.22754  7.64384   4.45082   1.000 37.95422 ? 10  DG  B "H4'"  1 
ATOM   286 H  "H3'"  . DG  A 1 10 ? 12.65322  7.98928   3.56876   1.000 41.03305 ? 10  DG  B "H3'"  1 
ATOM   287 H  "H2'"  . DG  A 1 10 ? 12.89830  5.75522   2.93765   1.000 36.85717 ? 10  DG  B "H2'"  1 
ATOM   288 H  "H2''" . DG  A 1 10 ? 13.63559  5.77888   4.33419   1.000 36.85717 ? 10  DG  B "H2''" 1 
ATOM   289 H  "H1'"  . DG  A 1 10 ? 11.67326  5.23391   5.45747   1.000 34.33057 ? 10  DG  B "H1'"  1 
ATOM   290 H  H8     . DG  A 1 10 ? 12.77497  3.52913   2.49412   1.000 32.94171 ? 10  DG  B H8     1 
ATOM   291 H  H1     . DG  A 1 10 ? 9.82134   -0.06616  6.45860   1.000 25.94349 ? 10  DG  B H1     1 
ATOM   292 H  H21    . DG  A 1 10 ? 9.05167   2.64907   8.11089   1.000 28.75185 ? 10  DG  B H21    1 
ATOM   293 H  H22    . DG  A 1 10 ? 8.91604   1.16603   8.07987   1.000 28.75185 ? 10  DG  B H22    1 
ATOM   294 P  P      . DC  A 1 11 ? 12.73169  9.14962   5.98234   1.000 39.30108 ? 11  DC  B P      1 
ATOM   295 O  OP1    . DC  A 1 11 ? 12.02284  10.09266  5.07724   1.000 39.92868 ? 11  DC  B OP1    1 
ATOM   296 O  OP2    . DC  A 1 11 ? 14.19631  9.21417   6.18051   1.000 41.60744 ? 11  DC  B OP2    1 
ATOM   297 O  "O5'"  . DC  A 1 11 ? 12.06169  9.17893   7.43735   1.000 37.53323 ? 11  DC  B "O5'"  1 
ATOM   298 C  "C5'"  . DC  A 1 11 ? 10.65061  9.16078   7.54274   1.000 33.84170 ? 11  DC  B "C5'"  1 
ATOM   299 C  "C4'"  . DC  A 1 11 ? 10.17252  8.23313   8.65195   1.000 33.45304 ? 11  DC  B "C4'"  1 
ATOM   300 O  "O4'"  . DC  A 1 11 ? 10.48487  6.85014   8.34651   1.000 31.12314 ? 11  DC  B "O4'"  1 
ATOM   301 C  "C3'"  . DC  A 1 11 ? 10.77971  8.48821   10.01074  1.000 35.02489 ? 11  DC  B "C3'"  1 
ATOM   302 O  "O3'"  . DC  A 1 11 ? 9.77100   8.34257   10.96770  1.000 35.58263 ? 11  DC  B "O3'"  1 
ATOM   303 C  "C2'"  . DC  A 1 11 ? 11.87615  7.42459   10.12019  1.000 31.40137 ? 11  DC  B "C2'"  1 
ATOM   304 C  "C1'"  . DC  A 1 11 ? 11.22252  6.25637   9.41557   1.000 26.98488 ? 11  DC  B "C1'"  1 
ATOM   305 N  N1     . DC  A 1 11 ? 12.11051  5.25820   8.80527   1.000 25.81396 ? 11  DC  B N1     1 
ATOM   306 C  C2     . DC  A 1 11 ? 11.89010  3.89749   9.05700   1.000 23.85819 ? 11  DC  B C2     1 
ATOM   307 O  O2     . DC  A 1 11 ? 11.03818  3.57600   9.88219   1.000 24.46408 ? 11  DC  B O2     1 
ATOM   308 N  N3     . DC  A 1 11 ? 12.64723  2.97196   8.42433   1.000 26.00159 ? 11  DC  B N3     1 
ATOM   309 C  C4     . DC  A 1 11 ? 13.55637  3.35642   7.53793   1.000 29.31979 ? 11  DC  B C4     1 
ATOM   310 N  N4     . DC  A 1 11 ? 14.26201  2.40846   6.92307   1.000 26.61023 ? 11  DC  B N4     1 
ATOM   311 C  C5     . DC  A 1 11 ? 13.77564  4.73638   7.23128   1.000 28.48374 ? 11  DC  B C5     1 
ATOM   312 C  C6     . DC  A 1 11 ? 13.02182  5.64286   7.86848   1.000 29.18042 ? 11  DC  B C6     1 
ATOM   313 H  "H5'"  . DC  A 1 11 ? 10.27568  8.86247   6.69933   1.000 40.56768 ? 11  DC  B "H5'"  1 
ATOM   314 H  "H5''" . DC  A 1 11 ? 10.33707  10.05997  7.72729   1.000 40.56768 ? 11  DC  B "H5''" 1 
ATOM   315 H  "H4'"  . DC  A 1 11 ? 9.20772   8.31534   8.70931   1.000 40.10129 ? 11  DC  B "H4'"  1 
ATOM   316 H  "H3'"  . DC  A 1 11 ? 11.19686  9.36219   10.06618  1.000 41.98751 ? 11  DC  B "H3'"  1 
ATOM   317 H  "H2'"  . DC  A 1 11 ? 12.69018  7.70264   9.67193   1.000 37.63929 ? 11  DC  B "H2'"  1 
ATOM   318 H  "H2''" . DC  A 1 11 ? 12.08055  7.21551   11.04507  1.000 37.63929 ? 11  DC  B "H2''" 1 
ATOM   319 H  "H1'"  . DC  A 1 11 ? 10.66395  5.79816   10.06283  1.000 32.33950 ? 11  DC  B "H1'"  1 
ATOM   320 H  H41    . DC  A 1 11 ? 14.85904  2.62478   6.34309   1.000 31.88992 ? 11  DC  B H41    1 
ATOM   321 H  H42    . DC  A 1 11 ? 14.12054  1.58016   7.10611   1.000 31.88992 ? 11  DC  B H42    1 
ATOM   322 H  H5     . DC  A 1 11 ? 14.41878  4.99537   6.61144   1.000 34.13813 ? 11  DC  B H5     1 
ATOM   323 H  H6     . DC  A 1 11 ? 13.12204  6.54560   7.66873   1.000 34.97415 ? 11  DC  B H6     1 
ATOM   324 P  P      . DG  A 1 12 ? 9.92915   9.00775   12.40817  1.000 43.31727 ? 12  DG  B P      1 
ATOM   325 O  OP1    . DG  A 1 12 ? 8.55671   9.16450   12.92839  1.000 40.96467 ? 12  DG  B OP1    1 
ATOM   326 O  OP2    . DG  A 1 12 ? 10.89060  10.14171  12.37070  1.000 45.06537 ? 12  DG  B OP2    1 
ATOM   327 O  "O5'"  . DG  A 1 12 ? 10.66861  7.88843   13.25491  1.000 36.17957 ? 12  DG  B "O5'"  1 
ATOM   328 C  "C5'"  . DG  A 1 12 ? 9.96337   6.74647   13.73532  1.000 34.41515 ? 12  DG  B "C5'"  1 
ATOM   329 C  "C4'"  . DG  A 1 12 ? 10.91454  5.83414   14.47889  1.000 29.38680 ? 12  DG  B "C4'"  1 
ATOM   330 O  "O4'"  . DG  A 1 12 ? 11.65474  5.09613   13.51847  1.000 27.91212 ? 12  DG  B "O4'"  1 
ATOM   331 C  "C3'"  . DG  A 1 12 ? 11.94070  6.56511   15.34083  1.000 30.70891 ? 12  DG  B "C3'"  1 
ATOM   332 O  "O3'"  . DG  A 1 12 ? 11.67069  6.36045   16.72798  1.000 32.87706 ? 12  DG  B "O3'"  1 
ATOM   333 C  "C2'"  . DG  A 1 12 ? 13.30285  5.98303   14.91524  1.000 30.17855 ? 12  DG  B "C2'"  1 
ATOM   334 C  "C1'"  . DG  A 1 12 ? 12.93962  4.82531   14.00528  1.000 26.54900 ? 12  DG  B "C1'"  1 
ATOM   335 N  N9     . DG  A 1 12 ? 13.78435  4.65472   12.83359  1.000 26.75382 ? 12  DG  B N9     1 
ATOM   336 C  C8     . DG  A 1 12 ? 14.27316  5.63966   11.99703  1.000 30.98290 ? 12  DG  B C8     1 
ATOM   337 N  N7     . DG  A 1 12 ? 14.93467  5.16396   10.98105  1.000 30.12408 ? 12  DG  B N7     1 
ATOM   338 C  C5     . DG  A 1 12 ? 14.85931  3.78177   11.14696  1.000 27.25550 ? 12  DG  B C5     1 
ATOM   339 C  C6     . DG  A 1 12 ? 15.37905  2.72532   10.35556  1.000 26.14906 ? 12  DG  B C6     1 
ATOM   340 O  O6     . DG  A 1 12 ? 16.06300  2.80129   9.32731   1.000 28.93389 ? 12  DG  B O6     1 
ATOM   341 N  N1     . DG  A 1 12 ? 15.06460  1.47842   10.88085  1.000 26.96431 ? 12  DG  B N1     1 
ATOM   342 C  C2     . DG  A 1 12 ? 14.33593  1.27336   12.02768  1.000 25.54953 ? 12  DG  B C2     1 
ATOM   343 N  N2     . DG  A 1 12 ? 14.14457  0.01025   12.38029  1.000 24.80784 ? 12  DG  B N2     1 
ATOM   344 N  N3     . DG  A 1 12 ? 13.82745  2.25035   12.76724  1.000 23.01745 ? 12  DG  B N3     1 
ATOM   345 C  C4     . DG  A 1 12 ? 14.13005  3.46777   12.26917  1.000 25.91576 ? 12  DG  B C4     1 
ATOM   346 H  "H5'"  . DG  A 1 12 ? 9.57344   6.26785   12.98714  1.000 41.25582 ? 12  DG  B "H5'"  1 
ATOM   347 H  "H5''" . DG  A 1 12 ? 9.25389   7.03113   14.33241  1.000 41.25582 ? 12  DG  B "H5''" 1 
ATOM   348 H  "H4'"  . DG  A 1 12 ? 10.42307  5.21823   15.04461  1.000 35.22181 ? 12  DG  B "H4'"  1 
ATOM   349 H  "H3'"  . DG  A 1 12 ? 11.92182  7.51004   15.12251  1.000 36.80833 ? 12  DG  B "H3'"  1 
ATOM   350 H  "HO3'" . DG  A 1 12 ? 11.39038  6.99653   17.19961  1.000 39.41012 ? 12  DG  B "HO3'" 1 
ATOM   351 H  "H2'"  . DG  A 1 12 ? 13.82971  6.64493   14.44068  1.000 36.17190 ? 12  DG  B "H2'"  1 
ATOM   352 H  "H2''" . DG  A 1 12 ? 13.80397  5.67407   15.68616  1.000 36.17190 ? 12  DG  B "H2''" 1 
ATOM   353 H  "H1'"  . DG  A 1 12 ? 12.96266  4.01790   14.54234  1.000 31.81644 ? 12  DG  B "H1'"  1 
ATOM   354 H  H8     . DG  A 1 12 ? 14.14318  6.54869   12.14425  1.000 37.13712 ? 12  DG  B H8     1 
ATOM   355 H  H1     . DG  A 1 12 ? 15.34630  0.78469   10.45777  1.000 32.31482 ? 12  DG  B H1     1 
ATOM   356 H  H21    . DG  A 1 12 ? 13.69145  -0.17488  13.08741  1.000 29.72705 ? 12  DG  B H21    1 
ATOM   357 H  H22    . DG  A 1 12 ? 14.47351  -0.62427  11.90198  1.000 29.72705 ? 12  DG  B H22    1 
ATOM   358 O  "O5'"  . DC  B 2 1  ? 19.08242  -5.66565  7.80348   1.000 42.93274 ? 13  DC  C "O5'"  1 
ATOM   359 C  "C5'"  . DC  B 2 1  ? 19.26725  -6.27858  9.07262   1.000 36.28846 ? 13  DC  C "C5'"  1 
ATOM   360 C  "C4'"  . DC  B 2 1  ? 18.02727  -6.13114  9.93388   1.000 34.64145 ? 13  DC  C "C4'"  1 
ATOM   361 O  "O4'"  . DC  B 2 1  ? 17.71430  -4.72407  10.11702  1.000 30.61904 ? 13  DC  C "O4'"  1 
ATOM   362 C  "C3'"  . DC  B 2 1  ? 16.77162  -6.77787  9.37650   1.000 35.59888 ? 13  DC  C "C3'"  1 
ATOM   363 O  "O3'"  . DC  B 2 1  ? 16.13791  -7.50316  10.41015  1.000 37.86307 ? 13  DC  C "O3'"  1 
ATOM   364 C  "C2'"  . DC  B 2 1  ? 15.94154  -5.59858  8.86296   1.000 31.84940 ? 13  DC  C "C2'"  1 
ATOM   365 C  "C1'"  . DC  B 2 1  ? 16.38646  -4.45043  9.76177   1.000 30.80577 ? 13  DC  C "C1'"  1 
ATOM   366 N  N1     . DC  B 2 1  ? 16.39972  -3.09421  9.13812   1.000 30.20890 ? 13  DC  C N1     1 
ATOM   367 C  C2     . DC  B 2 1  ? 15.83546  -1.99899  9.81431   1.000 27.36394 ? 13  DC  C C2     1 
ATOM   368 O  O2     . DC  B 2 1  ? 15.26278  -2.18654  10.89511  1.000 28.67174 ? 13  DC  C O2     1 
ATOM   369 N  N3     . DC  B 2 1  ? 15.90651  -0.77666  9.25366   1.000 28.68043 ? 13  DC  C N3     1 
ATOM   370 C  C4     . DC  B 2 1  ? 16.53298  -0.60764  8.08675   1.000 32.13690 ? 13  DC  C C4     1 
ATOM   371 N  N4     . DC  B 2 1  ? 16.57091  0.62165   7.56695   1.000 31.42642 ? 13  DC  C N4     1 
ATOM   372 C  C5     . DC  B 2 1  ? 17.14132  -1.69910  7.40067   1.000 31.91715 ? 13  DC  C C5     1 
ATOM   373 C  C6     . DC  B 2 1  ? 17.07016  -2.90454  7.96965   1.000 34.15531 ? 13  DC  C C6     1 
ATOM   374 H  "H5'"  . DC  B 2 1  ? 20.01903  -5.86149  9.52181   1.000 43.50379 ? 13  DC  C "H5'"  1 
ATOM   375 H  "H5''" . DC  B 2 1  ? 19.45797  -7.22129  8.94681   1.000 43.50379 ? 13  DC  C "H5''" 1 
ATOM   376 H  "H4'"  . DC  B 2 1  ? 18.20709  -6.51440  10.80663  1.000 41.52739 ? 13  DC  C "H4'"  1 
ATOM   377 H  "H3'"  . DC  B 2 1  ? 16.97610  -7.35288  8.62255   1.000 42.67630 ? 13  DC  C "H3'"  1 
ATOM   378 H  "H2'"  . DC  B 2 1  ? 16.13713  -5.41108  7.93156   1.000 38.17692 ? 13  DC  C "H2'"  1 
ATOM   379 H  "H2''" . DC  B 2 1  ? 14.99162  -5.77052  8.95775   1.000 38.17692 ? 13  DC  C "H2''" 1 
ATOM   380 H  "H1'"  . DC  B 2 1  ? 15.79386  -4.44380  10.52969  1.000 36.92457 ? 13  DC  C "H1'"  1 
ATOM   381 H  H41    . DC  B 2 1  ? 16.96778  0.75913   6.81649   1.000 37.66935 ? 13  DC  C H41    1 
ATOM   382 H  H42    . DC  B 2 1  ? 16.19846  1.27595   7.98261   1.000 37.66935 ? 13  DC  C H42    1 
ATOM   383 H  H5     . DC  B 2 1  ? 17.57232  -1.57578  6.58585   1.000 38.25823 ? 13  DC  C H5     1 
ATOM   384 H  H6     . DC  B 2 1  ? 17.48659  -3.62804  7.55973   1.000 40.94401 ? 13  DC  C H6     1 
ATOM   385 H  "HO5'" . DC  B 2 1  ? 19.60257  -5.05242  7.55726   1.000 51.47693 ? 13  DC  C "HO5'" 1 
ATOM   386 P  P      . DG  B 2 2  ? 14.89021  -8.45954  10.10715  1.000 40.28746 ? 14  DG  C P      1 
ATOM   387 O  OP1    . DG  B 2 2  ? 15.03480  -9.62770  10.99755  1.000 46.50341 ? 14  DG  C OP1    1 
ATOM   388 O  OP2    . DG  B 2 2  ? 14.71498  -8.60513  8.64555   1.000 42.18724 ? 14  DG  C OP2    1 
ATOM   389 O  "O5'"  . DG  B 2 2  ? 13.65209  -7.60583  10.62126  1.000 31.61376 ? 14  DG  C "O5'"  1 
ATOM   390 C  "C5'"  . DG  B 2 2  ? 13.61965  -7.19866  11.96561  1.000 30.37279 ? 14  DG  C "C5'"  1 
ATOM   391 C  "C4'"  . DG  B 2 2  ? 12.52160  -6.19454  12.18830  1.000 27.99787 ? 14  DG  C "C4'"  1 
ATOM   392 O  "O4'"  . DG  B 2 2  ? 12.86234  -4.98385  11.51305  1.000 28.27790 ? 14  DG  C "O4'"  1 
ATOM   393 C  "C3'"  . DG  B 2 2  ? 11.15903  -6.62721  11.66360  1.000 27.27151 ? 14  DG  C "C3'"  1 
ATOM   394 O  "O3'"  . DG  B 2 2  ? 10.28764  -6.73201  12.73864  1.000 25.48233 ? 14  DG  C "O3'"  1 
ATOM   395 C  "C2'"  . DG  B 2 2  ? 10.74815  -5.53789  10.66600  1.000 26.46987 ? 14  DG  C "C2'"  1 
ATOM   396 C  "C1'"  . DG  B 2 2  ? 11.70417  -4.39493  10.97390  1.000 27.15817 ? 14  DG  C "C1'"  1 
ATOM   397 N  N9     . DG  B 2 2  ? 12.12278  -3.62908  9.82368   1.000 23.47683 ? 14  DG  C N9     1 
ATOM   398 C  C8     . DG  B 2 2  ? 12.70522  -4.11485  8.68026   1.000 26.98788 ? 14  DG  C C8     1 
ATOM   399 N  N7     . DG  B 2 2  ? 13.01543  -3.17932  7.81939   1.000 23.79265 ? 14  DG  C N7     1 
ATOM   400 C  C5     . DG  B 2 2  ? 12.63340  -2.00838  8.44823   1.000 23.50012 ? 14  DG  C C5     1 
ATOM   401 C  C6     . DG  B 2 2  ? 12.72735  -0.67472  8.00549   1.000 23.33533 ? 14  DG  C C6     1 
ATOM   402 O  O6     . DG  B 2 2  ? 13.19063  -0.25726  6.94004   1.000 25.65013 ? 14  DG  C O6     1 
ATOM   403 N  N1     . DG  B 2 2  ? 12.23367  0.21849   8.94585   1.000 20.68444 ? 14  DG  C N1     1 
ATOM   404 C  C2     . DG  B 2 2  ? 11.69895  -0.13955  10.15961  1.000 20.89681 ? 14  DG  C C2     1 
ATOM   405 N  N2     . DG  B 2 2  ? 11.26045  0.85950   10.92255  1.000 21.60688 ? 14  DG  C N2     1 
ATOM   406 N  N3     . DG  B 2 2  ? 11.60181  -1.39576  10.59535  1.000 21.17264 ? 14  DG  C N3     1 
ATOM   407 C  C4     . DG  B 2 2  ? 12.09930  -2.27183  9.69378   1.000 22.55094 ? 14  DG  C C4     1 
ATOM   408 H  "H5'"  . DG  B 2 2  ? 14.47185  -6.79923  12.20034  1.000 36.40499 ? 14  DG  C "H5'"  1 
ATOM   409 H  "H5''" . DG  B 2 2  ? 13.46675  -7.97174  12.53120  1.000 36.40499 ? 14  DG  C "H5''" 1 
ATOM   410 H  "H4'"  . DG  B 2 2  ? 12.43279  -5.99823  13.13406  1.000 33.55509 ? 14  DG  C "H4'"  1 
ATOM   411 H  "H3'"  . DG  B 2 2  ? 11.23089  -7.46156  11.17411  1.000 32.68346 ? 14  DG  C "H3'"  1 
ATOM   412 H  "H2'"  . DG  B 2 2  ? 10.85407  -5.84440  9.75182   1.000 31.72148 ? 14  DG  C "H2'"  1 
ATOM   413 H  "H2''" . DG  B 2 2  ? 9.82660   -5.26841  10.80396  1.000 31.72148 ? 14  DG  C "H2''" 1 
ATOM   414 H  "H1'"  . DG  B 2 2  ? 11.27717  -3.80854  11.61790  1.000 32.54745 ? 14  DG  C "H1'"  1 
ATOM   415 H  H8     . DG  B 2 2  ? 12.86379  -5.01912  8.53178   1.000 32.34310 ? 14  DG  C H8     1 
ATOM   416 H  H1     . DG  B 2 2  ? 12.26468  1.05649   8.75505   1.000 24.77897 ? 14  DG  C H1     1 
ATOM   417 H  H21    . DG  B 2 2  ? 10.91630  0.69315   11.69292  1.000 25.88590 ? 14  DG  C H21    1 
ATOM   418 H  H22    . DG  B 2 2  ? 11.32136  1.67120   10.64500  1.000 25.88590 ? 14  DG  C H22    1 
ATOM   419 P  P      . DC  B 2 3  ? 8.74995   -7.14595  12.52492  1.000 30.46956 ? 15  DC  C P      1 
ATOM   420 O  OP1    . DC  B 2 3  ? 8.34745   -7.74923  13.80934  1.000 32.37685 ? 15  DC  C OP1    1 
ATOM   421 O  OP2    . DC  B 2 3  ? 8.59817   -7.86720  11.22248  1.000 34.47995 ? 15  DC  C OP2    1 
ATOM   422 O  "O5'"  . DC  B 2 3  ? 7.97515   -5.77853  12.34268  1.000 27.92401 ? 15  DC  C "O5'"  1 
ATOM   423 C  "C5'"  . DC  B 2 3  ? 7.92211   -4.83091  13.40558  1.000 27.44947 ? 15  DC  C "C5'"  1 
ATOM   424 C  "C4'"  . DC  B 2 3  ? 7.56035   -3.45718  12.88342  1.000 24.49704 ? 15  DC  C "C4'"  1 
ATOM   425 O  "O4'"  . DC  B 2 3  ? 8.47155   -3.06677  11.84737  1.000 25.48766 ? 15  DC  C "O4'"  1 
ATOM   426 C  "C3'"  . DC  B 2 3  ? 6.19706   -3.37423  12.25445  1.000 26.67142 ? 15  DC  C "C3'"  1 
ATOM   427 O  "O3'"  . DC  B 2 3  ? 5.26988   -3.05417  13.23284  1.000 28.82097 ? 15  DC  C "O3'"  1 
ATOM   428 C  "C2'"  . DC  B 2 3  ? 6.33071   -2.28528  11.18760  1.000 28.61266 ? 15  DC  C "C2'"  1 
ATOM   429 C  "C1'"  . DC  B 2 3  ? 7.84001   -2.12320  11.00580  1.000 23.21947 ? 15  DC  C "C1'"  1 
ATOM   430 N  N1     . DC  B 2 3  ? 8.32378   -2.37744  9.62743   1.000 21.79618 ? 15  DC  C N1     1 
ATOM   431 C  C2     . DC  B 2 3  ? 8.64514   -1.30662  8.80017   1.000 20.14432 ? 15  DC  C C2     1 
ATOM   432 O  O2     . DC  B 2 3  ? 8.49231   -0.17431  9.22066   1.000 23.03254 ? 15  DC  C O2     1 
ATOM   433 N  N3     . DC  B 2 3  ? 9.14319   -1.55231  7.56665   1.000 19.71226 ? 15  DC  C N3     1 
ATOM   434 C  C4     . DC  B 2 3  ? 9.30053   -2.80434  7.15604   1.000 22.35274 ? 15  DC  C C4     1 
ATOM   435 N  N4     . DC  B 2 3  ? 9.77976   -3.00782  5.92770   1.000 23.28065 ? 15  DC  C N4     1 
ATOM   436 C  C5     . DC  B 2 3  ? 8.97355   -3.91406  7.98349   1.000 25.15998 ? 15  DC  C C5     1 
ATOM   437 C  C6     . DC  B 2 3  ? 8.50422   -3.65171  9.21098   1.000 25.62022 ? 15  DC  C C6     1 
ATOM   438 H  "H5'"  . DC  B 2 3  ? 8.78794   -4.78981  13.84093  1.000 32.89700 ? 15  DC  C "H5'"  1 
ATOM   439 H  "H5''" . DC  B 2 3  ? 7.25645   -5.11273  14.05241  1.000 32.89700 ? 15  DC  C "H5''" 1 
ATOM   440 H  "H4'"  . DC  B 2 3  ? 7.62858   -2.81849  13.61028  1.000 29.35410 ? 15  DC  C "H4'"  1 
ATOM   441 H  "H3'"  . DC  B 2 3  ? 5.97356   -4.20809  11.81217  1.000 31.96335 ? 15  DC  C "H3'"  1 
ATOM   442 H  "H2'"  . DC  B 2 3  ? 5.90960   -2.55984  10.35803  1.000 34.29284 ? 15  DC  C "H2'"  1 
ATOM   443 H  "H2''" . DC  B 2 3  ? 5.92705   -1.45571  11.48722  1.000 34.29284 ? 15  DC  C "H2''" 1 
ATOM   444 H  "H1'"  . DC  B 2 3  ? 8.07531   -1.22294  11.27979  1.000 27.82101 ? 15  DC  C "H1'"  1 
ATOM   445 H  H41    . DC  B 2 3  ? 9.89135   -3.80949  5.63702   1.000 27.89443 ? 15  DC  C H41    1 
ATOM   446 H  H42    . DC  B 2 3  ? 9.97710   -2.33735  5.42659   1.000 27.89443 ? 15  DC  C H42    1 
ATOM   447 H  H5     . DC  B 2 3  ? 9.08130   -4.78797  7.68421   1.000 30.14962 ? 15  DC  C H5     1 
ATOM   448 H  H6     . DC  B 2 3  ? 8.29988   -4.35504  9.78410   1.000 30.70191 ? 15  DC  C H6     1 
ATOM   449 P  P      . DG  B 2 4  ? 3.71683   -3.10519  12.87892  1.000 31.35554 ? 16  DG  C P      1 
ATOM   450 O  OP1    . DG  B 2 4  ? 3.01979   -3.36118  14.16728  1.000 34.73020 ? 16  DG  C OP1    1 
ATOM   451 O  OP2    . DG  B 2 4  ? 3.56847   -4.03354  11.73328  1.000 32.92144 ? 16  DG  C OP2    1 
ATOM   452 O  "O5'"  . DG  B 2 4  ? 3.37670   -1.63598  12.37816  1.000 30.71569 ? 16  DG  C "O5'"  1 
ATOM   453 C  "C5'"  . DG  B 2 4  ? 3.66755   -0.51003  13.20855  1.000 29.03040 ? 16  DG  C "C5'"  1 
ATOM   454 C  "C4'"  . DG  B 2 4  ? 3.49375   0.76665   12.43932  1.000 27.31333 ? 16  DG  C "C4'"  1 
ATOM   455 O  "O4'"  . DG  B 2 4  ? 4.35876   0.75159   11.27035  1.000 29.12811 ? 16  DG  C "O4'"  1 
ATOM   456 C  "C3'"  . DG  B 2 4  ? 2.08493   0.98112   11.90493  1.000 27.63237 ? 16  DG  C "C3'"  1 
ATOM   457 O  "O3'"  . DG  B 2 4  ? 1.76451   2.34980   11.96080  1.000 30.92440 ? 16  DG  C "O3'"  1 
ATOM   458 C  "C2'"  . DG  B 2 4  ? 2.16866   0.43201   10.48908  1.000 26.66524 ? 16  DG  C "C2'"  1 
ATOM   459 C  "C1'"  . DG  B 2 4  ? 3.58813   0.79161   10.08614  1.000 29.25371 ? 16  DG  C "C1'"  1 
ATOM   460 N  N9     . DG  B 2 4  ? 4.17763   -0.10947  9.10503   1.000 23.87526 ? 16  DG  C N9     1 
ATOM   461 C  C8     . DG  B 2 4  ? 4.03219   -1.46718  9.02173   1.000 23.05886 ? 16  DG  C C8     1 
ATOM   462 N  N7     . DG  B 2 4  ? 4.68140   -2.00017  8.02038   1.000 23.43018 ? 16  DG  C N7     1 
ATOM   463 C  C5     . DG  B 2 4  ? 5.28821   -0.92993  7.39427   1.000 20.48060 ? 16  DG  C C5     1 
ATOM   464 C  C6     . DG  B 2 4  ? 6.12277   -0.89133  6.24319   1.000 19.80843 ? 16  DG  C C6     1 
ATOM   465 O  O6     . DG  B 2 4  ? 6.49319   -1.84470  5.52368   1.000 22.34206 ? 16  DG  C O6     1 
ATOM   466 N  N1     . DG  B 2 4  ? 6.51289   0.41589   5.94135   1.000 20.25327 ? 16  DG  C N1     1 
ATOM   467 C  C2     . DG  B 2 4  ? 6.16122   1.53231   6.66923   1.000 21.03862 ? 16  DG  C C2     1 
ATOM   468 N  N2     . DG  B 2 4  ? 6.64276   2.69677   6.23550   1.000 21.94820 ? 16  DG  C N2     1 
ATOM   469 N  N3     . DG  B 2 4  ? 5.38662   1.50510   7.74774   1.000 22.49272 ? 16  DG  C N3     1 
ATOM   470 C  C4     . DG  B 2 4  ? 4.98853   0.24633   8.04821   1.000 23.05226 ? 16  DG  C C4     1 
ATOM   471 H  "H5'"  . DG  B 2 4  ? 4.58215   -0.57225  13.52562  1.000 34.79412 ? 16  DG  C "H5'"  1 
ATOM   472 H  "H5''" . DG  B 2 4  ? 3.06822   -0.50984  13.97125  1.000 34.79412 ? 16  DG  C "H5''" 1 
ATOM   473 H  "H4'"  . DG  B 2 4  ? 3.74596   1.51889   12.99737  1.000 32.73364 ? 16  DG  C "H4'"  1 
ATOM   474 H  "H3'"  . DG  B 2 4  ? 1.43233   0.46527   12.40384  1.000 33.11649 ? 16  DG  C "H3'"  1 
ATOM   475 H  "H2'"  . DG  B 2 4  ? 2.02933   -0.52780  10.47351  1.000 31.95593 ? 16  DG  C "H2'"  1 
ATOM   476 H  "H2''" . DG  B 2 4  ? 1.51819   0.85503   9.90698   1.000 31.95593 ? 16  DG  C "H2''" 1 
ATOM   477 H  "H1'"  . DG  B 2 4  ? 3.60007   1.69184   9.72511   1.000 35.06210 ? 16  DG  C "H1'"  1 
ATOM   478 H  H8     . DG  B 2 4  ? 3.52086   -1.96296  9.61977   1.000 27.62827 ? 16  DG  C H8     1 
ATOM   479 H  H1     . DG  B 2 4  ? 7.00990   0.53274   5.24930   1.000 24.26156 ? 16  DG  C H1     1 
ATOM   480 H  H21    . DG  B 2 4  ? 6.45137   3.42366   6.65334   1.000 26.29548 ? 16  DG  C H21    1 
ATOM   481 H  H22    . DG  B 2 4  ? 7.14491   2.72133   5.53776   1.000 26.29548 ? 16  DG  C H22    1 
ATOM   482 P  P      . DT  B 2 5  ? 0.50751   2.96475   11.18163  1.000 37.54306 ? 17  DT  C P      1 
ATOM   483 O  OP1    . DT  B 2 5  ? 0.05210   4.02958   12.09222  1.000 40.13655 ? 17  DT  C OP1    1 
ATOM   484 O  OP2    . DT  B 2 5  ? -0.43206  1.92509   10.65780  1.000 39.75432 ? 17  DT  C OP2    1 
ATOM   485 O  "O5'"  . DT  B 2 5  ? 1.18330   3.62815   9.90907   1.000 31.89436 ? 17  DT  C "O5'"  1 
ATOM   486 C  "C5'"  . DT  B 2 5  ? 2.31412   4.42170   10.07096  1.000 31.99573 ? 17  DT  C "C5'"  1 
ATOM   487 C  "C4'"  . DT  B 2 5  ? 2.75081   4.97372   8.74870   1.000 27.72536 ? 17  DT  C "C4'"  1 
ATOM   488 O  "O4'"  . DT  B 2 5  ? 3.26084   3.90967   7.90683   1.000 30.67704 ? 17  DT  C "O4'"  1 
ATOM   489 C  "C3'"  . DT  B 2 5  ? 1.63666   5.65547   7.96566   1.000 31.49575 ? 17  DT  C "C3'"  1 
ATOM   490 O  "O3'"  . DT  B 2 5  ? 2.14438   6.85761   7.40909   1.000 34.19613 ? 17  DT  C "O3'"  1 
ATOM   491 C  "C2'"  . DT  B 2 5  ? 1.26112   4.60488   6.90372   1.000 28.91561 ? 17  DT  C "C2'"  1 
ATOM   492 C  "C1'"  . DT  B 2 5  ? 2.58824   3.90555   6.65150   1.000 28.32181 ? 17  DT  C "C1'"  1 
ATOM   493 N  N1     . DT  B 2 5  ? 2.50793   2.45164   6.18531   1.000 23.89424 ? 17  DT  C N1     1 
ATOM   494 C  C2     . DT  B 2 5  ? 3.24678   2.02611   5.08369   1.000 21.18084 ? 17  DT  C C2     1 
ATOM   495 O  O2     . DT  B 2 5  ? 3.89934   2.76191   4.38782   1.000 23.46755 ? 17  DT  C O2     1 
ATOM   496 N  N3     . DT  B 2 5  ? 3.16995   0.68627   4.80974   1.000 23.54021 ? 17  DT  C N3     1 
ATOM   497 C  C4     . DT  B 2 5  ? 2.46135   -0.25955  5.47939   1.000 23.83301 ? 17  DT  C C4     1 
ATOM   498 O  O4     . DT  B 2 5  ? 2.46237   -1.45350  5.13304   1.000 28.02176 ? 17  DT  C O4     1 
ATOM   499 C  C5     . DT  B 2 5  ? 1.72101   0.21743   6.61916   1.000 23.29634 ? 17  DT  C C5     1 
ATOM   500 C  C7     . DT  B 2 5  ? 0.91631   -0.75750  7.43936   1.000 28.89437 ? 17  DT  C C7     1 
ATOM   501 C  C6     . DT  B 2 5  ? 1.78577   1.53156   6.92479   1.000 24.61661 ? 17  DT  C C6     1 
ATOM   502 P  P      . DT  B 2 6  ? 1.19267   7.90500   6.65118   1.000 40.91538 ? 18  DT  C P      1 
ATOM   503 O  OP1    . DT  B 2 6  ? 1.75635   9.24739   6.86729   1.000 44.35411 ? 18  DT  C OP1    1 
ATOM   504 O  OP2    . DT  B 2 6  ? -0.22268  7.65307   7.00398   1.000 40.56317 ? 18  DT  C OP2    1 
ATOM   505 O  "O5'"  . DT  B 2 6  ? 1.41173   7.54925   5.11152   1.000 33.92222 ? 18  DT  C "O5'"  1 
ATOM   506 C  "C5'"  . DT  B 2 6  ? 2.73393   7.54904   4.59235   1.000 34.77970 ? 18  DT  C "C5'"  1 
ATOM   507 C  "C4'"  . DT  B 2 6  ? 2.75934   7.00674   3.18129   1.000 31.42822 ? 18  DT  C "C4'"  1 
ATOM   508 O  "O4'"  . DT  B 2 6  ? 2.62130   5.57511   3.19914   1.000 26.99430 ? 18  DT  C "O4'"  1 
ATOM   509 C  "C3'"  . DT  B 2 6  ? 1.64957   7.54221   2.26999   1.000 31.88260 ? 18  DT  C "C3'"  1 
ATOM   510 O  "O3'"  . DT  B 2 6  ? 2.25566   8.22891   1.19205   1.000 35.11981 ? 18  DT  C "O3'"  1 
ATOM   511 C  "C2'"  . DT  B 2 6  ? 0.86326   6.28568   1.82216   1.000 28.98822 ? 18  DT  C "C2'"  1 
ATOM   512 C  "C1'"  . DT  B 2 6  ? 1.87375   5.16944   2.05787   1.000 26.66650 ? 18  DT  C "C1'"  1 
ATOM   513 N  N1     . DT  B 2 6  ? 1.27898   3.83299   2.37214   1.000 24.88820 ? 18  DT  C N1     1 
ATOM   514 C  C2     . DT  B 2 6  ? 1.67656   2.70631   1.65109   1.000 22.03687 ? 18  DT  C C2     1 
ATOM   515 O  O2     . DT  B 2 6  ? 2.45059   2.74026   0.72724   1.000 26.95301 ? 18  DT  C O2     1 
ATOM   516 N  N3     . DT  B 2 6  ? 1.12276   1.54215   2.04977   1.000 25.71772 ? 18  DT  C N3     1 
ATOM   517 C  C4     . DT  B 2 6  ? 0.23607   1.33766   3.05966   1.000 24.83537 ? 18  DT  C C4     1 
ATOM   518 O  O4     . DT  B 2 6  ? -0.18708  0.20525   3.33103   1.000 30.22168 ? 18  DT  C O4     1 
ATOM   519 C  C5     . DT  B 2 6  ? -0.14150  2.51873   3.79389   1.000 23.79410 ? 18  DT  C C5     1 
ATOM   520 C  C7     . DT  B 2 6  ? -1.11594  2.40858   4.93171   1.000 31.01920 ? 18  DT  C C7     1 
ATOM   521 C  C6     . DT  B 2 6  ? 0.39525   3.70521   3.42425   1.000 22.86538 ? 18  DT  C C6     1 
ATOM   522 P  P      . DT  B 2 7  ? 1.37396   8.99451   0.08950   1.000 37.17301 ? 19  DT  C P      1 
ATOM   523 O  OP1    . DT  B 2 7  ? 2.15191   10.13434  -0.41067  1.000 41.45735 ? 19  DT  C OP1    1 
ATOM   524 O  OP2    . DT  B 2 7  ? -0.00815  9.14934   0.59554   1.000 41.48684 ? 19  DT  C OP2    1 
ATOM   525 O  "O5'"  . DT  B 2 7  ? 1.32042   7.94254   -1.10177  1.000 34.84052 ? 19  DT  C "O5'"  1 
ATOM   526 C  "C5'"  . DT  B 2 7  ? 2.52495   7.47910   -1.65564  1.000 34.82328 ? 19  DT  C "C5'"  1 
ATOM   527 C  "C4'"  . DT  B 2 7  ? 2.27008   6.28578   -2.52894  1.000 33.44314 ? 19  DT  C "C4'"  1 
ATOM   528 O  "O4'"  . DT  B 2 7  ? 1.72310   5.22318   -1.73904  1.000 32.08576 ? 19  DT  C "O4'"  1 
ATOM   529 C  "C3'"  . DT  B 2 7  ? 1.27174   6.54454   -3.65199  1.000 34.03807 ? 19  DT  C "C3'"  1 
ATOM   530 O  "O3'"  . DT  B 2 7  ? 1.96979   6.49961   -4.87331  1.000 32.42110 ? 19  DT  C "O3'"  1 
ATOM   531 C  "C2'"  . DT  B 2 7  ? 0.20712   5.43866   -3.49697  1.000 31.80315 ? 19  DT  C "C2'"  1 
ATOM   532 C  "C1'"  . DT  B 2 7  ? 0.88319   4.44695   -2.56384  1.000 25.09036 ? 19  DT  C "C1'"  1 
ATOM   533 N  N1     . DT  B 2 7  ? -0.01355  3.64703   -1.67563  1.000 26.02258 ? 19  DT  C N1     1 
ATOM   534 C  C2     . DT  B 2 7  ? 0.01055   2.27716   -1.79436  1.000 26.21050 ? 19  DT  C C2     1 
ATOM   535 O  O2     . DT  B 2 7  ? 0.65981   1.69248   -2.63537  1.000 25.64884 ? 19  DT  C O2     1 
ATOM   536 N  N3     . DT  B 2 7  ? -0.78449  1.60681   -0.92933  1.000 29.75767 ? 19  DT  C N3     1 
ATOM   537 C  C4     . DT  B 2 7  ? -1.56251  2.13070   0.06449   1.000 29.41833 ? 19  DT  C C4     1 
ATOM   538 O  O4     . DT  B 2 7  ? -2.23200  1.40606   0.80307   1.000 32.61801 ? 19  DT  C O4     1 
ATOM   539 C  C5     . DT  B 2 7  ? -1.54244  3.57672   0.17816   1.000 26.22512 ? 19  DT  C C5     1 
ATOM   540 C  C7     . DT  B 2 7  ? -2.37136  4.25596   1.23388   1.000 31.99006 ? 19  DT  C C7     1 
ATOM   541 C  C6     . DT  B 2 7  ? -0.75903  4.26697   -0.67858  1.000 27.17977 ? 19  DT  C C6     1 
ATOM   542 H  "H5'"  . DT  B 2 7  ? 3.13345   7.23174   -0.94189  1.000 41.74558 ? 19  DT  C "H5'"  1 
ATOM   543 H  "H5''" . DT  B 2 7  ? 2.92878   8.18486   -2.18453  1.000 41.74558 ? 19  DT  C "H5''" 1 
ATOM   544 H  "H4'"  . DT  B 2 7  ? 3.10437   5.97257   -2.91201  1.000 40.08942 ? 19  DT  C "H4'"  1 
ATOM   545 H  "H3'"  . DT  B 2 7  ? 0.81705   7.39341   -3.53545  1.000 40.80333 ? 19  DT  C "H3'"  1 
ATOM   546 H  "H2'"  . DT  B 2 7  ? -0.60867  5.78878   -3.10606  1.000 38.12142 ? 19  DT  C "H2'"  1 
ATOM   547 H  "H2''" . DT  B 2 7  ? -0.00215  5.03030   -4.35158  1.000 38.12142 ? 19  DT  C "H2''" 1 
ATOM   548 H  "H1'"  . DT  B 2 7  ? 1.38893   3.82318   -3.10792  1.000 30.06608 ? 19  DT  C "H1'"  1 
ATOM   549 H  H3     . DT  B 2 7  ? -0.80241  0.75124   -1.01475  1.000 35.66685 ? 19  DT  C H3     1 
ATOM   550 H  H71    . DT  B 2 7  ? -1.78209  4.72805   1.84280   1.000 38.34571 ? 19  DT  C H71    1 
ATOM   551 H  H72    . DT  B 2 7  ? -2.97581  4.88252   0.80615   1.000 38.34571 ? 19  DT  C H72    1 
ATOM   552 H  H73    . DT  B 2 7  ? -2.87820  3.58510   1.71756   1.000 38.34571 ? 19  DT  C H73    1 
ATOM   553 H  H6     . DT  B 2 7  ? -0.71647  5.19256   -0.59870  1.000 32.57336 ? 19  DT  C H6     1 
ATOM   554 P  P      . DT  B 2 8  ? 1.24220   6.80996   -6.26493  1.000 35.61202 ? 20  DT  C P      1 
ATOM   555 O  OP1    . DT  B 2 8  ? 2.31585   7.29108   -7.16633  1.000 39.01234 ? 20  DT  C OP1    1 
ATOM   556 O  OP2    . DT  B 2 8  ? 0.02620   7.61782   -6.01828  1.000 37.84471 ? 20  DT  C OP2    1 
ATOM   557 O  "O5'"  . DT  B 2 8  ? 0.77477   5.36602   -6.75703  1.000 31.56749 ? 20  DT  C "O5'"  1 
ATOM   558 C  "C5'"  . DT  B 2 8  ? 1.75632   4.34460   -6.89582  1.000 31.67369 ? 20  DT  C "C5'"  1 
ATOM   559 C  "C4'"  . DT  B 2 8  ? 1.13242   2.99118   -7.14893  1.000 28.76446 ? 20  DT  C "C4'"  1 
ATOM   560 O  "O4'"  . DT  B 2 8  ? 0.37230   2.58093   -5.99825  1.000 27.29560 ? 20  DT  C "O4'"  1 
ATOM   561 C  "C3'"  . DT  B 2 8  ? 0.17843   2.91960   -8.34202  1.000 29.66683 ? 20  DT  C "C3'"  1 
ATOM   562 O  "O3'"  . DT  B 2 8  ? 0.72291   1.99171   -9.24823  1.000 31.58301 ? 20  DT  C "O3'"  1 
ATOM   563 C  "C2'"  . DT  B 2 8  ? -1.17169  2.47837   -7.73551  1.000 29.26054 ? 20  DT  C "C2'"  1 
ATOM   564 C  "C1'"  . DT  B 2 8  ? -0.74778  1.84094   -6.41963  1.000 25.67203 ? 20  DT  C "C1'"  1 
ATOM   565 N  N1     . DT  B 2 8  ? -1.74402  1.87049   -5.30539  1.000 23.40655 ? 20  DT  C N1     1 
ATOM   566 C  C2     . DT  B 2 8  ? -2.18788  0.67431   -4.76985  1.000 21.83393 ? 20  DT  C C2     1 
ATOM   567 O  O2     . DT  B 2 8  ? -1.87109  -0.40951  -5.19802  1.000 27.34759 ? 20  DT  C O2     1 
ATOM   568 N  N3     . DT  B 2 8  ? -3.05472  0.79498   -3.72419  1.000 28.55769 ? 20  DT  C N3     1 
ATOM   569 C  C4     . DT  B 2 8  ? -3.50611  1.95545   -3.14899  1.000 31.22921 ? 20  DT  C C4     1 
ATOM   570 O  O4     . DT  B 2 8  ? -4.29356  1.95135   -2.20000  1.000 35.75487 ? 20  DT  C O4     1 
ATOM   571 C  C5     . DT  B 2 8  ? -2.98537  3.18018   -3.72529  1.000 25.68618 ? 20  DT  C C5     1 
ATOM   572 C  C7     . DT  B 2 8  ? -3.42818  4.51575   -3.18533  1.000 33.69637 ? 20  DT  C C7     1 
ATOM   573 C  C6     . DT  B 2 8  ? -2.12624  3.07227   -4.76668  1.000 25.17279 ? 20  DT  C C6     1 
ATOM   574 H  "H5'"  . DT  B 2 8  ? 2.28335   4.30148   -6.08262  1.000 37.96608 ? 20  DT  C "H5'"  1 
ATOM   575 H  "H5''" . DT  B 2 8  ? 2.33932   4.56668   -7.63858  1.000 37.96608 ? 20  DT  C "H5''" 1 
ATOM   576 H  "H4'"  . DT  B 2 8  ? 1.84126   2.34419   -7.28982  1.000 34.47500 ? 20  DT  C "H4'"  1 
ATOM   577 H  "H3'"  . DT  B 2 8  ? 0.03532   3.78725   -8.75140  1.000 35.55784 ? 20  DT  C "H3'"  1 
ATOM   578 H  "H2'"  . DT  B 2 8  ? -1.75680  3.23771   -7.58730  1.000 35.07029 ? 20  DT  C "H2'"  1 
ATOM   579 H  "H2''" . DT  B 2 8  ? -1.62334  1.83869   -8.30799  1.000 35.07029 ? 20  DT  C "H2''" 1 
ATOM   580 H  "H1'"  . DT  B 2 8  ? -0.53169  0.91203   -6.59660  1.000 30.76408 ? 20  DT  C "H1'"  1 
ATOM   581 H  H3     . DT  B 2 8  ? -3.35163  0.06135   -3.38767  1.000 34.22687 ? 20  DT  C H3     1 
ATOM   582 H  H71    . DT  B 2 8  ? -2.66795  4.95933   -2.77764  1.000 40.39329 ? 20  DT  C H71    1 
ATOM   583 H  H72    . DT  B 2 8  ? -3.77220  5.05336   -3.91575  1.000 40.39329 ? 20  DT  C H72    1 
ATOM   584 H  H73    . DT  B 2 8  ? -4.12270  4.37413   -2.52316  1.000 40.39329 ? 20  DT  C H73    1 
ATOM   585 H  H6     . DT  B 2 8  ? -1.77812  3.85213   -5.13482  1.000 30.16499 ? 20  DT  C H6     1 
ATOM   586 P  P      . DC  B 2 9  ? 0.09609   1.73966   -10.69061 1.000 34.96662 ? 21  DC  C P      1 
ATOM   587 O  OP1    . DC  B 2 9  ? 1.19520   1.12095   -11.45513 1.000 32.57974 ? 21  DC  C OP1    1 
ATOM   588 O  OP2    . DC  B 2 9  ? -0.59419  2.95930   -11.15781 1.000 35.62510 ? 21  DC  C OP2    1 
ATOM   589 O  "O5'"  . DC  B 2 9  ? -0.99428  0.59902   -10.43974 1.000 28.21072 ? 21  DC  C "O5'"  1 
ATOM   590 C  "C5'"  . DC  B 2 9  ? -0.57749  -0.66339  -9.97733  1.000 26.96624 ? 21  DC  C "C5'"  1 
ATOM   591 C  "C4'"  . DC  B 2 9  ? -1.76826  -1.55366  -9.71739  1.000 25.85729 ? 21  DC  C "C4'"  1 
ATOM   592 O  "O4'"  . DC  B 2 9  ? -2.48378  -1.10062  -8.55123  1.000 26.32526 ? 21  DC  C "O4'"  1 
ATOM   593 C  "C3'"  . DC  B 2 9  ? -2.78147  -1.57997  -10.83936 1.000 29.46150 ? 21  DC  C "C3'"  1 
ATOM   594 O  "O3'"  . DC  B 2 9  ? -2.83326  -2.88372  -11.34656 1.000 27.60299 ? 21  DC  C "O3'"  1 
ATOM   595 C  "C2'"  . DC  B 2 9  ? -4.11141  -1.11999  -10.19803 1.000 26.07749 ? 21  DC  C "C2'"  1 
ATOM   596 C  "C1'"  . DC  B 2 9  ? -3.86037  -1.34821  -8.72515  1.000 26.93330 ? 21  DC  C "C1'"  1 
ATOM   597 N  N1     . DC  B 2 9  ? -4.56350  -0.46275  -7.75916  1.000 23.50375 ? 21  DC  C N1     1 
ATOM   598 C  C2     . DC  B 2 9  ? -5.32732  -1.03811  -6.73369  1.000 20.36513 ? 21  DC  C C2     1 
ATOM   599 O  O2     . DC  B 2 9  ? -5.49945  -2.26182  -6.71762  1.000 24.83509 ? 21  DC  C O2     1 
ATOM   600 N  N3     . DC  B 2 9  ? -5.88776  -0.22876  -5.80940  1.000 22.09261 ? 21  DC  C N3     1 
ATOM   601 C  C4     . DC  B 2 9  ? -5.67770  1.08053   -5.84324  1.000 20.72634 ? 21  DC  C C4     1 
ATOM   602 N  N4     . DC  B 2 9  ? -6.23686  1.82743   -4.88628  1.000 21.75877 ? 21  DC  C N4     1 
ATOM   603 C  C5     . DC  B 2 9  ? -4.90107  1.69290   -6.87019  1.000 20.83871 ? 21  DC  C C5     1 
ATOM   604 C  C6     . DC  B 2 9  ? -4.34870  0.88732   -7.78406  1.000 21.93640 ? 21  DC  C C6     1 
ATOM   605 H  "H5'"  . DC  B 2 9  ? -0.07379  -0.55362  -9.15567  1.000 32.31713 ? 21  DC  C "H5'"  1 
ATOM   606 H  "H5''" . DC  B 2 9  ? -0.00746  -1.07700  -10.64434 1.000 32.31713 ? 21  DC  C "H5''" 1 
ATOM   607 H  "H4'"  . DC  B 2 9  ? -1.45691  -2.45564  -9.54305  1.000 30.98639 ? 21  DC  C "H4'"  1 
ATOM   608 H  "H3'"  . DC  B 2 9  ? -2.55570  -0.93322  -11.52613 1.000 35.31144 ? 21  DC  C "H3'"  1 
ATOM   609 H  "H2'"  . DC  B 2 9  ? -4.28800  -0.18467  -10.38483 1.000 31.25063 ? 21  DC  C "H2'"  1 
ATOM   610 H  "H2''" . DC  B 2 9  ? -4.85817  -1.65178  -10.51497 1.000 31.25063 ? 21  DC  C "H2''" 1 
ATOM   611 H  "H1'"  . DC  B 2 9  ? -4.12027  -2.26254  -8.53186  1.000 32.27760 ? 21  DC  C "H1'"  1 
ATOM   612 H  H41    . DC  B 2 9  ? -6.11878  2.67927   -4.88158  1.000 26.06817 ? 21  DC  C H41    1 
ATOM   613 H  H42    . DC  B 2 9  ? -6.71474  1.45618   -4.27520  1.000 26.06817 ? 21  DC  C H42    1 
ATOM   614 H  H5     . DC  B 2 9  ? -4.78331  2.61482   -6.90330  1.000 24.96410 ? 21  DC  C H5     1 
ATOM   615 H  H6     . DC  B 2 9  ? -3.80912  1.25191   -8.44802  1.000 26.28132 ? 21  DC  C H6     1 
ATOM   616 P  P      . DG  B 2 10 ? -3.52964  -3.17397  -12.75421 1.000 29.14637 ? 22  DG  C P      1 
ATOM   617 O  OP1    . DG  B 2 10 ? -2.88195  -4.36543  -13.33372 1.000 33.75389 ? 22  DG  C OP1    1 
ATOM   618 O  OP2    . DG  B 2 10 ? -3.62827  -1.89666  -13.50781 1.000 29.79256 ? 22  DG  C OP2    1 
ATOM   619 O  "O5'"  . DG  B 2 10 ? -5.02539  -3.53593  -12.34625 1.000 28.41731 ? 22  DG  C "O5'"  1 
ATOM   620 C  "C5'"  . DG  B 2 10 ? -5.27434  -4.61406  -11.47261 1.000 28.57377 ? 22  DG  C "C5'"  1 
ATOM   621 C  "C4'"  . DG  B 2 10 ? -6.74870  -4.67085  -11.13665 1.000 26.82562 ? 22  DG  C "C4'"  1 
ATOM   622 O  "O4'"  . DG  B 2 10 ? -7.03489  -3.67691  -10.12617 1.000 26.10324 ? 22  DG  C "O4'"  1 
ATOM   623 C  "C3'"  . DG  B 2 10 ? -7.69635  -4.33142  -12.29337 1.000 27.55204 ? 22  DG  C "C3'"  1 
ATOM   624 O  "O3'"  . DG  B 2 10 ? -8.87543  -5.10660  -12.19884 1.000 29.22942 ? 22  DG  C "O3'"  1 
ATOM   625 C  "C2'"  . DG  B 2 10 ? -7.98738  -2.86479  -12.05239 1.000 26.96925 ? 22  DG  C "C2'"  1 
ATOM   626 C  "C1'"  . DG  B 2 10 ? -8.12734  -2.91277  -10.55724 1.000 22.83168 ? 22  DG  C "C1'"  1 
ATOM   627 N  N9     . DG  B 2 10 ? -8.10116  -1.64976  -9.88538  1.000 22.44357 ? 22  DG  C N9     1 
ATOM   628 C  C8     . DG  B 2 10 ? -7.53371  -0.48106  -10.30279 1.000 24.72718 ? 22  DG  C C8     1 
ATOM   629 N  N7     . DG  B 2 10 ? -7.67105  0.48883   -9.44369  1.000 21.23560 ? 22  DG  C N7     1 
ATOM   630 C  C5     . DG  B 2 10 ? -8.38264  -0.09058  -8.39947  1.000 20.37027 ? 22  DG  C C5     1 
ATOM   631 C  C6     . DG  B 2 10 ? -8.81573  0.46326   -7.18647  1.000 20.36664 ? 22  DG  C C6     1 
ATOM   632 O  O6     . DG  B 2 10 ? -8.68315  1.61588   -6.79345  1.000 22.35414 ? 22  DG  C O6     1 
ATOM   633 N  N1     . DG  B 2 10 ? -9.49434  -0.46888  -6.41414  1.000 21.36239 ? 22  DG  C N1     1 
ATOM   634 C  C2     . DG  B 2 10 ? -9.71083  -1.78468  -6.77036  1.000 20.08177 ? 22  DG  C C2     1 
ATOM   635 N  N2     . DG  B 2 10 ? -10.37650 -2.54075  -5.89703  1.000 19.89179 ? 22  DG  C N2     1 
ATOM   636 N  N3     . DG  B 2 10 ? -9.28174  -2.31972  -7.89132  1.000 19.90490 ? 22  DG  C N3     1 
ATOM   637 C  C4     . DG  B 2 10 ? -8.64135  -1.40721  -8.65709  1.000 20.13555 ? 22  DG  C C4     1 
ATOM   638 H  "H5'"  . DG  B 2 10 ? -4.76076  -4.49635  -10.65818 1.000 34.24617 ? 22  DG  C "H5'"  1 
ATOM   639 H  "H5''" . DG  B 2 10 ? -5.00667  -5.44390  -11.89759 1.000 34.24617 ? 22  DG  C "H5''" 1 
ATOM   640 H  "H4'"  . DG  B 2 10 ? -6.96105  -5.55646  -10.80275 1.000 32.14839 ? 22  DG  C "H4'"  1 
ATOM   641 H  "H3'"  . DG  B 2 10 ? -7.25802  -4.46698  -13.14800 1.000 33.02009 ? 22  DG  C "H3'"  1 
ATOM   642 H  "H2'"  . DG  B 2 10 ? -7.25681  -2.29303  -12.33567 1.000 32.32074 ? 22  DG  C "H2'"  1 
ATOM   643 H  "H2''" . DG  B 2 10 ? -8.80326  -2.57462  -12.48947 1.000 32.32074 ? 22  DG  C "H2''" 1 
ATOM   644 H  "H1'"  . DG  B 2 10 ? -8.96854  -3.33846  -10.32902 1.000 27.35566 ? 22  DG  C "H1'"  1 
ATOM   645 H  H8     . DG  B 2 10 ? -7.09410  -0.38657  -11.11685 1.000 29.63026 ? 22  DG  C H8     1 
ATOM   646 H  H1     . DG  B 2 10 ? -9.80358  -0.20669  -5.65570  1.000 25.59251 ? 22  DG  C H1     1 
ATOM   647 H  H21    . DG  B 2 10 ? -10.52161 -3.37065  -6.06968  1.000 23.82779 ? 22  DG  C H21    1 
ATOM   648 H  H22    . DG  B 2 10 ? -10.66079 -2.19855  -5.16104  1.000 23.82779 ? 22  DG  C H22    1 
ATOM   649 P  P      . DC  B 2 11 ? -9.74332  -5.45004  -13.50192 1.000 33.88159 ? 23  DC  C P      1 
ATOM   650 O  OP1    . DC  B 2 11 ? -9.00732  -6.55811  -14.16845 1.000 36.13605 ? 23  DC  C OP1    1 
ATOM   651 O  OP2    . DC  B 2 11 ? -10.14529 -4.21130  -14.21306 1.000 31.46074 ? 23  DC  C OP2    1 
ATOM   652 O  "O5'"  . DC  B 2 11 ? -11.08577 -6.07105  -12.89032 1.000 30.42548 ? 23  DC  C "O5'"  1 
ATOM   653 C  "C5'"  . DC  B 2 11 ? -10.99455 -7.16350  -11.99179 1.000 30.26335 ? 23  DC  C "C5'"  1 
ATOM   654 C  "C4'"  . DC  B 2 11 ? -11.78955 -6.90540  -10.72934 1.000 29.02102 ? 23  DC  C "C4'"  1 
ATOM   655 O  "O4'"  . DC  B 2 11 ? -11.21061 -5.79447  -10.00704 1.000 25.39438 ? 23  DC  C "O4'"  1 
ATOM   656 C  "C3'"  . DC  B 2 11 ? -13.23771 -6.50850  -10.94284 1.000 30.03607 ? 23  DC  C "C3'"  1 
ATOM   657 O  "O3'"  . DC  B 2 11 ? -14.06557 -7.64035  -11.10042 1.000 29.98157 ? 23  DC  C "O3'"  1 
ATOM   658 C  "C2'"  . DC  B 2 11 ? -13.56058 -5.75736  -9.67328  1.000 29.63035 ? 23  DC  C "C2'"  1 
ATOM   659 C  "C1'"  . DC  B 2 11 ? -12.24258 -5.11396  -9.30316  1.000 27.18860 ? 23  DC  C "C1'"  1 
ATOM   660 N  N1     . DC  B 2 11 ? -12.13103 -3.67817  -9.61916  1.000 22.27946 ? 23  DC  C N1     1 
ATOM   661 C  C2     . DC  B 2 11 ? -12.59320 -2.73495  -8.70729  1.000 20.78685 ? 23  DC  C C2     1 
ATOM   662 O  O2     . DC  B 2 11 ? -13.18119 -3.11709  -7.68239  1.000 20.88268 ? 23  DC  C O2     1 
ATOM   663 N  N3     . DC  B 2 11 ? -12.40754 -1.42365  -8.98339  1.000 20.39272 ? 23  DC  C N3     1 
ATOM   664 C  C4     . DC  B 2 11 ? -11.78368 -1.05605  -10.10227 1.000 21.12114 ? 23  DC  C C4     1 
ATOM   665 N  N4     . DC  B 2 11 ? -11.60122 0.22830   -10.31694 1.000 21.65795 ? 23  DC  C N4     1 
ATOM   666 C  C5     . DC  B 2 11 ? -11.31660 -2.00761  -11.04876 1.000 24.06377 ? 23  DC  C C5     1 
ATOM   667 C  C6     . DC  B 2 11 ? -11.50719 -3.29076  -10.76817 1.000 23.51362 ? 23  DC  C C6     1 
ATOM   668 H  "H5'"  . DC  B 2 11 ? -10.06399 -7.30572  -11.75786 1.000 36.27366 ? 23  DC  C "H5'"  1 
ATOM   669 H  "H5''" . DC  B 2 11 ? -11.33664 -7.96095  -12.42531 1.000 36.27366 ? 23  DC  C "H5''" 1 
ATOM   670 H  "H4'"  . DC  B 2 11 ? -11.75351 -7.70379  -10.17963 1.000 34.78287 ? 23  DC  C "H4'"  1 
ATOM   671 H  "H3'"  . DC  B 2 11 ? -13.31025 -5.93323  -11.72046 1.000 36.00093 ? 23  DC  C "H3'"  1 
ATOM   672 H  "H2'"  . DC  B 2 11 ? -14.24491 -5.08757  -9.82815  1.000 35.51407 ? 23  DC  C "H2'"  1 
ATOM   673 H  "H2''" . DC  B 2 11 ? -13.86200 -6.36165  -8.97695  1.000 35.51407 ? 23  DC  C "H2''" 1 
ATOM   674 H  "H1'"  . DC  B 2 11 ? -12.12243 -5.24118  -8.34907  1.000 32.58396 ? 23  DC  C "H1'"  1 
ATOM   675 H  H41    . DC  B 2 11 ? -11.20148 0.49236   -11.03114 1.000 25.94718 ? 23  DC  C H41    1 
ATOM   676 H  H42    . DC  B 2 11 ? -11.88161 0.80428   -9.74315  1.000 25.94718 ? 23  DC  C H42    1 
ATOM   677 H  H5     . DC  B 2 11 ? -10.89421 -1.74181  -11.83351 1.000 28.83417 ? 23  DC  C H5     1 
ATOM   678 H  H6     . DC  B 2 11 ? -11.20972 -3.93774  -11.36637 1.000 28.17398 ? 23  DC  C H6     1 
ATOM   679 P  P      . DG  B 2 12 ? -15.50519 -7.48779  -11.79166 1.000 30.00061 ? 24  DG  C P      1 
ATOM   680 O  OP1    . DG  B 2 12 ? -15.94630 -8.87737  -12.06438 1.000 31.69003 ? 24  DG  C OP1    1 
ATOM   681 O  OP2    . DG  B 2 12 ? -15.41948 -6.51055  -12.89187 1.000 28.91175 ? 24  DG  C OP2    1 
ATOM   682 O  "O5'"  . DG  B 2 12 ? -16.43813 -6.81492  -10.67574 1.000 29.91663 ? 24  DG  C "O5'"  1 
ATOM   683 C  "C5'"  . DG  B 2 12 ? -16.68882 -7.46494  -9.44586  1.000 25.40309 ? 24  DG  C "C5'"  1 
ATOM   684 C  "C4'"  . DG  B 2 12 ? -17.41533 -6.53475  -8.50132  1.000 26.89799 ? 24  DG  C "C4'"  1 
ATOM   685 O  "O4'"  . DG  B 2 12 ? -16.53140 -5.44108  -8.11775  1.000 24.44710 ? 24  DG  C "O4'"  1 
ATOM   686 C  "C3'"  . DG  B 2 12 ? -18.64422 -5.87620  -9.09817  1.000 23.58529 ? 24  DG  C "C3'"  1 
ATOM   687 O  "O3'"  . DG  B 2 12 ? -19.81917 -6.68766  -8.89221  1.000 28.04681 ? 24  DG  C "O3'"  1 
ATOM   688 C  "C2'"  . DG  B 2 12 ? -18.72376 -4.53873  -8.36544  1.000 26.60661 ? 24  DG  C "C2'"  1 
ATOM   689 C  "C1'"  . DG  B 2 12 ? -17.26111 -4.21641  -8.07304  1.000 23.94314 ? 24  DG  C "C1'"  1 
ATOM   690 N  N9     . DG  B 2 12 ? -16.63103 -3.27777  -9.00897  1.000 24.54211 ? 24  DG  C N9     1 
ATOM   691 C  C8     . DG  B 2 12 ? -16.06419 -3.57134  -10.22281 1.000 22.68351 ? 24  DG  C C8     1 
ATOM   692 N  N7     . DG  B 2 12 ? -15.51436 -2.54545  -10.80991 1.000 23.41831 ? 24  DG  C N7     1 
ATOM   693 C  C5     . DG  B 2 12 ? -15.71338 -1.50693  -9.91533  1.000 20.93472 ? 24  DG  C C5     1 
ATOM   694 C  C6     . DG  B 2 12 ? -15.33887 -0.15652  -10.00618 1.000 21.10970 ? 24  DG  C C6     1 
ATOM   695 O  O6     . DG  B 2 12 ? -14.74053 0.40271   -10.93079 1.000 24.04897 ? 24  DG  C O6     1 
ATOM   696 N  N1     . DG  B 2 12 ? -15.72226 0.56034   -8.87763  1.000 22.56071 ? 24  DG  C N1     1 
ATOM   697 C  C2     . DG  B 2 12 ? -16.40788 0.04194   -7.81708  1.000 21.50563 ? 24  DG  C C2     1 
ATOM   698 N  N2     . DG  B 2 12 ? -16.72265 0.89711   -6.83785  1.000 23.99716 ? 24  DG  C N2     1 
ATOM   699 N  N3     . DG  B 2 12 ? -16.78010 -1.23039  -7.72640  1.000 21.36681 ? 24  DG  C N3     1 
ATOM   700 C  C4     . DG  B 2 12 ? -16.39022 -1.93911  -8.80017  1.000 21.05896 ? 24  DG  C C4     1 
ATOM   701 H  "H5'"  . DG  B 2 12 ? -15.84702 -7.73579  -9.04720  1.000 30.44135 ? 24  DG  C "H5'"  1 
ATOM   702 H  "H5''" . DG  B 2 12 ? -17.23193 -8.25315  -9.60293  1.000 30.44135 ? 24  DG  C "H5''" 1 
ATOM   703 H  "H4'"  . DG  B 2 12 ? -17.66804 -7.02137  -7.70117  1.000 32.23523 ? 24  DG  C "H4'"  1 
ATOM   704 H  "H3'"  . DG  B 2 12 ? -18.50651 -5.72515  -10.04638 1.000 28.26000 ? 24  DG  C "H3'"  1 
ATOM   705 H  "HO3'" . DG  B 2 12 ? -20.39496 -6.45693  -8.32579  1.000 33.61382 ? 24  DG  C "HO3'" 1 
ATOM   706 H  "H2'"  . DG  B 2 12 ? -19.12767 -3.85665  -8.92447  1.000 31.88557 ? 24  DG  C "H2'"  1 
ATOM   707 H  "H2''" . DG  B 2 12 ? -19.23546 -4.61865  -7.54527  1.000 31.88557 ? 24  DG  C "H2''" 1 
ATOM   708 H  "H1'"  . DG  B 2 12 ? -17.21809 -3.84759  -7.17693  1.000 28.68941 ? 24  DG  C "H1'"  1 
ATOM   709 H  H8     . DG  B 2 12 ? -16.07139 -4.42435  -10.59325 1.000 27.17786 ? 24  DG  C H8     1 
ATOM   710 H  H1     . DG  B 2 12 ? -15.51136 1.39346   -8.84549  1.000 27.03049 ? 24  DG  C H1     1 
ATOM   711 H  H21    . DG  B 2 12 ? -17.16434 0.62274   -6.15284  1.000 28.75424 ? 24  DG  C H21    1 
ATOM   712 H  H22    . DG  B 2 12 ? -16.48333 1.72128   -6.89328  1.000 28.75424 ? 24  DG  C H22    1 
HETATM 713 C  C4     . WFB C 3 .  ? 1.98924   -0.19719  -4.78127  1.000 30.47009 ? 101 WFB B C4     1 
HETATM 714 C  C14    . WFB C 3 .  ? 6.15318   6.22516   2.25596   1.000 34.24365 ? 101 WFB B C14    1 
HETATM 715 C  C5     . WFB C 3 .  ? 2.98019   0.51049   -5.45714  1.000 31.54702 ? 101 WFB B C5     1 
HETATM 716 C  C6     . WFB C 3 .  ? 3.66403   1.65575   -4.79167  1.000 29.58925 ? 101 WFB B C6     1 
HETATM 717 C  C11    . WFB C 3 .  ? 5.41547   5.03498   -0.17224  1.000 30.50304 ? 101 WFB B C11    1 
HETATM 718 C  C7     . WFB C 3 .  ? 4.35541   2.65278   -5.51999  1.000 32.98370 ? 101 WFB B C7     1 
HETATM 719 C  C8     . WFB C 3 .  ? 4.98003   3.72091   -4.91107  1.000 33.15144 ? 101 WFB B C8     1 
HETATM 720 C  C9     . WFB C 3 .  ? 4.91932   3.82333   -3.52046  1.000 33.98244 ? 101 WFB B C9     1 
HETATM 721 C  C10    . WFB C 3 .  ? 5.06279   4.37636   -1.43453  1.000 31.32850 ? 101 WFB B C10    1 
HETATM 722 C  C12    . WFB C 3 .  ? 5.23985   4.36486   1.03435   1.000 30.33920 ? 101 WFB B C12    1 
HETATM 723 C  C13    . WFB C 3 .  ? 5.61334   4.94644   2.23212   1.000 32.68340 ? 101 WFB B C13    1 
HETATM 724 N  N1     . WFB C 3 .  ? -0.26878  -3.17165  -6.77477  1.000 33.61332 ? 101 WFB B N1     1 
HETATM 725 N  N2     . WFB C 3 .  ? 1.39684   -3.43862  -8.29067  1.000 34.37004 ? 101 WFB B N2     1 
HETATM 726 C  C3     . WFB C 3 .  ? 1.33000   -1.26086  -5.35900  1.000 33.19885 ? 101 WFB B C3     1 
HETATM 727 N  N3     . WFB C 3 .  ? 5.43608   4.77984   -2.64861  1.000 33.34587 ? 101 WFB B N3     1 
HETATM 728 C  C1     . WFB C 3 .  ? 0.89621   -2.79969  -7.26438  1.000 28.92275 ? 101 WFB B C1     1 
HETATM 729 C  C15    . WFB C 3 .  ? 6.56465   6.82104   3.55311   1.000 36.23572 ? 101 WFB B C15    1 
HETATM 730 C  C16    . WFB C 3 .  ? 6.35869   6.88938   1.05285   1.000 35.92553 ? 101 WFB B C16    1 
HETATM 731 C  C17    . WFB C 3 .  ? 5.99396   6.30228   -0.14879  1.000 33.39530 ? 101 WFB B C17    1 
HETATM 732 C  C18    . WFB C 3 .  ? 4.23073   2.85426   -2.79146  1.000 30.06479 ? 101 WFB B C18    1 
HETATM 733 C  C19    . WFB C 3 .  ? 3.61077   1.78270   -3.40465  1.000 29.18274 ? 101 WFB B C19    1 
HETATM 734 C  C2     . WFB C 3 .  ? 1.63888   -1.66786  -6.64791  1.000 30.66112 ? 101 WFB B C2     1 
HETATM 735 C  C20    . WFB C 3 .  ? 3.28348   0.09914   -6.75945  1.000 31.54553 ? 101 WFB B C20    1 
HETATM 736 C  C21    . WFB C 3 .  ? 2.62273   -0.97101  -7.34414  1.000 31.34401 ? 101 WFB B C21    1 
HETATM 737 N  N4     . WFB C 3 .  ? 7.19125   6.07148   4.43529   1.000 36.85909 ? 101 WFB B N4     1 
HETATM 738 N  N5     . WFB C 3 .  ? 6.28450   8.06620   3.83483   1.000 40.25410 ? 101 WFB B N5     1 
HETATM 739 N  N6     . WFB C 3 .  ? 4.35227   3.22382   -1.46688  1.000 31.65931 ? 101 WFB B N6     1 
HETATM 740 H  H6     . WFB C 3 .  ? 1.76227   0.05909   -3.90154  1.000 36.52176 ? 101 WFB B H6     1 
HETATM 741 H  H7     . WFB C 3 .  ? 4.39137   2.58549   -6.45989  1.000 39.53809 ? 101 WFB B H7     1 
HETATM 742 H  H8     . WFB C 3 .  ? 5.43663   4.36598   -5.42002  1.000 39.73938 ? 101 WFB B H8     1 
HETATM 743 H  H9     . WFB C 3 .  ? 4.86172   3.50427   1.03443   1.000 36.36468 ? 101 WFB B H9     1 
HETATM 744 H  H10    . WFB C 3 .  ? 5.49936   4.46918   3.03506   1.000 39.17772 ? 101 WFB B H10    1 
HETATM 745 H  H1     . WFB C 3 .  ? -0.70854  -3.85013  -7.13952  1.000 40.29363 ? 101 WFB B H1     1 
HETATM 746 H  H2     . WFB C 3 .  ? -0.61598  -2.74445  -6.07927  1.000 40.29363 ? 101 WFB B H2     1 
HETATM 747 H  H4     . WFB C 3 .  ? 2.17357   -3.19743  -8.62407  1.000 41.20169 ? 101 WFB B H4     1 
HETATM 748 H  H5     . WFB C 3 .  ? 0.66425   -1.71352  -4.87180  1.000 39.79627 ? 101 WFB B H5     1 
HETATM 749 H  H15    . WFB C 3 .  ? 6.74880   7.74570   1.05024   1.000 43.06828 ? 101 WFB B H15    1 
HETATM 750 H  H16    . WFB C 3 .  ? 6.13785   6.76263   -0.95562  1.000 40.03200 ? 101 WFB B H16    1 
HETATM 751 H  H18    . WFB C 3 .  ? 3.15474   1.14020   -2.89751  1.000 34.97693 ? 101 WFB B H18    1 
HETATM 752 H  H19    . WFB C 3 .  ? 3.94857   0.55725   -7.24825  1.000 37.81228 ? 101 WFB B H19    1 
HETATM 753 H  H20    . WFB C 3 .  ? 2.84395   -1.22717  -8.22216  1.000 37.57045 ? 101 WFB B H20    1 
HETATM 754 H  H11    . WFB C 3 .  ? 7.42404   6.40996   5.22142   1.000 44.18855 ? 101 WFB B H11    1 
HETATM 755 H  H12    . WFB C 3 .  ? 7.38204   5.22628   4.24551   1.000 44.18855 ? 101 WFB B H12    1 
HETATM 756 H  H13    . WFB C 3 .  ? 6.51386   8.40454   4.61299   1.000 48.26256 ? 101 WFB B H13    1 
HETATM 757 H  H17    . WFB C 3 .  ? 4.02890   2.79137   -0.77711  1.000 37.94882 ? 101 WFB B H17    1 
HETATM 758 MG MG     . MG  D 4 .  ? 0.34777   -12.79415 -2.95761  1.000 30.99197 ? 102 MG  B MG     1 
HETATM 759 O  O      . HOH E 5 .  ? 2.17280   -5.93897  1.27414   1.000 38.12507 ? 201 HOH B O      1 
HETATM 760 O  O      . HOH E 5 .  ? -12.55881 7.37536   -3.20031  1.000 31.73537 ? 202 HOH B O      1 
HETATM 761 O  O      . HOH E 5 .  ? -1.70089  -4.92713  -7.98487  1.000 48.23003 ? 203 HOH B O      1 
HETATM 762 O  O      . HOH E 5 .  ? 8.13454   -5.18152  -2.69572  1.000 32.66545 ? 204 HOH B O      1 
HETATM 763 O  O      . HOH E 5 .  ? 5.15152   9.92837   2.41013   1.000 38.36170 ? 205 HOH B O      1 
HETATM 764 O  O      . HOH E 5 .  ? 8.84703   5.45238   6.86130   1.000 29.11687 ? 206 HOH B O      1 
HETATM 765 O  O      . HOH E 5 .  ? 3.70154   -7.76366  -2.02094  1.000 27.94513 ? 207 HOH B O      1 
HETATM 766 O  O      . HOH E 5 .  ? -10.24038 3.86120   -9.11611  1.000 22.66287 ? 208 HOH B O      1 
HETATM 767 O  O      . HOH E 5 .  ? 13.41602  8.15122   17.71790  1.000 31.73757 ? 209 HOH B O      1 
HETATM 768 O  O      . HOH E 5 .  ? 1.84994   -11.40907 -6.88444  1.000 25.78973 ? 210 HOH B O      1 
HETATM 769 O  O      . HOH E 5 .  ? -10.64880 5.75861   -6.76868  1.000 26.39488 ? 211 HOH B O      1 
HETATM 770 O  O      . HOH E 5 .  ? 12.07870  2.24291   -7.09179  1.000 50.82735 ? 212 HOH B O      1 
HETATM 771 O  O      . HOH E 5 .  ? 6.60714   7.21110   -3.27623  1.000 42.08543 ? 213 HOH B O      1 
HETATM 772 O  O      . HOH E 5 .  ? -4.47261  -13.91144 -3.53723  1.000 37.54485 ? 214 HOH B O      1 
HETATM 773 O  O      . HOH E 5 .  ? 12.12436  -2.24470  2.36028   1.000 39.05934 ? 215 HOH B O      1 
HETATM 774 O  O      . HOH E 5 .  ? 1.16021   -10.97411 -2.41004  1.000 25.75537 ? 216 HOH B O      1 
HETATM 775 O  O      . HOH E 5 .  ? 4.96981   -5.23375  3.30456   1.000 34.61594 ? 217 HOH B O      1 
HETATM 776 O  O      . HOH E 5 .  ? -7.31005  2.79785   -1.01567  1.000 31.43747 ? 218 HOH B O      1 
HETATM 777 O  O      . HOH E 5 .  ? -0.95618  -12.02554 -4.27746  1.000 24.41160 ? 219 HOH B O      1 
HETATM 778 O  O      . HOH E 5 .  ? 13.61494  4.33860   -0.03615  1.000 42.40237 ? 220 HOH B O      1 
HETATM 779 O  O      . HOH E 5 .  ? 12.90144  0.21299   0.93455   1.000 34.02073 ? 221 HOH B O      1 
HETATM 780 O  O      . HOH E 5 .  ? -15.93794 -2.16158  4.24537   1.000 43.48509 ? 222 HOH B O      1 
HETATM 781 O  O      . HOH E 5 .  ? -0.93191  -12.50046 -1.20297  1.000 23.86225 ? 223 HOH B O      1 
HETATM 782 O  O      . HOH E 5 .  ? -5.47364  -6.40587  2.87502   1.000 39.83969 ? 224 HOH B O      1 
HETATM 783 O  O      . HOH E 5 .  ? -5.90137  0.35938   2.12829   1.000 40.22487 ? 225 HOH B O      1 
HETATM 784 O  O      . HOH E 5 .  ? 11.26952  11.07083  0.77924   1.000 47.82719 ? 226 HOH B O      1 
HETATM 785 O  O      . HOH E 5 .  ? 16.54858  6.83181   9.22020   1.000 41.74380 ? 227 HOH B O      1 
HETATM 786 O  O      . HOH E 5 .  ? 9.41628   -3.79541  1.70261   1.000 30.35256 ? 228 HOH B O      1 
HETATM 787 O  O      . HOH E 5 .  ? -8.78909  4.95476   -2.66051  1.000 33.88537 ? 229 HOH B O      1 
HETATM 788 O  O      . HOH E 5 .  ? 14.27462  8.78641   -1.16373  1.000 57.58004 ? 230 HOH B O      1 
HETATM 789 O  O      . HOH E 5 .  ? -0.98837  -8.79012  -0.04084  1.000 32.66755 ? 231 HOH B O      1 
HETATM 790 O  O      . HOH E 5 .  ? -16.16327 8.73346   -11.59291 1.000 29.54983 ? 232 HOH B O      1 
HETATM 791 O  O      . HOH E 5 .  ? 0.81005   -4.76769  3.81388   1.000 36.18043 ? 233 HOH B O      1 
HETATM 792 O  O      . HOH E 5 .  ? 15.99623  3.41767   4.57925   1.000 36.79947 ? 234 HOH B O      1 
HETATM 793 O  O      . HOH E 5 .  ? -18.16887 1.27287   3.27441   1.000 41.67167 ? 235 HOH B O      1 
HETATM 794 O  O      . HOH E 5 .  ? -10.55578 3.64894   -11.84178 1.000 31.74739 ? 236 HOH B O      1 
HETATM 795 O  O      . HOH E 5 .  ? -3.72361  -5.01519  -5.90799  1.000 47.94815 ? 237 HOH B O      1 
HETATM 796 O  O      . HOH E 5 .  ? 9.48365   -3.45391  -1.28460  1.000 34.93992 ? 238 HOH B O      1 
HETATM 797 O  O      . HOH E 5 .  ? 1.44769   -9.75479  -0.11662  1.000 36.18891 ? 239 HOH B O      1 
HETATM 798 O  O      . HOH E 5 .  ? -2.07380  -9.38234  -8.06300  1.000 35.29837 ? 240 HOH B O      1 
HETATM 799 O  O      . HOH E 5 .  ? -0.81597  -11.64798 -6.74270  1.000 34.10881 ? 241 HOH B O      1 
HETATM 800 O  O      . HOH E 5 .  ? 3.13552   -8.79211  0.73958   1.000 37.13272 ? 242 HOH B O      1 
HETATM 801 O  O      . HOH E 5 .  ? -10.53878 6.35589   -1.36741  1.000 43.47092 ? 243 HOH B O      1 
HETATM 802 O  O      . HOH F 5 .  ? 16.41502  -9.21997  12.13155  1.000 44.46198 ? 101 HOH C O      1 
HETATM 803 O  O      . HOH F 5 .  ? -14.30760 0.21412   -13.22082 1.000 46.87066 ? 102 HOH C O      1 
HETATM 804 O  O      . HOH F 5 .  ? 9.77534   -7.56292  15.86123  1.000 31.21759 ? 103 HOH C O      1 
HETATM 805 O  O      . HOH F 5 .  ? -16.53053 -10.09716 -14.19304 1.000 45.15123 ? 104 HOH C O      1 
HETATM 806 O  O      . HOH F 5 .  ? 19.84309  -3.38612  10.34151  1.000 39.41115 ? 105 HOH C O      1 
HETATM 807 O  O      . HOH F 5 .  ? -2.20803  6.41544   -5.92789  1.000 34.56068 ? 106 HOH C O      1 
HETATM 808 O  O      . HOH F 5 .  ? -20.71587 -8.50983  -7.35732  1.000 34.56442 ? 107 HOH C O      1 
HETATM 809 O  O      . HOH F 5 .  ? -3.96926  2.02132   2.60013   1.000 39.78527 ? 108 HOH C O      1 
HETATM 810 O  O      . HOH F 5 .  ? 1.44936   -3.70570  5.89729   1.000 35.67540 ? 109 HOH C O      1 
HETATM 811 O  O      . HOH F 5 .  ? 3.15430   -2.69867  16.69963  1.000 47.73773 ? 110 HOH C O      1 
HETATM 812 O  O      . HOH F 5 .  ? 20.05951  -3.98188  5.98649   1.000 46.83793 ? 111 HOH C O      1 
HETATM 813 O  O      . HOH F 5 .  ? -16.12449 -7.11667  -15.39107 1.000 38.45472 ? 112 HOH C O      1 
HETATM 814 O  O      . HOH F 5 .  ? -7.90935  4.17897   -7.24419  1.000 25.38997 ? 113 HOH C O      1 
HETATM 815 O  O      . HOH F 5 .  ? -8.45316  -2.66104  -15.66774 1.000 41.73245 ? 114 HOH C O      1 
HETATM 816 O  O      . HOH F 5 .  ? -1.32184  6.15298   4.97629   1.000 43.91668 ? 115 HOH C O      1 
HETATM 817 O  O      . HOH F 5 .  ? -12.57261 -2.95543  -14.63927 1.000 38.94676 ? 116 HOH C O      1 
HETATM 818 O  O      . HOH F 5 .  ? -6.54412  2.91070   -10.22719 1.000 27.81912 ? 117 HOH C O      1 
HETATM 819 O  O      . HOH F 5 .  ? -5.45738  3.83775   -0.48827  1.000 38.73533 ? 118 HOH C O      1 
HETATM 820 O  O      . HOH F 5 .  ? 13.52218  -3.71759  5.11538   1.000 39.96418 ? 119 HOH C O      1 
HETATM 821 O  O      . HOH F 5 .  ? -14.67761 -3.63603  -13.28702 1.000 34.09877 ? 120 HOH C O      1 
HETATM 822 O  O      . HOH F 5 .  ? -5.69300  0.05671   -13.23569 1.000 34.08021 ? 121 HOH C O      1 
HETATM 823 O  O      . HOH F 5 .  ? 9.34925   -5.58875  4.71875   1.000 39.98525 ? 122 HOH C O      1 
HETATM 824 O  O      . HOH F 5 .  ? -5.68544  -5.00582  -7.64047  1.000 32.50614 ? 123 HOH C O      1 
HETATM 825 O  O      . HOH F 5 .  ? -8.70155  -5.17743  -7.81745  1.000 28.88634 ? 124 HOH C O      1 
HETATM 826 O  O      . HOH F 5 .  ? 14.39650  -1.12670  4.42306   1.000 44.74236 ? 125 HOH C O      1 
HETATM 827 O  O      . HOH F 5 .  ? 5.79228   -4.69429  5.44068   1.000 29.96672 ? 126 HOH C O      1 
HETATM 828 O  O      . HOH F 5 .  ? 6.50036   -6.85036  9.35979   1.000 35.51034 ? 127 HOH C O      1 
HETATM 829 O  O      . HOH F 5 .  ? -10.19592 0.80898   -12.94390 1.000 31.29834 ? 128 HOH C O      1 
HETATM 830 O  O      . HOH F 5 .  ? -6.08400  4.81349   -5.49540  1.000 28.19620 ? 129 HOH C O      1 
HETATM 831 O  O      . HOH F 5 .  ? -2.00395  7.32604   -0.92549  1.000 37.20442 ? 130 HOH C O      1 
HETATM 832 O  O      . HOH F 5 .  ? -4.08031  3.80105   -9.61120  1.000 33.86847 ? 131 HOH C O      1 
HETATM 833 O  O      . HOH F 5 .  ? -10.35817 -4.97588  -18.51825 1.000 44.51766 ? 132 HOH C O      1 
# 
loop_
_atom_site_anisotrop.id 
_atom_site_anisotrop.type_symbol 
_atom_site_anisotrop.pdbx_label_atom_id 
_atom_site_anisotrop.pdbx_label_alt_id 
_atom_site_anisotrop.pdbx_label_comp_id 
_atom_site_anisotrop.pdbx_label_asym_id 
_atom_site_anisotrop.pdbx_label_seq_id 
_atom_site_anisotrop.pdbx_PDB_ins_code 
_atom_site_anisotrop.U[1][1] 
_atom_site_anisotrop.U[2][2] 
_atom_site_anisotrop.U[3][3] 
_atom_site_anisotrop.U[1][2] 
_atom_site_anisotrop.U[1][3] 
_atom_site_anisotrop.U[2][3] 
_atom_site_anisotrop.pdbx_auth_seq_id 
_atom_site_anisotrop.pdbx_auth_comp_id 
_atom_site_anisotrop.pdbx_auth_asym_id 
_atom_site_anisotrop.pdbx_auth_atom_id 
1   O  "O5'" . DC  A 1  ? 0.56947 0.48329 0.53787 0.07424  -0.12967 0.01049  1   DC  B "O5'" 
2   C  "C5'" . DC  A 1  ? 0.46704 0.37562 0.42943 0.08442  -0.12878 0.00080  1   DC  B "C5'" 
3   C  "C4'" . DC  A 1  ? 0.41787 0.35521 0.37878 0.09863  -0.10559 -0.00739 1   DC  B "C4'" 
4   O  "O4'" . DC  A 1  ? 0.37612 0.33804 0.34317 0.08271  -0.08411 0.00239  1   DC  B "O4'" 
5   C  "C3'" . DC  A 1  ? 0.46422 0.40188 0.41901 0.10674  -0.10210 -0.01521 1   DC  B "C3'" 
6   O  "O3'" . DC  A 1  ? 0.48891 0.44999 0.44189 0.12900  -0.09229 -0.02543 1   DC  B "O3'" 
7   C  "C2'" . DC  A 1  ? 0.39731 0.34716 0.35539 0.08556  -0.08552 -0.00470 1   DC  B "C2'" 
8   C  "C1'" . DC  A 1  ? 0.36344 0.33664 0.33001 0.08031  -0.07061 0.00134  1   DC  B "C1'" 
9   N  N1    . DC  A 1  ? 0.31683 0.30175 0.28998 0.05865  -0.05967 0.01034  1   DC  B N1    
10  C  C2    . DC  A 1  ? 0.33238 0.34218 0.31552 0.05697  -0.04202 0.01161  1   DC  B C2    
11  O  O2    . DC  A 1  ? 0.32692 0.35014 0.31330 0.07116  -0.03491 0.00905  1   DC  B O2    
12  N  N3    . DC  A 1  ? 0.27967 0.30073 0.27011 0.04024  -0.03499 0.01547  1   DC  B N3    
13  C  C4    . DC  A 1  ? 0.30642 0.32153 0.29291 0.02523  -0.04260 0.01960  1   DC  B C4    
14  N  N4    . DC  A 1  ? 0.27130 0.30512 0.26479 0.01146  -0.03538 0.02062  1   DC  B N4    
15  C  C5    . DC  A 1  ? 0.31493 0.30717 0.29182 0.02394  -0.05996 0.02299  1   DC  B C5    
16  C  C6    . DC  A 1  ? 0.33996 0.31465 0.31142 0.04101  -0.06906 0.01751  1   DC  B C6    
29  P  P     . DG  A 2  ? 0.50824 0.47230 0.45304 0.14666  -0.09456 -0.03816 2   DG  B P     
30  O  OP1   . DG  A 2  ? 0.54859 0.52301 0.49000 0.17515  -0.10374 -0.05387 2   DG  B OP1   
31  O  OP2   . DG  A 2  ? 0.52568 0.45953 0.46660 0.13482  -0.10772 -0.03709 2   DG  B OP2   
32  O  "O5'" . DG  A 2  ? 0.45882 0.45655 0.40765 0.14153  -0.06921 -0.03045 2   DG  B "O5'" 
33  C  "C5'" . DG  A 2  ? 0.44195 0.47000 0.39968 0.14174  -0.05367 -0.02304 2   DG  B "C5'" 
34  C  "C4'" . DG  A 2  ? 0.41723 0.47029 0.38253 0.13405  -0.03556 -0.01391 2   DG  B "C4'" 
35  O  "O4'" . DG  A 2  ? 0.38211 0.42668 0.35662 0.11036  -0.02898 -0.00392 2   DG  B "O4'" 
36  C  "C3'" . DG  A 2  ? 0.33304 0.38560 0.29119 0.13949  -0.03624 -0.01902 2   DG  B "C3'" 
37  O  "O3'" . DG  A 2  ? 0.44677 0.53689 0.41176 0.14502  -0.02240 -0.01239 2   DG  B "O3'" 
38  C  "C2'" . DG  A 2  ? 0.35432 0.38243 0.31439 0.11732  -0.03661 -0.01366 2   DG  B "C2'" 
39  C  "C1'" . DG  A 2  ? 0.35477 0.39304 0.32869 0.10160  -0.02611 -0.00298 2   DG  B "C1'" 
40  N  N9    . DG  A 2  ? 0.31616 0.33633 0.29218 0.08164  -0.02894 0.00049  2   DG  B N9    
41  C  C8    . DG  A 2  ? 0.33663 0.33121 0.30402 0.07470  -0.04299 -0.00110 2   DG  B C8    
42  N  N7    . DG  A 2  ? 0.30979 0.30369 0.28202 0.05591  -0.04131 0.00489  2   DG  B N7    
43  C  C5    . DG  A 2  ? 0.27561 0.29214 0.26074 0.05229  -0.02646 0.00730  2   DG  B C5    
44  C  C6    . DG  A 2  ? 0.26066 0.28903 0.25642 0.03732  -0.01993 0.00972  2   DG  B C6    
45  O  O6    . DG  A 2  ? 0.26678 0.29381 0.26076 0.02388  -0.02401 0.01125  2   DG  B O6    
46  N  N1    . DG  A 2  ? 0.24484 0.29169 0.25598 0.03938  -0.00942 0.01052  2   DG  B N1    
47  C  C2    . DG  A 2  ? 0.24258 0.29945 0.25826 0.05192  -0.00474 0.01299  2   DG  B C2    
48  N  N2    . DG  A 2  ? 0.22830 0.30270 0.26292 0.04946  0.00230  0.01730  2   DG  B N2    
49  N  N3    . DG  A 2  ? 0.25508 0.30823 0.25898 0.06625  -0.00845 0.01136  2   DG  B N3    
50  C  C4    . DG  A 2  ? 0.31484 0.34560 0.30361 0.06661  -0.01972 0.00654  2   DG  B C4    
62  P  P     . DC  A 3  ? 0.42454 0.52974 0.38333 0.15477  -0.02042 -0.01588 3   DC  B P     
63  O  OP1   . DC  A 3  ? 0.41627 0.56268 0.37239 0.17719  -0.01797 -0.01928 3   DC  B OP1   
64  O  OP2   . DC  A 3  ? 0.49701 0.56641 0.44387 0.15340  -0.03316 -0.02653 3   DC  B OP2   
65  O  "O5'" . DC  A 3  ? 0.37052 0.48741 0.34541 0.13532  -0.00673 0.00057  3   DC  B "O5'" 
66  C  "C5'" . DC  A 3  ? 0.33793 0.47974 0.33099 0.12775  0.00317  0.01500  3   DC  B "C5'" 
67  C  "C4'" . DC  A 3  ? 0.27632 0.40716 0.28576 0.10613  0.00815  0.02419  3   DC  B "C4'" 
68  O  "O4'" . DC  A 3  ? 0.29413 0.39241 0.29953 0.09493  0.00285  0.01735  3   DC  B "O4'" 
69  C  "C3'" . DC  A 3  ? 0.27456 0.40304 0.28509 0.10124  0.00979  0.02573  3   DC  B "C3'" 
70  O  "O3'" . DC  A 3  ? 0.32757 0.49001 0.35403 0.10113  0.01633  0.04038  3   DC  B "O3'" 
71  C  "C2'" . DC  A 3  ? 0.28378 0.38612 0.30196 0.08282  0.00892  0.02413  3   DC  B "C2'" 
72  C  "C1'" . DC  A 3  ? 0.29073 0.37870 0.30531 0.07952  0.00516  0.01937  3   DC  B "C1'" 
73  N  N1    . DC  A 3  ? 0.26057 0.31994 0.26213 0.07293  -0.00236 0.01078  3   DC  B N1    
74  C  C2    . DC  A 3  ? 0.24393 0.29547 0.25325 0.05693  -0.00183 0.01057  3   DC  B C2    
75  O  O2    . DC  A 3  ? 0.24338 0.30809 0.27104 0.05017  0.00385  0.01442  3   DC  B O2    
76  N  N3    . DC  A 3  ? 0.26404 0.29660 0.26201 0.04940  -0.00933 0.00635  3   DC  B N3    
77  C  C4    . DC  A 3  ? 0.30165 0.31696 0.28343 0.05670  -0.01931 0.00278  3   DC  B C4    
78  N  N4    . DC  A 3  ? 0.29152 0.28942 0.26568 0.04658  -0.02904 0.00265  3   DC  B N4    
79  C  C5    . DC  A 3  ? 0.30774 0.32613 0.28196 0.07509  -0.02158 -0.00084 3   DC  B C5    
80  C  C6    . DC  A 3  ? 0.30335 0.34712 0.28673 0.08300  -0.01177 0.00316  3   DC  B C6    
92  P  P     . DG  A 4  ? 0.33019 0.50038 0.36016 0.09833  0.01814  0.04564  4   DG  B P     
93  O  OP1   . DG  A 4  ? 0.33880 0.55561 0.38020 0.10428  0.02282  0.06227  4   DG  B OP1   
94  O  OP2   . DG  A 4  ? 0.34857 0.49478 0.35656 0.10454  0.01288  0.03058  4   DG  B OP2   
95  O  "O5'" . DG  A 4  ? 0.28443 0.43633 0.33536 0.07846  0.01830  0.05038  4   DG  B "O5'" 
96  C  "C5'" . DG  A 4  ? 0.30270 0.46224 0.37747 0.06883  0.01886  0.06007  4   DG  B "C5'" 
97  C  "C4'" . DG  A 4  ? 0.30758 0.44791 0.39981 0.05407  0.01603  0.05746  4   DG  B "C4'" 
98  O  "O4'" . DG  A 4  ? 0.30478 0.41728 0.38188 0.05082  0.01423  0.04098  4   DG  B "O4'" 
99  C  "C3'" . DG  A 4  ? 0.31255 0.45322 0.41006 0.05086  0.01544  0.06085  4   DG  B "C3'" 
100 O  "O3'" . DG  A 4  ? 0.32417 0.46452 0.45278 0.03901  0.01094  0.06723  4   DG  B "O3'" 
101 C  "C2'" . DG  A 4  ? 0.28247 0.39610 0.35638 0.05166  0.01467  0.04408  4   DG  B "C2'" 
102 C  "C1'" . DG  A 4  ? 0.27824 0.37577 0.34809 0.04722  0.01303  0.03389  4   DG  B "C1'" 
103 N  N9    . DG  A 4  ? 0.24496 0.32346 0.28834 0.05093  0.01050  0.02292  4   DG  B N9    
104 C  C8    . DG  A 4  ? 0.25242 0.32807 0.27472 0.06304  0.00824  0.01999  4   DG  B C8    
105 N  N7    . DG  A 4  ? 0.26837 0.32211 0.27380 0.06241  0.00188  0.01117  4   DG  B N7    
106 C  C5    . DG  A 4  ? 0.25387 0.30084 0.26802 0.04838  0.00206  0.00955  4   DG  B C5    
107 C  C6    . DG  A 4  ? 0.24127 0.27284 0.24600 0.03971  -0.00379 0.00472  4   DG  B C6    
108 O  O6    . DG  A 4  ? 0.31129 0.32623 0.29966 0.04147  -0.01252 0.00235  4   DG  B O6    
109 N  N1    . DG  A 4  ? 0.23766 0.27723 0.25591 0.02796  -0.00090 0.00323  4   DG  B N1    
110 C  C2    . DG  A 4  ? 0.22373 0.27786 0.26371 0.02592  0.00434  0.00397  4   DG  B C2    
111 N  N2    . DG  A 4  ? 0.24889 0.31057 0.30034 0.01690  0.00424  -0.00213 4   DG  B N2    
112 N  N3    . DG  A 4  ? 0.25614 0.31965 0.30780 0.03227  0.00754  0.01065  4   DG  B N3    
113 C  C4    . DG  A 4  ? 0.22716 0.28903 0.26402 0.04279  0.00733  0.01421  4   DG  B C4    
125 P  P     . DA  A 5  ? 0.35269 0.48856 0.49480 0.03268  0.00757  0.06952  5   DA  B P     
126 O  OP1   . DA  A 5  ? 0.38393 0.53253 0.56419 0.02420  -0.00001 0.08514  5   DA  B OP1   
127 O  OP2   . DA  A 5  ? 0.37096 0.51367 0.49208 0.04022  0.01163  0.07151  5   DA  B OP2   
128 O  "O5'" . DA  A 5  ? 0.33831 0.44698 0.47536 0.02740  0.00563  0.04882  5   DA  B "O5'" 
129 C  "C5'" . DA  A 5  ? 0.25479 0.35782 0.40912 0.02174  0.00109  0.04085  5   DA  B "C5'" 
130 C  "C4'" . DA  A 5  ? 0.28929 0.37739 0.43299 0.01856  0.00084  0.02137  5   DA  B "C4'" 
131 O  "O4'" . DA  A 5  ? 0.29087 0.37093 0.40119 0.02233  0.00600  0.01647  5   DA  B "O4'" 
132 C  "C3'" . DA  A 5  ? 0.27077 0.35388 0.42338 0.01506  -0.00221 0.01575  5   DA  B "C3'" 
133 O  "O3'" . DA  A 5  ? 0.26274 0.34523 0.43277 0.01117  -0.00803 0.00024  5   DA  B "O3'" 
134 C  "C2'" . DA  A 5  ? 0.24330 0.31755 0.36364 0.01725  0.00322  0.01165  5   DA  B "C2'" 
135 C  "C1'" . DA  A 5  ? 0.25956 0.33036 0.35843 0.01941  0.00589  0.00805  5   DA  B "C1'" 
136 N  N9    . DA  A 5  ? 0.27718 0.33927 0.34733 0.02483  0.00774  0.00985  5   DA  B N9    
137 C  C8    . DA  A 5  ? 0.29186 0.35771 0.35275 0.03375  0.00929  0.01812  5   DA  B C8    
138 N  N7    . DA  A 5  ? 0.28565 0.34027 0.32161 0.03949  0.00736  0.01410  5   DA  B N7    
139 C  C5    . DA  A 5  ? 0.27923 0.32176 0.30860 0.03147  0.00428  0.00652  5   DA  B C5    
140 C  C6    . DA  A 5  ? 0.32874 0.35567 0.33802 0.03045  -0.00183 0.00260  5   DA  B C6    
141 N  N6    . DA  A 5  ? 0.37691 0.39261 0.36880 0.04014  -0.00735 0.00194  5   DA  B N6    
142 N  N1    . DA  A 5  ? 0.35382 0.37956 0.36314 0.01932  -0.00418 -0.00050 5   DA  B N1    
143 C  C2    . DA  A 5  ? 0.33222 0.37269 0.35944 0.01263  0.00005  -0.00378 5   DA  B C2    
144 N  N3    . DA  A 5  ? 0.29616 0.34749 0.34458 0.01454  0.00410  -0.00382 5   DA  B N3    
145 C  C4    . DA  A 5  ? 0.27622 0.32693 0.32511 0.02288  0.00580  0.00350  5   DA  B C4    
157 P  P     . DA  A 6  ? 0.27931 0.36021 0.46572 0.00876  -0.01380 -0.01077 6   DA  B P     
158 O  OP1   . DA  A 6  ? 0.27838 0.36433 0.49308 0.00844  -0.02360 -0.02524 6   DA  B OP1   
159 O  OP2   . DA  A 6  ? 0.28802 0.36704 0.48365 0.00847  -0.01539 0.00378  6   DA  B OP2   
160 O  "O5'" . DA  A 6  ? 0.25810 0.33757 0.41424 0.00762  -0.00729 -0.02159 6   DA  B "O5'" 
161 C  "C5'" . DA  A 6  ? 0.25517 0.34177 0.39948 0.00599  -0.00564 -0.03278 6   DA  B "C5'" 
162 C  "C4'" . DA  A 6  ? 0.26454 0.35214 0.38303 0.00226  -0.00173 -0.03624 6   DA  B "C4'" 
163 O  "O4'" . DA  A 6  ? 0.24551 0.31900 0.33911 0.00334  0.00195  -0.02338 6   DA  B "O4'" 
164 C  "C3'" . DA  A 6  ? 0.25279 0.34322 0.37781 0.00085  -0.00343 -0.04221 6   DA  B "C3'" 
165 O  "O3'" . DA  A 6  ? 0.21299 0.32411 0.33876 -0.00208 -0.00464 -0.05739 6   DA  B "O3'" 
166 C  "C2'" . DA  A 6  ? 0.21374 0.28990 0.31418 -0.00030 0.00012  -0.03046 6   DA  B "C2'" 
167 C  "C1'" . DA  A 6  ? 0.26440 0.33302 0.34346 0.00034  0.00214  -0.02298 6   DA  B "C1'" 
168 N  N9    . DA  A 6  ? 0.23239 0.28546 0.29484 0.00520  0.00303  -0.01208 6   DA  B N9    
169 C  C8    . DA  A 6  ? 0.26673 0.31759 0.33628 0.01158  0.00433  -0.00401 6   DA  B C8    
170 N  N7    . DA  A 6  ? 0.29387 0.33591 0.34352 0.01757  0.00442  0.00181  6   DA  B N7    
171 C  C5    . DA  A 6  ? 0.23857 0.27080 0.26889 0.01420  0.00104  -0.00214 6   DA  B C5    
172 C  C6    . DA  A 6  ? 0.36166 0.37886 0.36938 0.01825  -0.00431 -0.00075 6   DA  B C6    
173 N  N6    . DA  A 6  ? 0.40427 0.41694 0.40266 0.02949  -0.00544 0.00157  6   DA  B N6    
174 N  N1    . DA  A 6  ? 0.34910 0.35875 0.34584 0.01059  -0.01050 -0.00186 6   DA  B N1    
175 C  C2    . DA  A 6  ? 0.35564 0.37905 0.36144 0.00014  -0.00869 -0.00442 6   DA  B C2    
176 N  N3    . DA  A 6  ? 0.29751 0.33847 0.32287 -0.00201 -0.00284 -0.00977 6   DA  B N3    
177 C  C4    . DA  A 6  ? 0.22160 0.26263 0.25934 0.00527  0.00080  -0.00842 6   DA  B C4    
189 P  P     . DA  A 7  ? 0.19709 0.32096 0.32929 -0.00323 -0.00650 -0.06778 7   DA  B P     
190 O  OP1   . DA  A 7  ? 0.25240 0.40724 0.39470 -0.00209 -0.00929 -0.08709 7   DA  B OP1   
191 O  OP2   . DA  A 7  ? 0.25718 0.36761 0.40763 0.00012  -0.01001 -0.06507 7   DA  B OP2   
192 O  "O5'" . DA  A 7  ? 0.22008 0.34141 0.32196 -0.01059 -0.00226 -0.05716 7   DA  B "O5'" 
193 C  "C5'" . DA  A 7  ? 0.24182 0.37329 0.32426 -0.01686 -0.00102 -0.05312 7   DA  B "C5'" 
194 C  "C4'" . DA  A 7  ? 0.26604 0.38441 0.32468 -0.02374 -0.00171 -0.03905 7   DA  B "C4'" 
195 O  "O4'" . DA  A 7  ? 0.24006 0.32708 0.29030 -0.01864 -0.00174 -0.02864 7   DA  B "O4'" 
196 C  "C3'" . DA  A 7  ? 0.25967 0.38676 0.31856 -0.02767 -0.00256 -0.04056 7   DA  B "C3'" 
197 O  "O3'" . DA  A 7  ? 0.26156 0.41079 0.30770 -0.03845 -0.00478 -0.03558 7   DA  B "O3'" 
198 C  "C2'" . DA  A 7  ? 0.26516 0.35956 0.31415 -0.02515 -0.00354 -0.02966 7   DA  B "C2'" 
199 C  "C1'" . DA  A 7  ? 0.26192 0.33617 0.29906 -0.02164 -0.00428 -0.02154 7   DA  B "C1'" 
200 N  N9    . DA  A 7  ? 0.23821 0.28936 0.27261 -0.01303 -0.00369 -0.01601 7   DA  B N9    
201 C  C8    . DA  A 7  ? 0.23595 0.28626 0.28718 -0.00624 -0.00065 -0.01723 7   DA  B C8    
202 N  N7    . DA  A 7  ? 0.30875 0.34527 0.35203 0.00056  -0.00048 -0.00955 7   DA  B N7    
203 C  C5    . DA  A 7  ? 0.22804 0.25155 0.24799 0.00007  -0.00480 -0.00630 7   DA  B C5    
204 C  C6    . DA  A 7  ? 0.30683 0.31444 0.30960 0.00807  -0.00870 -0.00216 7   DA  B C6    
205 N  N6    . DA  A 7  ? 0.40061 0.40949 0.40506 0.01814  -0.00597 0.00072  7   DA  B N6    
206 N  N1    . DA  A 7  ? 0.37496 0.36849 0.36042 0.00574  -0.01739 -0.00108 7   DA  B N1    
207 C  C2    . DA  A 7  ? 0.38257 0.38166 0.36791 -0.00635 -0.02055 -0.00012 7   DA  B C2    
208 N  N3    . DA  A 7  ? 0.29400 0.31471 0.29254 -0.01470 -0.01522 -0.00326 7   DA  B N3    
209 C  C4    . DA  A 7  ? 0.27355 0.30387 0.28907 -0.00963 -0.00769 -0.00829 7   DA  B C4    
210 P  P     . DA  A 8  ? 0.27472 0.44641 0.31990 -0.04573 -0.00617 -0.03531 8   DA  B P     
211 O  OP1   . DA  A 8  ? 0.30834 0.52488 0.35140 -0.05444 -0.00688 -0.03598 8   DA  B OP1   
212 O  OP2   . DA  A 8  ? 0.30241 0.47129 0.36435 -0.03764 -0.00418 -0.04677 8   DA  B OP2   
213 O  "O5'" . DA  A 8  ? 0.31599 0.45717 0.34166 -0.05285 -0.01207 -0.01661 8   DA  B "O5'" 
214 C  "C5'" . DA  A 8  ? 0.31641 0.44706 0.32678 -0.06049 -0.01877 -0.00247 8   DA  B "C5'" 
215 C  "C4'" . DA  A 8  ? 0.30672 0.39917 0.30382 -0.06099 -0.02693 0.00887  8   DA  B "C4'" 
216 O  "O4'" . DA  A 8  ? 0.30756 0.37240 0.30654 -0.04684 -0.02269 0.00222  8   DA  B "O4'" 
217 C  "C3'" . DA  A 8  ? 0.35584 0.45238 0.35154 -0.06806 -0.03072 0.01382  8   DA  B "C3'" 
218 O  "O3'" . DA  A 8  ? 0.41593 0.51157 0.40136 -0.08232 -0.04361 0.03107  8   DA  B "O3'" 
219 C  "C2'" . DA  A 8  ? 0.36367 0.42513 0.35691 -0.05668 -0.03021 0.01032  8   DA  B "C2'" 
220 C  "C1'" . DA  A 8  ? 0.33607 0.37675 0.32626 -0.04556 -0.02853 0.00734  8   DA  B "C1'" 
221 N  N9    . DA  A 8  ? 0.31577 0.34351 0.31177 -0.03228 -0.02194 0.00044  8   DA  B N9    
222 C  C8    . DA  A 8  ? 0.26116 0.30341 0.27522 -0.02743 -0.01319 -0.00817 8   DA  B C8    
223 N  N7    . DA  A 8  ? 0.28325 0.31265 0.30119 -0.01748 -0.01034 -0.00838 8   DA  B N7    
224 C  C5    . DA  A 8  ? 0.30887 0.31666 0.30809 -0.01323 -0.01619 -0.00257 8   DA  B C5    
225 C  C6    . DA  A 8  ? 0.35211 0.34686 0.34494 -0.00159 -0.01640 -0.00101 8   DA  B C6    
226 N  N6    . DA  A 8  ? 0.32316 0.32635 0.32914 0.00499  -0.00977 -0.00066 8   DA  B N6    
227 N  N1    . DA  A 8  ? 0.38008 0.35614 0.35440 0.00323  -0.02553 0.00041  8   DA  B N1    
228 C  C2    . DA  A 8  ? 0.40658 0.37360 0.37204 -0.00566 -0.03540 0.00325  8   DA  B C2    
229 N  N3    . DA  A 8  ? 0.33412 0.31438 0.30476 -0.01980 -0.03585 0.00653  8   DA  B N3    
230 C  C4    . DA  A 8  ? 0.29395 0.29669 0.28056 -0.02181 -0.02474 0.00197  8   DA  B C4    
231 P  P     . DC  A 9  ? 0.39966 0.49657 0.38213 -0.09341 -0.05240 0.04229  9   DC  B P     
232 O  OP1   . DC  A 9  ? 0.45967 0.58026 0.43974 -0.11223 -0.06378 0.06138  9   DC  B OP1   
233 O  OP2   . DC  A 9  ? 0.38080 0.49305 0.37234 -0.08860 -0.04273 0.03126  9   DC  B OP2   
234 O  "O5'" . DC  A 9  ? 0.35689 0.40134 0.32849 -0.08636 -0.06363 0.04552  9   DC  B "O5'" 
235 C  "C5'" . DC  A 9  ? 0.36378 0.38104 0.32765 -0.08342 -0.07399 0.04988  9   DC  B "C5'" 
236 C  "C4'" . DC  A 9  ? 0.38878 0.36264 0.34350 -0.07313 -0.08536 0.04767  9   DC  B "C4'" 
237 O  "O4'" . DC  A 9  ? 0.36988 0.33616 0.32493 -0.05506 -0.07168 0.03230  9   DC  B "O4'" 
238 C  "C3'" . DC  A 9  ? 0.43641 0.40082 0.38914 -0.08153 -0.09725 0.05583  9   DC  B "C3'" 
239 O  "O3'" . DC  A 9  ? 0.48477 0.41370 0.43083 -0.08268 -0.12101 0.06333  9   DC  B "O3'" 
240 C  "C2'" . DC  A 9  ? 0.38016 0.33863 0.33281 -0.06764 -0.08513 0.04222  9   DC  B "C2'" 
241 C  "C1'" . DC  A 9  ? 0.35969 0.30920 0.31059 -0.05003 -0.07553 0.02986  9   DC  B "C1'" 
242 N  N1    . DC  A 9  ? 0.32464 0.28655 0.28307 -0.03948 -0.05793 0.01922  9   DC  B N1    
243 C  C2    . DC  A 9  ? 0.33624 0.28272 0.28992 -0.02304 -0.05544 0.01183  9   DC  B C2    
244 O  O2    . DC  A 9  ? 0.36311 0.28614 0.30477 -0.01510 -0.06772 0.01047  9   DC  B O2    
245 N  N3    . DC  A 9  ? 0.30469 0.26529 0.26878 -0.01621 -0.04152 0.00667  9   DC  B N3    
246 C  C4    . DC  A 9  ? 0.28659 0.27027 0.26617 -0.02315 -0.03199 0.00530  9   DC  B C4    
247 N  N4    . DC  A 9  ? 0.28216 0.27576 0.27552 -0.01668 -0.02245 0.00120  9   DC  B N4    
248 C  C5    . DC  A 9  ? 0.29524 0.29620 0.27843 -0.03667 -0.03366 0.00823  9   DC  B C5    
249 C  C6    . DC  A 9  ? 0.29831 0.29031 0.27024 -0.04517 -0.04565 0.01665  9   DC  B C6    
261 P  P     . DG  A 10 ? 0.51130 0.42837 0.45833 -0.09868 -0.14379 0.07993  10  DG  B P     
262 O  OP1   . DG  A 10 ? 0.56514 0.45580 0.51205 -0.10376 -0.16919 0.09049  10  DG  B OP1   
263 O  OP2   . DG  A 10 ? 0.47517 0.43363 0.42972 -0.11545 -0.13463 0.09046  10  DG  B OP2   
264 O  "O5'" . DG  A 10 ? 0.45254 0.34201 0.39287 -0.08333 -0.14526 0.06648  10  DG  B "O5'" 
265 C  "C5'" . DG  A 10 ? 0.47765 0.33377 0.40950 -0.06293 -0.15285 0.05197  10  DG  B "C5'" 
266 C  "C4'" . DG  A 10 ? 0.47651 0.32402 0.40256 -0.04863 -0.14676 0.03888  10  DG  B "C4'" 
267 O  "O4'" . DG  A 10 ? 0.42767 0.30220 0.35652 -0.04102 -0.11908 0.03028  10  DG  B "O4'" 
268 C  "C3'" . DG  A 10 ? 0.50848 0.35517 0.43692 -0.06113 -0.15490 0.04785  10  DG  B "C3'" 
269 O  "O3'" . DG  A 10 ? 0.52532 0.34676 0.44575 -0.04657 -0.16452 0.03637  10  DG  B "O3'" 
270 C  "C2'" . DG  A 10 ? 0.44989 0.33345 0.38501 -0.06568 -0.12895 0.04744  10  DG  B "C2'" 
271 C  "C1'" . DG  A 10 ? 0.42408 0.30843 0.35583 -0.04535 -0.11268 0.03135  10  DG  B "C1'" 
272 N  N9    . DG  A 10 ? 0.38425 0.29926 0.32552 -0.04513 -0.08942 0.02773  10  DG  B N9    
273 C  C8    . DG  A 10 ? 0.38212 0.32783 0.33442 -0.05858 -0.08001 0.03334  10  DG  B C8    
274 N  N7    . DG  A 10 ? 0.33605 0.30165 0.29818 -0.05236 -0.06245 0.02493  10  DG  B N7    
275 C  C5    . DG  A 10 ? 0.33158 0.28034 0.28893 -0.03617 -0.05945 0.01716  10  DG  B C5    
276 C  C6    . DG  A 10 ? 0.30900 0.26814 0.27539 -0.02570 -0.04566 0.01035  10  DG  B C6    
277 O  O6    . DG  A 10 ? 0.32765 0.30799 0.31006 -0.02770 -0.03468 0.00755  10  DG  B O6    
278 N  N1    . DG  A 10 ? 0.30698 0.25173 0.26408 -0.01124 -0.04760 0.00677  10  DG  B N1    
279 C  C2    . DG  A 10 ? 0.34508 0.26689 0.28592 -0.00487 -0.06186 0.00517  10  DG  B C2    
280 N  N2    . DG  A 10 ? 0.35328 0.27186 0.28656 0.01167  -0.06165 -0.00105 10  DG  B N2    
281 N  N3    . DG  A 10 ? 0.35852 0.26397 0.29266 -0.01383 -0.07751 0.00959  10  DG  B N3    
282 C  C4    . DG  A 10 ? 0.33722 0.25793 0.28043 -0.03061 -0.07491 0.01755  10  DG  B C4    
294 P  P     . DC  A 11 ? 0.59801 0.37953 0.51573 -0.04666 -0.19964 0.03810  11  DC  B P     
295 O  OP1   . DC  A 11 ? 0.60937 0.37627 0.53148 -0.05263 -0.21830 0.04589  11  DC  B OP1   
296 O  OP2   . DC  A 11 ? 0.62513 0.40865 0.54712 -0.06193 -0.20632 0.04979  11  DC  B OP2   
297 O  "O5'" . DC  A 11 ? 0.58519 0.35002 0.49087 -0.01783 -0.20070 0.01389  11  DC  B "O5'" 
298 C  "C5'" . DC  A 11 ? 0.54030 0.30503 0.44049 0.00115  -0.19566 -0.00003 11  DC  B "C5'" 
299 C  "C4'" . DC  A 11 ? 0.53166 0.31565 0.42375 0.02186  -0.17480 -0.01565 11  DC  B "C4'" 
300 O  "O4'" . DC  A 11 ? 0.48926 0.30536 0.38793 0.01225  -0.14644 -0.00743 11  DC  B "O4'" 
301 C  "C3'" . DC  A 11 ? 0.55761 0.33151 0.44166 0.03424  -0.18468 -0.02687 11  DC  B "C3'" 
302 O  "O3'" . DC  A 11 ? 0.56427 0.34906 0.43864 0.06005  -0.17926 -0.04509 11  DC  B "O3'" 
303 C  "C2'" . DC  A 11 ? 0.50294 0.29803 0.39215 0.02051  -0.16554 -0.01610 11  DC  B "C2'" 
304 C  "C1'" . DC  A 11 ? 0.43474 0.25958 0.33098 0.01688  -0.13874 -0.01095 11  DC  B "C1'" 
305 N  N1    . DC  A 11 ? 0.40901 0.25511 0.31668 -0.00113 -0.12217 0.00152  11  DC  B N1    
306 C  C2    . DC  A 11 ? 0.37306 0.24607 0.28738 0.00286  -0.09897 0.00031  11  DC  B C2    
307 O  O2    . DC  A 11 ? 0.37972 0.26036 0.28944 0.01951  -0.09249 -0.00786 11  DC  B O2    
308 N  N3    . DC  A 11 ? 0.38943 0.28174 0.31677 -0.01126 -0.08625 0.00827  11  DC  B N3    
309 C  C4    . DC  A 11 ? 0.43002 0.32226 0.36173 -0.02862 -0.09322 0.01763  11  DC  B C4    
310 N  N4    . DC  A 11 ? 0.38302 0.30033 0.32772 -0.03937 -0.08052 0.02212  11  DC  B N4    
311 C  C5    . DC  A 11 ? 0.42940 0.29843 0.35442 -0.03564 -0.11562 0.02330  11  DC  B C5    
312 C  C6    . DC  A 11 ? 0.45036 0.29377 0.36459 -0.02162 -0.13050 0.01477  11  DC  B C6    
324 P  P     . DG  A 12 ? 0.66974 0.44358 0.53254 0.08206  -0.19717 -0.06470 12  DG  B P     
325 O  OP1   . DG  A 12 ? 0.63818 0.42570 0.49261 0.10855  -0.19628 -0.08322 12  DG  B OP1   
326 O  OP2   . DG  A 12 ? 0.70370 0.43955 0.56903 0.07354  -0.22831 -0.06341 12  DG  B OP2   
327 O  "O5'" . DG  A 12 ? 0.57076 0.37186 0.43203 0.08021  -0.17601 -0.06050 12  DG  B "O5'" 
328 C  "C5'" . DG  A 12 ? 0.53584 0.37566 0.39612 0.08977  -0.15010 -0.06102 12  DG  B "C5'" 
329 C  "C4'" . DG  A 12 ? 0.46534 0.32343 0.32780 0.08380  -0.13682 -0.05381 12  DG  B "C4'" 
330 O  "O4'" . DG  A 12 ? 0.44175 0.30078 0.31802 0.05980  -0.12454 -0.03616 12  DG  B "O4'" 
331 C  "C3'" . DG  A 12 ? 0.49106 0.32987 0.34587 0.08735  -0.15627 -0.06149 12  DG  B "C3'" 
332 O  "O3'" . DG  A 12 ? 0.51368 0.37753 0.35797 0.10828  -0.15322 -0.07381 12  DG  B "O3'" 
333 C  "C2'" . DG  A 12 ? 0.48201 0.31706 0.34757 0.06289  -0.14922 -0.04393 12  DG  B "C2'" 
334 C  "C1'" . DG  A 12 ? 0.42424 0.28179 0.30272 0.05069  -0.12497 -0.03065 12  DG  B "C1'" 
335 N  N9    . DG  A 12 ? 0.42525 0.27559 0.31568 0.02723  -0.12309 -0.01647 12  DG  B N9    
336 C  C8    . DG  A 12 ? 0.48655 0.31247 0.37819 0.01420  -0.14126 -0.01094 12  DG  B C8    
337 N  N7    . DG  A 12 ? 0.46829 0.30464 0.37166 -0.00563 -0.13293 0.00279  12  DG  B N7    
338 C  C5    . DG  A 12 ? 0.41999 0.28436 0.33123 -0.00408 -0.10926 0.00360  12  DG  B C5    
339 C  C6    . DG  A 12 ? 0.39337 0.28044 0.31974 -0.01756 -0.09332 0.01194  12  DG  B C6    
340 O  O6    . DG  A 12 ? 0.42412 0.31720 0.35803 -0.03376 -0.09476 0.02052  12  DG  B O6    
341 N  N1    . DG  A 12 ? 0.39418 0.30172 0.32862 -0.01021 -0.07613 0.00960  12  DG  B N1    
342 C  C2    . DG  A 12 ? 0.37708 0.28864 0.30504 0.00610  -0.07306 0.00371  12  DG  B C2    
343 N  N2    . DG  A 12 ? 0.35598 0.28987 0.29674 0.00825  -0.05835 0.00689  12  DG  B N2    
344 N  N3    . DG  A 12 ? 0.35512 0.25273 0.26672 0.01978  -0.08544 -0.00473 12  DG  B N3    
345 C  C4    . DG  A 12 ? 0.40281 0.27472 0.30715 0.01460  -0.10369 -0.00599 12  DG  B C4    
358 O  "O5'" . DC  B 1  ? 0.50851 0.54908 0.57366 -0.04273 -0.02627 0.00088  13  DC  C "O5'" 
359 C  "C5'" . DC  B 1  ? 0.42488 0.45602 0.49789 -0.03812 -0.02691 0.00478  13  DC  C "C5'" 
360 C  "C4'" . DC  B 1  ? 0.41221 0.42801 0.47599 -0.03075 -0.02593 0.01106  13  DC  C "C4'" 
361 O  "O4'" . DC  B 1  ? 0.37612 0.37593 0.41133 -0.03082 -0.02968 0.01444  13  DC  C "O4'" 
362 C  "C3'" . DC  B 1  ? 0.41825 0.43963 0.49472 -0.02584 -0.02212 0.00814  13  DC  C "C3'" 
363 O  "O3'" . DC  B 1  ? 0.44359 0.46413 0.53090 -0.02033 -0.02175 0.01600  13  DC  C "O3'" 
364 C  "C2'" . DC  B 1  ? 0.38169 0.39404 0.43441 -0.02537 -0.02197 0.00817  13  DC  C "C2'" 
365 C  "C1'" . DC  B 1  ? 0.38196 0.37802 0.41050 -0.02556 -0.02760 0.01341  13  DC  C "C1'" 
366 N  N1    . DC  B 1  ? 0.38495 0.36991 0.39294 -0.03019 -0.03388 0.01337  13  DC  C N1    
367 C  C2    . DC  B 1  ? 0.36260 0.32801 0.34909 -0.02396 -0.04103 0.01476  13  DC  C C2    
368 O  O2    . DC  B 1  ? 0.38106 0.34457 0.36377 -0.01348 -0.03958 0.01501  13  DC  C O2    
369 N  N3    . DC  B 1  ? 0.38846 0.34057 0.36069 -0.02914 -0.05096 0.01587  13  DC  C N3    
370 C  C4    . DC  B 1  ? 0.42712 0.38941 0.40454 -0.04194 -0.05245 0.01889  13  DC  C C4    
371 N  N4    . DC  B 1  ? 0.42612 0.37612 0.39182 -0.04899 -0.06476 0.02403  13  DC  C N4    
372 C  C5    . DC  B 1  ? 0.40911 0.39785 0.40575 -0.04750 -0.04312 0.01669  13  DC  C C5    
373 C  C6    . DC  B 1  ? 0.42984 0.42638 0.44153 -0.04052 -0.03500 0.01241  13  DC  C C6    
386 P  P     . DG  B 2  ? 0.46482 0.49261 0.57330 -0.01635 -0.02033 0.01744  14  DG  C P     
387 O  OP1   . DG  B 2  ? 0.53291 0.56655 0.66746 -0.01619 -0.02421 0.02648  14  DG  C OP1   
388 O  OP2   . DG  B 2  ? 0.48425 0.51809 0.60058 -0.01775 -0.01934 0.00522  14  DG  C OP2   
389 O  "O5'" . DG  B 2  ? 0.36441 0.38730 0.44947 -0.01050 -0.01746 0.02442  14  DG  C "O5'" 
390 C  "C5'" . DG  B 2  ? 0.35360 0.37620 0.42423 -0.00620 -0.01816 0.03337  14  DG  C "C5'" 
391 C  "C4'" . DG  B 2  ? 0.33251 0.35273 0.37854 0.00188  -0.01676 0.03339  14  DG  C "C4'" 
392 O  "O4'" . DG  B 2  ? 0.34882 0.35237 0.37323 0.00046  -0.01978 0.02392  14  DG  C "O4'" 
393 C  "C3'" . DG  B 2  ? 0.31690 0.34624 0.37306 0.00486  -0.01323 0.03581  14  DG  C "C3'" 
394 O  "O3'" . DG  B 2  ? 0.28970 0.33549 0.34302 0.01219  -0.01184 0.04651  14  DG  C "O3'" 
395 C  "C2'" . DG  B 2  ? 0.31767 0.33394 0.35413 0.00612  -0.01331 0.02562  14  DG  C "C2'" 
396 C  "C1'" . DG  B 2  ? 0.33916 0.33990 0.35283 0.00550  -0.01889 0.02077  14  DG  C "C1'" 
397 N  N9    . DG  B 2  ? 0.29945 0.28782 0.30475 -0.00135 -0.02230 0.01402  14  DG  C N9    
398 C  C8    . DG  B 2  ? 0.33706 0.33161 0.35676 -0.01074 -0.02040 0.01062  14  DG  C C8    
399 N  N7    . DG  B 2  ? 0.30281 0.29075 0.31044 -0.01695 -0.02482 0.00814  14  DG  C N7    
400 C  C5    . DG  B 2  ? 0.31230 0.28258 0.29802 -0.01128 -0.03207 0.00931  14  DG  C C5    
401 C  C6    . DG  B 2  ? 0.32114 0.27528 0.29022 -0.01503 -0.04278 0.00943  14  DG  C C6    
402 O  O6    . DG  B 2  ? 0.34953 0.30581 0.31924 -0.02638 -0.04660 0.01186  14  DG  C O6    
403 N  N1    . DG  B 2  ? 0.29892 0.23605 0.25095 -0.00408 -0.05137 0.00693  14  DG  C N1    
404 C  C2    . DG  B 2  ? 0.30066 0.24343 0.24989 0.00930  -0.04762 0.00479  14  DG  C C2    
405 N  N2    . DG  B 2  ? 0.31974 0.24985 0.25137 0.02146  -0.05794 -0.00115 14  DG  C N2    
406 N  N3    . DG  B 2  ? 0.29256 0.25493 0.25698 0.01077  -0.03637 0.00861  14  DG  C N3    
407 C  C4    . DG  B 2  ? 0.30066 0.27239 0.28379 -0.00017 -0.03015 0.01072  14  DG  C C4    
419 P  P     . DC  B 3  ? 0.34435 0.40614 0.40721 0.01611  -0.00858 0.05366  15  DC  C P     
420 O  OP1   . DC  B 3  ? 0.35643 0.44538 0.42836 0.01873  -0.00845 0.07091  15  DC  C OP1   
421 O  OP2   . DC  B 3  ? 0.38999 0.44504 0.47506 0.00917  -0.00876 0.04915  15  DC  C OP2   
422 O  "O5'" . DC  B 3  ? 0.32447 0.37970 0.35682 0.02611  -0.00766 0.04399  15  DC  C "O5'" 
423 C  "C5'" . DC  B 3  ? 0.32514 0.38534 0.33248 0.03725  -0.00994 0.04131  15  DC  C "C5'" 
424 C  "C4'" . DC  B 3  ? 0.30239 0.34348 0.28490 0.04469  -0.01427 0.02692  15  DC  C "C4'" 
425 O  "O4'" . DC  B 3  ? 0.32433 0.33850 0.30558 0.03441  -0.01809 0.01952  15  DC  C "O4'" 
426 C  "C3'" . DC  B 3  ? 0.32735 0.37548 0.31056 0.04960  -0.01111 0.02638  15  DC  C "C3'" 
427 O  "O3'" . DC  B 3  ? 0.35024 0.42268 0.32214 0.06433  -0.01061 0.02760  15  DC  C "O3'" 
428 C  "C2'" . DC  B 3  ? 0.36641 0.38530 0.33544 0.04783  -0.01719 0.01389  15  DC  C "C2'" 
429 C  "C1'" . DC  B 3  ? 0.30462 0.30450 0.27312 0.03723  -0.02188 0.01148  15  DC  C "C1'" 
430 N  N1    . DC  B 3  ? 0.28614 0.27612 0.26589 0.02360  -0.02068 0.01049  15  DC  C N1    
431 C  C2    . DC  B 3  ? 0.27581 0.24656 0.24301 0.01877  -0.02852 0.00508  15  DC  C C2    
432 O  O2    . DC  B 3  ? 0.32327 0.27964 0.27221 0.02613  -0.03825 0.00045  15  DC  C O2    
433 N  N3    . DC  B 3  ? 0.26688 0.23813 0.24397 0.00624  -0.02696 0.00526  15  DC  C N3    
434 C  C4    . DC  B 3  ? 0.28783 0.27507 0.28640 0.00126  -0.01886 0.00646  15  DC  C C4    
435 N  N4    . DC  B 3  ? 0.29458 0.28814 0.30184 -0.00853 -0.01794 0.00350  15  DC  C N4    
436 C  C5    . DC  B 3  ? 0.31388 0.31416 0.32792 0.00623  -0.01331 0.01104  15  DC  C C5    
437 C  C6    . DC  B 3  ? 0.32238 0.32486 0.32622 0.01608  -0.01403 0.01500  15  DC  C C6    
449 P  P     . DG  B 4  ? 0.37541 0.46622 0.34974 0.07145  -0.00635 0.03020  16  DG  C P     
450 O  OP1   . DG  B 4  ? 0.40450 0.53796 0.37713 0.08291  -0.00331 0.03934  16  DG  C OP1   
451 O  OP2   . DG  B 4  ? 0.38975 0.47346 0.38765 0.05754  -0.00206 0.03708  16  DG  C OP2   
452 O  "O5'" . DG  B 4  ? 0.38317 0.45013 0.33376 0.08168  -0.01425 0.01215  16  DG  C "O5'" 
453 C  "C5'" . DG  B 4  ? 0.37141 0.43234 0.29927 0.09579  -0.02409 -0.00122 16  DG  C "C5'" 
454 C  "C4'" . DG  B 4  ? 0.36514 0.39389 0.27876 0.10028  -0.03574 -0.01610 16  DG  C "C4'" 
455 O  "O4'" . DG  B 4  ? 0.39581 0.39398 0.31694 0.08152  -0.03766 -0.01331 16  DG  C "O4'" 
456 C  "C3'" . DG  B 4  ? 0.36619 0.40438 0.27933 0.10859  -0.03378 -0.01861 16  DG  C "C3'" 
457 O  "O3'" . DG  B 4  ? 0.41974 0.44006 0.31519 0.12344  -0.04881 -0.03587 16  DG  C "O3'" 
458 C  "C2'" . DG  B 4  ? 0.35415 0.37626 0.28275 0.08976  -0.02816 -0.01037 16  DG  C "C2'" 
459 C  "C1'" . DG  B 4  ? 0.39768 0.38956 0.32427 0.07679  -0.03554 -0.01243 16  DG  C "C1'" 
460 N  N9    . DG  B 4  ? 0.32468 0.31355 0.26892 0.05815  -0.02797 -0.00370 16  DG  C N9    
461 C  C8    . DG  B 4  ? 0.30071 0.30991 0.26551 0.05162  -0.01658 0.00609  16  DG  C C8    
462 N  N7    . DG  B 4  ? 0.30332 0.30548 0.28144 0.03747  -0.01428 0.00773  16  DG  C N7    
463 C  C5    . DG  B 4  ? 0.27779 0.25778 0.24261 0.03266  -0.02307 0.00168  16  DG  C C5    
464 C  C6    . DG  B 4  ? 0.27005 0.24255 0.24003 0.01826  -0.02476 0.00158  16  DG  C C6    
465 O  O6    . DG  B 4  ? 0.29249 0.27674 0.27967 0.00926  -0.01830 0.00282  16  DG  C O6    
466 N  N1    . DG  B 4  ? 0.28752 0.23998 0.24203 0.01534  -0.03716 -0.00046 16  DG  C N1    
467 C  C2    . DG  B 4  ? 0.30852 0.24459 0.24627 0.02662  -0.04874 -0.00518 16  DG  C C2    
468 N  N2    . DG  B 4  ? 0.33019 0.24470 0.25905 0.02061  -0.06410 -0.00513 16  DG  C N2    
469 N  N3    . DG  B 4  ? 0.32642 0.27004 0.25816 0.04307  -0.04711 -0.00963 16  DG  C N3    
470 C  C4    . DG  B 4  ? 0.32083 0.28898 0.26607 0.04439  -0.03294 -0.00446 16  DG  C C4    
482 P  P     . DT  B 5  ? 0.50603 0.52166 0.39877 0.13154  -0.05279 -0.04260 17  DT  C P     
483 O  OP1   . DT  B 5  ? 0.54270 0.56377 0.41855 0.15666  -0.06660 -0.06173 17  DT  C OP1   
484 O  OP2   . DT  B 5  ? 0.52061 0.56158 0.42829 0.12529  -0.03694 -0.02908 17  DT  C OP2   
485 O  "O5'" . DT  B 5  ? 0.44897 0.41992 0.34296 0.11536  -0.06370 -0.04308 17  DT  C "O5'" 
486 C  "C5'" . DT  B 5  ? 0.46246 0.40406 0.34918 0.11169  -0.07909 -0.04872 17  DT  C "C5'" 
487 C  "C4'" . DT  B 5  ? 0.41753 0.32739 0.30852 0.09422  -0.08858 -0.04370 17  DT  C "C4'" 
488 O  "O4'" . DT  B 5  ? 0.44733 0.36606 0.35219 0.07358  -0.07306 -0.02923 17  DT  C "O4'" 
489 C  "C3'" . DT  B 5  ? 0.46868 0.36941 0.35861 0.09966  -0.09620 -0.04798 17  DT  C "C3'" 
490 O  "O3'" . DT  B 5  ? 0.51571 0.38048 0.40311 0.09305  -0.11915 -0.04971 17  DT  C "O3'" 
491 C  "C2'" . DT  B 5  ? 0.42611 0.34326 0.32928 0.08458  -0.07747 -0.03470 17  DT  C "C2'" 
492 C  "C1'" . DT  B 5  ? 0.41600 0.33286 0.32724 0.06557  -0.07051 -0.02465 17  DT  C "C1'" 
493 N  N1    . DT  B 5  ? 0.34647 0.28793 0.27346 0.05544  -0.05045 -0.01528 17  DT  C N1    
494 C  C2    . DT  B 5  ? 0.30901 0.24950 0.24626 0.03677  -0.04669 -0.00833 17  DT  C C2    
495 O  O2    . DT  B 5  ? 0.34418 0.26933 0.27815 0.02599  -0.05705 -0.00599 17  DT  C O2    
496 N  N3    . DT  B 5  ? 0.32639 0.28815 0.27988 0.03142  -0.03191 -0.00393 17  DT  C N3    
497 C  C4    . DT  B 5  ? 0.32054 0.30198 0.28301 0.03953  -0.02187 -0.00176 17  DT  C C4    
498 O  O4    . DT  B 5  ? 0.36244 0.35877 0.34349 0.03298  -0.01283 0.00274  17  DT  C O4    
499 C  C5    . DT  B 5  ? 0.31587 0.30264 0.26665 0.05653  -0.02454 -0.00500 17  DT  C C5    
500 C  C7    . DT  B 5  ? 0.37350 0.39006 0.33430 0.06445  -0.01451 0.00159  17  DT  C C7    
501 C  C6    . DT  B 5  ? 0.34486 0.31267 0.27779 0.06500  -0.03801 -0.01355 17  DT  C C6    
502 P  P     . DT  B 6  ? 0.60750 0.45264 0.49446 0.09832  -0.13623 -0.05463 18  DT  C P     
503 O  OP1   . DT  B 6  ? 0.66433 0.47321 0.54771 0.10126  -0.16683 -0.06194 18  DT  C OP1   
504 O  OP2   . DT  B 6  ? 0.59605 0.46509 0.48009 0.11844  -0.12687 -0.06414 18  DT  C OP2   
505 O  "O5'" . DT  B 6  ? 0.51563 0.35980 0.41346 0.07238  -0.12883 -0.03628 18  DT  C "O5'" 
506 C  "C5'" . DT  B 6  ? 0.52782 0.36312 0.43053 0.05034  -0.13239 -0.02347 18  DT  C "C5'" 
507 C  "C4'" . DT  B 6  ? 0.47739 0.32693 0.38982 0.02998  -0.12095 -0.00898 18  DT  C "C4'" 
508 O  "O4'" . DT  B 6  ? 0.40926 0.28885 0.32756 0.02942  -0.09504 -0.00818 18  DT  C "O4'" 
509 C  "C3'" . DT  B 6  ? 0.48420 0.32864 0.39856 0.03065  -0.12759 -0.00747 18  DT  C "C3'" 
510 O  "O3'" . DT  B 6  ? 0.52685 0.36099 0.44655 0.00984  -0.14221 0.00727  18  DT  C "O3'" 
511 C  "C2'" . DT  B 6  ? 0.43546 0.31039 0.35557 0.03124  -0.10202 -0.00674 18  DT  C "C2'" 
512 C  "C1'" . DT  B 6  ? 0.39809 0.29157 0.32354 0.02258  -0.08590 -0.00313 18  DT  C "C1'" 
513 N  N1    . DT  B 6  ? 0.36476 0.28378 0.29709 0.02974  -0.06452 -0.00616 18  DT  C N1    
514 C  C2    . DT  B 6  ? 0.31753 0.25718 0.26259 0.01731  -0.05029 -0.00108 18  DT  C C2    
515 O  O2    . DT  B 6  ? 0.37710 0.32081 0.32618 0.00192  -0.05202 0.00455  18  DT  C O2    
516 N  N3    . DT  B 6  ? 0.35474 0.31311 0.30930 0.02406  -0.03582 -0.00285 18  DT  C N3    
517 C  C4    . DT  B 6  ? 0.34206 0.30703 0.29454 0.03974  -0.03193 -0.00583 18  DT  C C4    
518 O  O4    . DT  B 6  ? 0.39945 0.38431 0.36453 0.04191  -0.02032 -0.00293 18  DT  C O4    
519 C  C5    . DT  B 6  ? 0.33910 0.28917 0.27580 0.05366  -0.04438 -0.01240 18  DT  C C5    
520 C  C7    . DT  B 6  ? 0.42668 0.39282 0.35909 0.07325  -0.04082 -0.01721 18  DT  C C7    
521 C  C6    . DT  B 6  ? 0.33860 0.26367 0.26651 0.04889  -0.06095 -0.01382 18  DT  C C6    
522 P  P     . DT  B 7  ? 0.55428 0.38009 0.47804 0.00446  -0.15508 0.01422  19  DT  C P     
523 O  OP1   . DT  B 7  ? 0.61403 0.41861 0.54256 -0.01243 -0.18218 0.02874  19  DT  C OP1   
524 O  OP2   . DT  B 7  ? 0.61231 0.43252 0.53148 0.02780  -0.15501 -0.00114 19  DT  C OP2   
525 O  "O5'" . DT  B 7  ? 0.51084 0.37155 0.44139 -0.01095 -0.13246 0.02422  19  DT  C "O5'" 
526 C  "C5'" . DT  B 7  ? 0.50232 0.38300 0.43782 -0.03032 -0.12592 0.03570  19  DT  C "C5'" 
527 C  "C4'" . DT  B 7  ? 0.47087 0.38712 0.41271 -0.03593 -0.10296 0.03599  19  DT  C "C4'" 
528 O  "O4'" . DT  B 7  ? 0.45119 0.37463 0.39330 -0.01957 -0.08461 0.02223  19  DT  C "O4'" 
529 C  "C3'" . DT  B 7  ? 0.47498 0.39868 0.41963 -0.04023 -0.10477 0.04122  19  DT  C "C3'" 
530 O  "O3'" . DT  B 7  ? 0.44343 0.39463 0.39379 -0.06121 -0.10468 0.05517  19  DT  C "O3'" 
531 C  "C2'" . DT  B 7  ? 0.44141 0.37864 0.38833 -0.02578 -0.08427 0.02847  19  DT  C "C2'" 
532 C  "C1'" . DT  B 7  ? 0.35318 0.29817 0.30197 -0.01978 -0.07083 0.02060  19  DT  C "C1'" 
533 N  N1    . DT  B 7  ? 0.36391 0.31083 0.31400 -0.00194 -0.05822 0.00986  19  DT  C N1    
534 C  C2    . DT  B 7  ? 0.35477 0.32480 0.31632 -0.00246 -0.04138 0.00656  19  DT  C C2    
535 O  O2    . DT  B 7  ? 0.33853 0.32764 0.30837 -0.01414 -0.03601 0.00810  19  DT  C O2    
536 N  N3    . DT  B 7  ? 0.39748 0.37079 0.36239 0.01149  -0.03276 0.00144  19  DT  C N3    
537 C  C4    . DT  B 7  ? 0.39970 0.36221 0.35585 0.02712  -0.03689 -0.00202 19  DT  C C4    
538 O  O4    . DT  B 7  ? 0.43435 0.40956 0.39543 0.03775  -0.02790 -0.00368 19  DT  C O4    
539 C  C5    . DT  B 7  ? 0.37167 0.31017 0.31459 0.03040  -0.05446 -0.00323 19  DT  C C5    
540 C  C7    . DT  B 7  ? 0.45111 0.38008 0.38428 0.05087  -0.06198 -0.01176 19  DT  C C7    
541 C  C6    . DT  B 7  ? 0.38751 0.31610 0.32910 0.01508  -0.06545 0.00350  19  DT  C C6    
554 P  P     . DT  B 8  ? 0.47693 0.44513 0.43104 -0.07184 -0.10800 0.06548  20  DT  C P     
555 O  OP1   . DT  B 8  ? 0.51088 0.50242 0.46899 -0.09534 -0.11809 0.08530  20  DT  C OP1   
556 O  OP2   . DT  B 8  ? 0.51665 0.45373 0.46756 -0.06030 -0.12060 0.06269  20  DT  C OP2   
557 O  "O5'" . DT  B 8  ? 0.41302 0.41420 0.37220 -0.06639 -0.08294 0.05337  20  DT  C "O5'" 
558 C  "C5'" . DT  B 8  ? 0.40246 0.43391 0.36710 -0.07102 -0.06925 0.04870  20  DT  C "C5'" 
559 C  "C4'" . DT  B 8  ? 0.35611 0.40805 0.32877 -0.06142 -0.05055 0.03373  20  DT  C "C4'" 
560 O  "O4'" . DT  B 8  ? 0.34602 0.37289 0.31820 -0.04379 -0.04492 0.02328  20  DT  C "O4'" 
561 C  "C3'" . DT  B 8  ? 0.36020 0.43110 0.33591 -0.06449 -0.04827 0.03479  20  DT  C "C3'" 
562 O  "O3'" . DT  B 8  ? 0.36739 0.48083 0.35180 -0.07021 -0.03844 0.02862  20  DT  C "O3'" 
563 C  "C2'" . DT  B 8  ? 0.36143 0.41169 0.33864 -0.04736 -0.04168 0.02446  20  DT  C "C2'" 
564 C  "C1'" . DT  B 8  ? 0.31981 0.35667 0.29894 -0.03663 -0.03539 0.01603  20  DT  C "C1'" 
565 N  N1    . DT  B 8  ? 0.30030 0.31265 0.27640 -0.02034 -0.03432 0.01159  20  DT  C N1    
566 C  C2    . DT  B 8  ? 0.27443 0.29405 0.26110 -0.01057 -0.02243 0.00370  20  DT  C C2    
567 O  O2    . DT  B 8  ? 0.33318 0.37283 0.33307 -0.01365 -0.01456 -0.00170 20  DT  C O2    
568 N  N3    . DT  B 8  ? 0.36558 0.37084 0.34864 0.00339  -0.02202 0.00255  20  DT  C N3    
569 C  C4    . DT  B 8  ? 0.41082 0.39525 0.38050 0.01144  -0.03221 0.00399  20  DT  C C4    
570 O  O4    . DT  B 8  ? 0.47026 0.45086 0.43740 0.02610  -0.03059 0.00082  20  DT  C O4    
571 C  C5    . DT  B 8  ? 0.34822 0.31882 0.30891 0.00182  -0.04694 0.00980  20  DT  C C5    
572 C  C7    . DT  B 8  ? 0.46235 0.40600 0.41196 0.01098  -0.06363 0.00943  20  DT  C C7    
573 C  C6    . DT  B 8  ? 0.33535 0.32107 0.30003 -0.01498 -0.04711 0.01552  20  DT  C C6    
586 P  P     . DC  B 9  ? 0.39712 0.54550 0.38595 -0.07547 -0.03518 0.02769  21  DC  C P     
587 O  OP1   . DC  B 9  ? 0.34878 0.54525 0.34385 -0.08291 -0.03010 0.02289  21  DC  C OP1   
588 O  OP2   . DC  B 9  ? 0.41219 0.54801 0.39339 -0.08334 -0.04760 0.04402  21  DC  C OP2   
589 O  "O5'" . DC  B 9  ? 0.31107 0.45147 0.30934 -0.05927 -0.02408 0.01029  21  DC  C "O5'" 
590 C  "C5'" . DC  B 9  ? 0.28889 0.43630 0.29940 -0.05056 -0.01517 -0.00523 21  DC  C "C5'" 
591 C  "C4'" . DC  B 9  ? 0.27510 0.41083 0.29653 -0.03795 -0.00938 -0.01534 21  DC  C "C4'" 
592 O  "O4'" . DC  B 9  ? 0.29541 0.39454 0.31029 -0.02994 -0.01086 -0.00883 21  DC  C "O4'" 
593 C  "C3'" . DC  B 9  ? 0.31477 0.46614 0.33849 -0.03917 -0.00923 -0.01685 21  DC  C "C3'" 
594 O  "O3'" . DC  B 9  ? 0.27767 0.45193 0.31919 -0.03368 -0.00464 -0.03374 21  DC  C "O3'" 
595 C  "C2'" . DC  B 9  ? 0.28446 0.40312 0.30324 -0.03162 -0.01052 -0.00997 21  DC  C "C2'" 
596 C  "C1'" . DC  B 9  ? 0.30325 0.39729 0.32280 -0.02311 -0.00867 -0.01028 21  DC  C "C1'" 
597 N  N1    . DC  B 9  ? 0.27362 0.33792 0.28149 -0.01598 -0.01265 -0.00212 21  DC  C N1    
598 C  C2    . DC  B 9  ? 0.23527 0.28900 0.24950 -0.00376 -0.00794 -0.00397 21  DC  C C2    
599 O  O2    . DC  B 9  ? 0.28227 0.34758 0.31377 -0.00114 -0.00216 -0.00961 21  DC  C O2    
600 N  N3    . DC  B 9  ? 0.26748 0.30158 0.27036 0.00519  -0.01171 0.00067  21  DC  C N3    
601 C  C4    . DC  B 9  ? 0.26045 0.27882 0.24824 0.00296  -0.02199 0.00523  21  DC  C C4    
602 N  N4    . DC  B 9  ? 0.28274 0.28295 0.26105 0.01511  -0.02759 0.00547  21  DC  C N4    
603 C  C5    . DC  B 9  ? 0.26155 0.28528 0.24496 -0.01166 -0.02898 0.01019  21  DC  C C5    
604 C  C6    . DC  B 9  ? 0.26359 0.31353 0.25637 -0.02097 -0.02278 0.00711  21  DC  C C6    
616 P  P     . DG  B 10 ? 0.28540 0.48966 0.33237 -0.03515 -0.00470 -0.04115 22  DG  C P     
617 O  OP1   . DG  B 10 ? 0.32705 0.56442 0.39103 -0.03071 -0.00356 -0.06192 22  DG  C OP1   
618 O  OP2   . DG  B 10 ? 0.29583 0.51017 0.32599 -0.04708 -0.00901 -0.02540 22  DG  C OP2   
619 O  "O5'" . DG  B 10 ? 0.28251 0.46023 0.33700 -0.02614 -0.00362 -0.04085 22  DG  C "O5'" 
620 C  "C5'" . DG  B 10 ? 0.28390 0.44583 0.35595 -0.01647 -0.00208 -0.04805 22  DG  C "C5'" 
621 C  "C4'" . DG  B 10 ? 0.26688 0.40952 0.34285 -0.01082 -0.00168 -0.04139 22  DG  C "C4'" 
622 O  "O4'" . DG  B 10 ? 0.27178 0.38856 0.33145 -0.00927 -0.00101 -0.02675 22  DG  C "O4'" 
623 C  "C3'" . DG  B 10 ? 0.27308 0.42829 0.34548 -0.01360 -0.00289 -0.04099 22  DG  C "C3'" 
624 O  "O3'" . DG  B 10 ? 0.29110 0.43970 0.37979 -0.00706 -0.00331 -0.04289 22  DG  C "O3'" 
625 C  "C2'" . DG  B 10 ? 0.27878 0.41714 0.32879 -0.01752 -0.00417 -0.02480 22  DG  C "C2'" 
626 C  "C1'" . DG  B 10 ? 0.23515 0.34692 0.28543 -0.00943 -0.00242 -0.01934 22  DG  C "C1'" 
627 N  N9    . DG  B 10 ? 0.24343 0.33442 0.27490 -0.00891 -0.00567 -0.00845 22  DG  C N9    
628 C  C8    . DG  B 10 ? 0.27825 0.36703 0.29425 -0.01735 -0.01213 -0.00152 22  DG  C C8    
629 N  N7    . DG  B 10 ? 0.24628 0.31029 0.25029 -0.01279 -0.01767 0.00555  22  DG  C N7    
630 C  C5    . DG  B 10 ? 0.23630 0.29131 0.24636 0.00009  -0.01225 0.00274  22  DG  C C5    
631 C  C6    . DG  B 10 ? 0.24505 0.28165 0.24714 0.01183  -0.01455 0.00526  22  DG  C C6    
632 O  O6    . DG  B 10 ? 0.28067 0.29941 0.26927 0.01462  -0.02374 0.00798  22  DG  C O6    
633 N  N1    . DG  B 10 ? 0.25168 0.29503 0.26497 0.02133  -0.00699 0.00425  22  DG  C N1    
634 C  C2    . DG  B 10 ? 0.22361 0.28313 0.25628 0.01864  -0.00074 0.00198  22  DG  C C2    
635 N  N2    . DG  B 10 ? 0.21529 0.28071 0.25979 0.02639  0.00339  0.00583  22  DG  C N2    
636 N  N3    . DG  B 10 ? 0.21442 0.28615 0.25573 0.00933  -0.00046 -0.00372 22  DG  C N3    
637 C  C4    . DG  B 10 ? 0.22201 0.29325 0.24979 0.00099  -0.00515 -0.00344 22  DG  C C4    
649 P  P     . DC  B 11 ? 0.34089 0.50873 0.43773 -0.00777 -0.00579 -0.05069 23  DC  C P     
650 O  OP1   . DC  B 11 ? 0.35528 0.54738 0.47035 -0.00587 -0.00954 -0.07120 23  DC  C OP1   
651 O  OP2   . DC  B 11 ? 0.31555 0.48802 0.39180 -0.01428 -0.00552 -0.04067 23  DC  C OP2   
652 O  "O5'" . DC  B 11 ? 0.29754 0.44809 0.41039 -0.00114 -0.00673 -0.04473 23  DC  C "O5'" 
653 C  "C5'" . DC  B 11 ? 0.29111 0.43258 0.42619 0.00360  -0.00930 -0.04612 23  DC  C "C5'" 
654 C  "C4'" . DC  B 11 ? 0.28212 0.40549 0.41505 0.00736  -0.00622 -0.02807 23  DC  C "C4'" 
655 O  "O4'" . DC  B 11 ? 0.24788 0.36063 0.35636 0.00744  -0.00141 -0.02044 23  DC  C "O4'" 
656 C  "C3'" . DC  B 11 ? 0.29642 0.41864 0.42618 0.00921  -0.00525 -0.01846 23  DC  C "C3'" 
657 O  "O3'" . DC  B 11 ? 0.28500 0.41195 0.44220 0.01024  -0.01089 -0.01856 23  DC  C "O3'" 
658 C  "C2'" . DC  B 11 ? 0.29983 0.41046 0.41553 0.01437  -0.00059 -0.00374 23  DC  C "C2'" 
659 C  "C1'" . DC  B 11 ? 0.27705 0.38046 0.37553 0.01271  0.00114  -0.00711 23  DC  C "C1'" 
660 N  N1    . DC  B 11 ? 0.22594 0.32223 0.29836 0.01129  0.00116  -0.00486 23  DC  C N1    
661 C  C2    . DC  B 11 ? 0.21620 0.29993 0.27367 0.01867  0.00144  0.00362  23  DC  C C2    
662 O  O2    . DC  B 11 ? 0.21460 0.29982 0.27904 0.02659  0.00401  0.00977  23  DC  C O2    
663 N  N3    . DC  B 11 ? 0.22143 0.29452 0.25888 0.01723  -0.00302 0.00511  23  DC  C N3    
664 C  C4    . DC  B 11 ? 0.23074 0.30894 0.26281 0.00654  -0.00644 0.00250  23  DC  C C4    
665 N  N4    . DC  B 11 ? 0.24664 0.31370 0.26256 0.00332  -0.01380 0.00771  23  DC  C N4    
666 C  C5    . DC  B 11 ? 0.25705 0.35531 0.30196 -0.00088 -0.00429 -0.00569 23  DC  C C5    
667 C  C6    . DC  B 11 ? 0.24127 0.34604 0.30609 0.00298  -0.00108 -0.01112 23  DC  C C6    
679 P  P     . DG  B 12 ? 0.28287 0.41477 0.44224 0.01059  -0.01190 -0.01367 24  DG  C P     
680 O  OP1   . DG  B 12 ? 0.29147 0.42799 0.48462 0.00998  -0.02170 -0.01790 24  DG  C OP1   
681 O  OP2   . DG  B 12 ? 0.27444 0.41219 0.41188 0.00750  -0.00951 -0.02019 24  DG  C OP2   
682 O  "O5'" . DG  B 12 ? 0.28706 0.41344 0.43619 0.01575  -0.00637 0.00574  24  DG  C "O5'" 
683 C  "C5'" . DG  B 12 ? 0.22405 0.35214 0.38901 0.01843  -0.00689 0.01883  24  DG  C "C5'" 
684 C  "C4'" . DG  B 12 ? 0.24787 0.37886 0.39527 0.02593  -0.00040 0.03257  24  DG  C "C4'" 
685 O  "O4'" . DG  B 12 ? 0.22947 0.34963 0.34978 0.02932  0.00372  0.02740  24  DG  C "O4'" 
686 C  "C3'" . DG  B 12 ? 0.20725 0.34265 0.34623 0.02895  0.00078  0.03573  24  DG  C "C3'" 
687 O  "O3'" . DG  B 12 ? 0.25103 0.40139 0.41323 0.02890  -0.00179 0.04887  24  DG  C "O3'" 
688 C  "C2'" . DG  B 12 ? 0.25581 0.38739 0.36772 0.03844  0.00545  0.03840  24  DG  C "C2'" 
689 C  "C1'" . DG  B 12 ? 0.23078 0.34890 0.33005 0.03647  0.00582  0.03012  24  DG  C "C1'" 
690 N  N9    . DG  B 12 ? 0.24895 0.35400 0.32954 0.03207  0.00360  0.02027  24  DG  C N9    
691 C  C8    . DG  B 12 ? 0.22374 0.33004 0.30810 0.02229  0.00125  0.01124  24  DG  C C8    
692 N  N7    . DG  B 12 ? 0.24153 0.34096 0.30729 0.01825  -0.00111 0.00794  24  DG  C N7    
693 C  C5    . DG  B 12 ? 0.21955 0.30642 0.26946 0.02649  -0.00221 0.01346  24  DG  C C5    
694 C  C6    . DG  B 12 ? 0.23313 0.30540 0.26353 0.02619  -0.00854 0.01402  24  DG  C C6    
695 O  O6    . DG  B 12 ? 0.27344 0.34384 0.29647 0.01604  -0.01360 0.01349  24  DG  C O6    
696 N  N1    . DG  B 12 ? 0.25798 0.32024 0.27898 0.03926  -0.01077 0.01603  24  DG  C N1    
697 C  C2    . DG  B 12 ? 0.23884 0.31164 0.26663 0.05079  -0.00529 0.01867  24  DG  C C2    
698 N  N2    . DG  B 12 ? 0.27588 0.34395 0.29194 0.06502  -0.00884 0.01754  24  DG  C N2    
699 N  N3    . DG  B 12 ? 0.22514 0.31488 0.27182 0.04863  0.00130  0.02263  24  DG  C N3    
700 C  C4    . DG  B 12 ? 0.21677 0.30907 0.27430 0.03640  0.00147  0.01916  24  DG  C C4    
713 C  C4    . WFB C .  ? 0.36943 0.42322 0.36507 -0.03426 -0.02048 0.00139  101 WFB B C4    
714 C  C14   . WFB C .  ? 0.50168 0.37200 0.42742 -0.01744 -0.11473 0.01857  101 WFB B C14   
715 C  C5    . WFB C .  ? 0.38048 0.44767 0.37048 -0.04814 -0.02738 0.00940  101 WFB B C5    
716 C  C6    . WFB C .  ? 0.36722 0.41174 0.34529 -0.05325 -0.03956 0.02024  101 WFB B C6    
717 C  C11   . WFB C .  ? 0.43246 0.35302 0.37350 -0.03611 -0.09049 0.02864  101 WFB B C11   
718 C  C7    . WFB C .  ? 0.40882 0.46261 0.38182 -0.06944 -0.05149 0.03466  101 WFB B C7    
719 C  C8    . WFB C .  ? 0.42155 0.45129 0.38676 -0.07491 -0.06658 0.04549  101 WFB B C8    
720 C  C9    . WFB C .  ? 0.44488 0.44151 0.40479 -0.06183 -0.06883 0.03874  101 WFB B C9    
721 C  C10   . WFB C .  ? 0.43045 0.38025 0.37964 -0.04448 -0.07856 0.03148  101 WFB B C10   
722 C  C12   . WFB C .  ? 0.43224 0.34925 0.37126 -0.02027 -0.08058 0.01721  101 WFB B C12   
723 C  C13   . WFB C .  ? 0.47208 0.36697 0.40277 -0.01130 -0.09149 0.01284  101 WFB B C13   
724 N  N1    . WFB C .  ? 0.37840 0.48108 0.41768 -0.02210 -0.00285 -0.02564 101 WFB B N1    
725 N  N2    . WFB C .  ? 0.36908 0.52369 0.41314 -0.03386 -0.00347 -0.03611 101 WFB B N2    
726 C  C3    . WFB C .  ? 0.39351 0.46475 0.40315 -0.03002 -0.01246 -0.00767 101 WFB B C3    
727 N  N3    . WFB C .  ? 0.44911 0.41627 0.40161 -0.06176 -0.08453 0.04384  101 WFB B N3    
728 C  C1    . WFB C .  ? 0.31501 0.43516 0.34876 -0.03102 -0.00496 -0.02522 101 WFB B C1    
729 C  C15   . WFB C .  ? 0.53748 0.38414 0.45516 -0.00610 -0.12821 0.01086  101 WFB B C15   
730 C  C16   . WFB C .  ? 0.52116 0.39241 0.45143 -0.03521 -0.12635 0.03265  101 WFB B C16   
731 C  C17   . WFB C .  ? 0.47775 0.37640 0.41474 -0.04461 -0.11342 0.03819  101 WFB B C17   
732 C  C18   . WFB C .  ? 0.39560 0.38825 0.35848 -0.04553 -0.05522 0.02489  101 WFB B C18   
733 C  C19   . WFB C .  ? 0.37359 0.38875 0.34647 -0.04220 -0.04138 0.01731  101 WFB B C19   
734 C  C2    . WFB C .  ? 0.34796 0.45187 0.36515 -0.03714 -0.01049 -0.01294 101 WFB B C2    
735 C  C20   . WFB C .  ? 0.36532 0.47074 0.36253 -0.05660 -0.02392 0.00698  101 WFB B C20   
736 C  C21   . WFB C .  ? 0.35244 0.47623 0.36226 -0.05000 -0.01542 -0.00587 101 WFB B C21   
737 N  N4    . WFB C .  ? 0.54252 0.39859 0.45937 -0.00169 -0.11692 0.00637  101 WFB B N4    
738 N  N5    . WFB C .  ? 0.59995 0.41696 0.51256 0.00060  -0.15261 0.00734  101 WFB B N5    
739 N  N6    . WFB C .  ? 0.42717 0.39294 0.38279 -0.03540 -0.06093 0.02185  101 WFB B N6    
758 MG MG    . MG  D .  ? 0.28027 0.36886 0.52843 0.00970  -0.03797 -0.05736 102 MG  B MG    
# 
loop_
_pdbx_poly_seq_scheme.asym_id 
_pdbx_poly_seq_scheme.entity_id 
_pdbx_poly_seq_scheme.seq_id 
_pdbx_poly_seq_scheme.mon_id 
_pdbx_poly_seq_scheme.ndb_seq_num 
_pdbx_poly_seq_scheme.pdb_seq_num 
_pdbx_poly_seq_scheme.auth_seq_num 
_pdbx_poly_seq_scheme.pdb_mon_id 
_pdbx_poly_seq_scheme.auth_mon_id 
_pdbx_poly_seq_scheme.pdb_strand_id 
_pdbx_poly_seq_scheme.pdb_ins_code 
_pdbx_poly_seq_scheme.hetero 
A 1 1  DC 1  1  1  DC DC B . n 
A 1 2  DG 2  2  2  DG DG B . n 
A 1 3  DC 3  3  3  DC DC B . n 
A 1 4  DG 4  4  4  DG DG B . n 
A 1 5  DA 5  5  5  DA DA B . n 
A 1 6  DA 6  6  6  DA DA B . n 
A 1 7  DA 7  7  7  DA DA B . n 
A 1 8  DA 8  8  8  DA DA B . n 
A 1 9  DC 9  9  9  DC DC B . n 
A 1 10 DG 10 10 10 DG DG B . n 
A 1 11 DC 11 11 11 DC DC B . n 
A 1 12 DG 12 12 12 DG DG B . n 
B 2 1  DC 1  13 13 DC DC C . n 
B 2 2  DG 2  14 14 DG DG C . n 
B 2 3  DC 3  15 15 DC DC C . n 
B 2 4  DG 4  16 16 DG DG C . n 
B 2 5  DT 5  17 17 DT DT C . n 
B 2 6  DT 6  18 18 DT DT C . n 
B 2 7  DT 7  19 19 DT DT C . n 
B 2 8  DT 8  20 20 DT DT C . n 
B 2 9  DC 9  21 21 DC DC C . n 
B 2 10 DG 10 22 22 DG DG C . n 
B 2 11 DC 11 23 23 DC DC C . n 
B 2 12 DG 12 24 24 DG DG C . n 
# 
_pdbx_contact_author.id                 2 
_pdbx_contact_author.email              wdw@gsu.edu 
_pdbx_contact_author.name_first         W 
_pdbx_contact_author.name_last          Wilson 
_pdbx_contact_author.name_mi            David 
_pdbx_contact_author.role               'principal investigator/group leader' 
_pdbx_contact_author.identifier_ORCID   0000-0001-5225-5089 
# 
loop_
_pdbx_nonpoly_scheme.asym_id 
_pdbx_nonpoly_scheme.entity_id 
_pdbx_nonpoly_scheme.mon_id 
_pdbx_nonpoly_scheme.ndb_seq_num 
_pdbx_nonpoly_scheme.pdb_seq_num 
_pdbx_nonpoly_scheme.auth_seq_num 
_pdbx_nonpoly_scheme.pdb_mon_id 
_pdbx_nonpoly_scheme.auth_mon_id 
_pdbx_nonpoly_scheme.pdb_strand_id 
_pdbx_nonpoly_scheme.pdb_ins_code 
C 3 WFB 1  101 101 WFB DRG B . 
D 4 MG  1  102 1   MG  MG  B . 
E 5 HOH 1  201 67  HOH HOH B . 
E 5 HOH 2  202 14  HOH HOH B . 
E 5 HOH 3  203 69  HOH HOH B . 
E 5 HOH 4  204 29  HOH HOH B . 
E 5 HOH 5  205 61  HOH HOH B . 
E 5 HOH 6  206 12  HOH HOH B . 
E 5 HOH 7  207 4   HOH HOH B . 
E 5 HOH 8  208 1   HOH HOH B . 
E 5 HOH 9  209 31  HOH HOH B . 
E 5 HOH 10 210 11  HOH HOH B . 
E 5 HOH 11 211 3   HOH HOH B . 
E 5 HOH 12 212 65  HOH HOH B . 
E 5 HOH 13 213 43  HOH HOH B . 
E 5 HOH 14 214 52  HOH HOH B . 
E 5 HOH 15 215 74  HOH HOH B . 
E 5 HOH 16 216 2   HOH HOH B . 
E 5 HOH 17 217 30  HOH HOH B . 
E 5 HOH 18 218 23  HOH HOH B . 
E 5 HOH 19 219 8   HOH HOH B . 
E 5 HOH 20 220 45  HOH HOH B . 
E 5 HOH 21 221 33  HOH HOH B . 
E 5 HOH 22 222 36  HOH HOH B . 
E 5 HOH 23 223 6   HOH HOH B . 
E 5 HOH 24 224 56  HOH HOH B . 
E 5 HOH 25 225 50  HOH HOH B . 
E 5 HOH 26 226 47  HOH HOH B . 
E 5 HOH 27 227 64  HOH HOH B . 
E 5 HOH 28 228 20  HOH HOH B . 
E 5 HOH 29 229 21  HOH HOH B . 
E 5 HOH 30 230 75  HOH HOH B . 
E 5 HOH 31 231 32  HOH HOH B . 
E 5 HOH 32 232 10  HOH HOH B . 
E 5 HOH 33 233 25  HOH HOH B . 
E 5 HOH 34 234 16  HOH HOH B . 
E 5 HOH 35 235 66  HOH HOH B . 
E 5 HOH 36 236 9   HOH HOH B . 
E 5 HOH 37 237 63  HOH HOH B . 
E 5 HOH 38 238 34  HOH HOH B . 
E 5 HOH 39 239 41  HOH HOH B . 
E 5 HOH 40 240 57  HOH HOH B . 
E 5 HOH 41 241 28  HOH HOH B . 
E 5 HOH 42 242 55  HOH HOH B . 
E 5 HOH 43 243 54  HOH HOH B . 
F 5 HOH 1  101 37  HOH HOH C . 
F 5 HOH 2  102 71  HOH HOH C . 
F 5 HOH 3  103 26  HOH HOH C . 
F 5 HOH 4  104 59  HOH HOH C . 
F 5 HOH 5  105 27  HOH HOH C . 
F 5 HOH 6  106 40  HOH HOH C . 
F 5 HOH 7  107 51  HOH HOH C . 
F 5 HOH 8  108 48  HOH HOH C . 
F 5 HOH 9  109 49  HOH HOH C . 
F 5 HOH 10 110 62  HOH HOH C . 
F 5 HOH 11 111 68  HOH HOH C . 
F 5 HOH 12 112 39  HOH HOH C . 
F 5 HOH 13 113 7   HOH HOH C . 
F 5 HOH 14 114 53  HOH HOH C . 
F 5 HOH 15 115 60  HOH HOH C . 
F 5 HOH 16 116 58  HOH HOH C . 
F 5 HOH 17 117 15  HOH HOH C . 
F 5 HOH 18 118 70  HOH HOH C . 
F 5 HOH 19 119 35  HOH HOH C . 
F 5 HOH 20 120 24  HOH HOH C . 
F 5 HOH 21 121 46  HOH HOH C . 
F 5 HOH 22 122 42  HOH HOH C . 
F 5 HOH 23 123 13  HOH HOH C . 
F 5 HOH 24 124 38  HOH HOH C . 
F 5 HOH 25 125 72  HOH HOH C . 
F 5 HOH 26 126 22  HOH HOH C . 
F 5 HOH 27 127 19  HOH HOH C . 
F 5 HOH 28 128 18  HOH HOH C . 
F 5 HOH 29 129 5   HOH HOH C . 
F 5 HOH 30 130 44  HOH HOH C . 
F 5 HOH 31 131 17  HOH HOH C . 
F 5 HOH 32 132 73  HOH HOH C . 
# 
_pdbx_struct_assembly.id                   1 
_pdbx_struct_assembly.details              author_defined_assembly 
_pdbx_struct_assembly.method_details       ? 
_pdbx_struct_assembly.oligomeric_details   dimeric 
_pdbx_struct_assembly.oligomeric_count     2 
# 
_pdbx_struct_assembly_gen.assembly_id       1 
_pdbx_struct_assembly_gen.oper_expression   1 
_pdbx_struct_assembly_gen.asym_id_list      A,B,C,D,E,F 
# 
_pdbx_struct_oper_list.id                   1 
_pdbx_struct_oper_list.type                 'identity operation' 
_pdbx_struct_oper_list.name                 1_555 
_pdbx_struct_oper_list.symmetry_operation   x,y,z 
_pdbx_struct_oper_list.matrix[1][1]         1.0000000000 
_pdbx_struct_oper_list.matrix[1][2]         0.0000000000 
_pdbx_struct_oper_list.matrix[1][3]         0.0000000000 
_pdbx_struct_oper_list.vector[1]            0.0000000000 
_pdbx_struct_oper_list.matrix[2][1]         0.0000000000 
_pdbx_struct_oper_list.matrix[2][2]         1.0000000000 
_pdbx_struct_oper_list.matrix[2][3]         0.0000000000 
_pdbx_struct_oper_list.vector[2]            0.0000000000 
_pdbx_struct_oper_list.matrix[3][1]         0.0000000000 
_pdbx_struct_oper_list.matrix[3][2]         0.0000000000 
_pdbx_struct_oper_list.matrix[3][3]         1.0000000000 
_pdbx_struct_oper_list.vector[3]            0.0000000000 
# 
loop_
_pdbx_struct_conn_angle.id 
_pdbx_struct_conn_angle.ptnr1_label_atom_id 
_pdbx_struct_conn_angle.ptnr1_label_alt_id 
_pdbx_struct_conn_angle.ptnr1_label_asym_id 
_pdbx_struct_conn_angle.ptnr1_label_comp_id 
_pdbx_struct_conn_angle.ptnr1_label_seq_id 
_pdbx_struct_conn_angle.ptnr1_auth_atom_id 
_pdbx_struct_conn_angle.ptnr1_auth_asym_id 
_pdbx_struct_conn_angle.ptnr1_auth_comp_id 
_pdbx_struct_conn_angle.ptnr1_auth_seq_id 
_pdbx_struct_conn_angle.ptnr1_PDB_ins_code 
_pdbx_struct_conn_angle.ptnr1_symmetry 
_pdbx_struct_conn_angle.ptnr2_label_atom_id 
_pdbx_struct_conn_angle.ptnr2_label_alt_id 
_pdbx_struct_conn_angle.ptnr2_label_asym_id 
_pdbx_struct_conn_angle.ptnr2_label_comp_id 
_pdbx_struct_conn_angle.ptnr2_label_seq_id 
_pdbx_struct_conn_angle.ptnr2_auth_atom_id 
_pdbx_struct_conn_angle.ptnr2_auth_asym_id 
_pdbx_struct_conn_angle.ptnr2_auth_comp_id 
_pdbx_struct_conn_angle.ptnr2_auth_seq_id 
_pdbx_struct_conn_angle.ptnr2_PDB_ins_code 
_pdbx_struct_conn_angle.ptnr2_symmetry 
_pdbx_struct_conn_angle.ptnr3_label_atom_id 
_pdbx_struct_conn_angle.ptnr3_label_alt_id 
_pdbx_struct_conn_angle.ptnr3_label_asym_id 
_pdbx_struct_conn_angle.ptnr3_label_comp_id 
_pdbx_struct_conn_angle.ptnr3_label_seq_id 
_pdbx_struct_conn_angle.ptnr3_auth_atom_id 
_pdbx_struct_conn_angle.ptnr3_auth_asym_id 
_pdbx_struct_conn_angle.ptnr3_auth_comp_id 
_pdbx_struct_conn_angle.ptnr3_auth_seq_id 
_pdbx_struct_conn_angle.ptnr3_PDB_ins_code 
_pdbx_struct_conn_angle.ptnr3_symmetry 
_pdbx_struct_conn_angle.value 
_pdbx_struct_conn_angle.value_esd 
1  O ? E HOH . ? B HOH 208 ? 3_645 MG ? D MG . ? B MG 102 ? 1_555 O ? E HOH . ? B HOH 211 ? 3_645 89.2  ? 
2  O ? E HOH . ? B HOH 208 ? 3_645 MG ? D MG . ? B MG 102 ? 1_555 O ? E HOH . ? B HOH 216 ? 1_555 87.0  ? 
3  O ? E HOH . ? B HOH 211 ? 3_645 MG ? D MG . ? B MG 102 ? 1_555 O ? E HOH . ? B HOH 216 ? 1_555 89.3  ? 
4  O ? E HOH . ? B HOH 208 ? 3_645 MG ? D MG . ? B MG 102 ? 1_555 O ? E HOH . ? B HOH 219 ? 1_555 177.7 ? 
5  O ? E HOH . ? B HOH 211 ? 3_645 MG ? D MG . ? B MG 102 ? 1_555 O ? E HOH . ? B HOH 219 ? 1_555 91.4  ? 
6  O ? E HOH . ? B HOH 216 ? 1_555 MG ? D MG . ? B MG 102 ? 1_555 O ? E HOH . ? B HOH 219 ? 1_555 95.3  ? 
7  O ? E HOH . ? B HOH 208 ? 3_645 MG ? D MG . ? B MG 102 ? 1_555 O ? E HOH . ? B HOH 223 ? 1_555 84.2  ? 
8  O ? E HOH . ? B HOH 211 ? 3_645 MG ? D MG . ? B MG 102 ? 1_555 O ? E HOH . ? B HOH 223 ? 1_555 170.9 ? 
9  O ? E HOH . ? B HOH 216 ? 1_555 MG ? D MG . ? B MG 102 ? 1_555 O ? E HOH . ? B HOH 223 ? 1_555 84.2  ? 
10 O ? E HOH . ? B HOH 219 ? 1_555 MG ? D MG . ? B MG 102 ? 1_555 O ? E HOH . ? B HOH 223 ? 1_555 95.5  ? 
11 O ? E HOH . ? B HOH 208 ? 3_645 MG ? D MG . ? B MG 102 ? 1_555 O ? F HOH . ? C HOH 113 ? 3_645 88.8  ? 
12 O ? E HOH . ? B HOH 211 ? 3_645 MG ? D MG . ? B MG 102 ? 1_555 O ? F HOH . ? C HOH 113 ? 3_645 97.0  ? 
13 O ? E HOH . ? B HOH 216 ? 1_555 MG ? D MG . ? B MG 102 ? 1_555 O ? F HOH . ? C HOH 113 ? 3_645 172.3 ? 
14 O ? E HOH . ? B HOH 219 ? 1_555 MG ? D MG . ? B MG 102 ? 1_555 O ? F HOH . ? C HOH 113 ? 3_645 88.9  ? 
15 O ? E HOH . ? B HOH 223 ? 1_555 MG ? D MG . ? B MG 102 ? 1_555 O ? F HOH . ? C HOH 113 ? 3_645 89.0  ? 
# 
loop_
_pdbx_audit_revision_history.ordinal 
_pdbx_audit_revision_history.data_content_type 
_pdbx_audit_revision_history.major_revision 
_pdbx_audit_revision_history.minor_revision 
_pdbx_audit_revision_history.revision_date 
1 'Structure model' 1 0 2023-02-22 
2 'Structure model' 1 1 2023-08-30 
# 
_pdbx_audit_revision_details.ordinal             1 
_pdbx_audit_revision_details.revision_ordinal    1 
_pdbx_audit_revision_details.data_content_type   'Structure model' 
_pdbx_audit_revision_details.provider            repository 
_pdbx_audit_revision_details.type                'Initial release' 
_pdbx_audit_revision_details.description         ? 
_pdbx_audit_revision_details.details             ? 
# 
loop_
_pdbx_audit_revision_group.ordinal 
_pdbx_audit_revision_group.revision_ordinal 
_pdbx_audit_revision_group.data_content_type 
_pdbx_audit_revision_group.group 
1 2 'Structure model' 'Data collection'     
2 2 'Structure model' 'Database references' 
# 
loop_
_pdbx_audit_revision_category.ordinal 
_pdbx_audit_revision_category.revision_ordinal 
_pdbx_audit_revision_category.data_content_type 
_pdbx_audit_revision_category.category 
1 2 'Structure model' chem_comp_atom  
2 2 'Structure model' chem_comp_bond  
3 2 'Structure model' citation        
4 2 'Structure model' citation_author 
# 
loop_
_pdbx_audit_revision_item.ordinal 
_pdbx_audit_revision_item.revision_ordinal 
_pdbx_audit_revision_item.data_content_type 
_pdbx_audit_revision_item.item 
1 2 'Structure model' '_citation.journal_volume'          
2 2 'Structure model' '_citation.page_first'              
3 2 'Structure model' '_citation.page_last'               
4 2 'Structure model' '_citation.pdbx_database_id_DOI'    
5 2 'Structure model' '_citation.pdbx_database_id_PubMed' 
6 2 'Structure model' '_citation.title'                   
# 
loop_
_space_group_symop.id 
_space_group_symop.operation_xyz 
1 x,y,z           
2 x+1/2,-y+1/2,-z 
3 -x,y+1/2,-z+1/2 
4 -x+1/2,-y,z+1/2 
# 
_pdbx_refine_tls.id               1 
_pdbx_refine_tls.pdbx_refine_id   'X-RAY DIFFRACTION' 
_pdbx_refine_tls.details          ? 
_pdbx_refine_tls.method           refined 
_pdbx_refine_tls.origin_x         0.1842141977 
_pdbx_refine_tls.origin_y         0.1009473413 
_pdbx_refine_tls.origin_z         0.22121573686 
_pdbx_refine_tls.T[1][1]          0.257753997998 
_pdbx_refine_tls.T[1][1]_esd      ? 
_pdbx_refine_tls.T[1][2]          0.013531978361 
_pdbx_refine_tls.T[1][2]_esd      ? 
_pdbx_refine_tls.T[1][3]          -0.020350597850 
_pdbx_refine_tls.T[1][3]_esd      ? 
_pdbx_refine_tls.T[2][2]          0.245152951799 
_pdbx_refine_tls.T[2][2]_esd      ? 
_pdbx_refine_tls.T[2][3]          -0.000776152260 
_pdbx_refine_tls.T[2][3]_esd      ? 
_pdbx_refine_tls.T[3][3]          0.235536880451 
_pdbx_refine_tls.T[3][3]_esd      ? 
_pdbx_refine_tls.L[1][1]          3.958547894342 
_pdbx_refine_tls.L[1][1]_esd      ? 
_pdbx_refine_tls.L[1][2]          -0.246965137216 
_pdbx_refine_tls.L[1][2]_esd      ? 
_pdbx_refine_tls.L[1][3]          2.397598376263 
_pdbx_refine_tls.L[1][3]_esd      ? 
_pdbx_refine_tls.L[2][2]          0.313375175756 
_pdbx_refine_tls.L[2][2]_esd      ? 
_pdbx_refine_tls.L[2][3]          -0.3682299035 
_pdbx_refine_tls.L[2][3]_esd      ? 
_pdbx_refine_tls.L[3][3]          1.75573772949 
_pdbx_refine_tls.L[3][3]_esd      ? 
_pdbx_refine_tls.S[1][1]          -0.325978291120 
_pdbx_refine_tls.S[1][1]_esd      ? 
_pdbx_refine_tls.S[1][2]          0.029055730769 
_pdbx_refine_tls.S[1][2]_esd      ? 
_pdbx_refine_tls.S[1][3]          0.020672890413 
_pdbx_refine_tls.S[1][3]_esd      ? 
_pdbx_refine_tls.S[2][1]          0.092215493875 
_pdbx_refine_tls.S[2][1]_esd      ? 
_pdbx_refine_tls.S[2][2]          0.143519182795 
_pdbx_refine_tls.S[2][2]_esd      ? 
_pdbx_refine_tls.S[2][3]          0.000342317516 
_pdbx_refine_tls.S[2][3]_esd      ? 
_pdbx_refine_tls.S[3][1]          -0.396362161781 
_pdbx_refine_tls.S[3][1]_esd      ? 
_pdbx_refine_tls.S[3][2]          -0.044827545329 
_pdbx_refine_tls.S[3][2]_esd      ? 
_pdbx_refine_tls.S[3][3]          0.156896328290 
_pdbx_refine_tls.S[3][3]_esd      ? 
# 
_pdbx_refine_tls_group.id                  1 
_pdbx_refine_tls_group.pdbx_refine_id      'X-RAY DIFFRACTION' 
_pdbx_refine_tls_group.refine_tls_id       1 
_pdbx_refine_tls_group.beg_label_asym_id   A 
_pdbx_refine_tls_group.beg_label_seq_id    ? 
_pdbx_refine_tls_group.beg_auth_asym_id    B 
_pdbx_refine_tls_group.beg_auth_seq_id     1 
_pdbx_refine_tls_group.beg_PDB_ins_code    ? 
_pdbx_refine_tls_group.end_label_asym_id   D 
_pdbx_refine_tls_group.end_label_seq_id    ? 
_pdbx_refine_tls_group.end_auth_asym_id    A 
_pdbx_refine_tls_group.end_auth_seq_id     1 
_pdbx_refine_tls_group.end_PDB_ins_code    ? 
_pdbx_refine_tls_group.selection           ? 
_pdbx_refine_tls_group.selection_details   all 
# 
loop_
_software.citation_id 
_software.classification 
_software.compiler_name 
_software.compiler_version 
_software.contact_author 
_software.contact_author_email 
_software.date 
_software.description 
_software.dependencies 
_software.hardware 
_software.language 
_software.location 
_software.mods 
_software.name 
_software.os 
_software.os_version 
_software.type 
_software.version 
_software.pdbx_ordinal 
? refinement        ? ? ? ? ? ? ? ? ? ? ? PHENIX   ? ? ? 1.19.2_4158 1 
? 'data reduction'  ? ? ? ? ? ? ? ? ? ? ? autoPROC ? ? ? .           2 
? 'data scaling'    ? ? ? ? ? ? ? ? ? ? ? XDS      ? ? ? .           3 
? 'data processing' ? ? ? ? ? ? ? ? ? ? ? autoPROC ? ? ? .           4 
? phasing           ? ? ? ? ? ? ? ? ? ? ? PHASER   ? ? ? .           5 
# 
_pdbx_entry_details.entry_id                 8FDR 
_pdbx_entry_details.nonpolymer_details       ? 
_pdbx_entry_details.sequence_details         ? 
_pdbx_entry_details.compound_details         ? 
_pdbx_entry_details.source_details           ? 
_pdbx_entry_details.has_ligand_of_interest   Y 
# 
loop_
_pdbx_validate_close_contact.id 
_pdbx_validate_close_contact.PDB_model_num 
_pdbx_validate_close_contact.auth_atom_id_1 
_pdbx_validate_close_contact.auth_asym_id_1 
_pdbx_validate_close_contact.auth_comp_id_1 
_pdbx_validate_close_contact.auth_seq_id_1 
_pdbx_validate_close_contact.PDB_ins_code_1 
_pdbx_validate_close_contact.label_alt_id_1 
_pdbx_validate_close_contact.auth_atom_id_2 
_pdbx_validate_close_contact.auth_asym_id_2 
_pdbx_validate_close_contact.auth_comp_id_2 
_pdbx_validate_close_contact.auth_seq_id_2 
_pdbx_validate_close_contact.PDB_ins_code_2 
_pdbx_validate_close_contact.label_alt_id_2 
_pdbx_validate_close_contact.dist 
1 1 OP1 C DG  14  ? ? O C HOH 101 ? ? 1.83 
2 1 O   B HOH 239 ? ? O B HOH 242 ? ? 2.12 
3 1 N7  B DA  7   ? ? O B HOH 201 ? ? 2.14 
4 1 O   B HOH 218 ? ? O C HOH 118 ? ? 2.19 
# 
loop_
_chem_comp_atom.comp_id 
_chem_comp_atom.atom_id 
_chem_comp_atom.type_symbol 
_chem_comp_atom.pdbx_aromatic_flag 
_chem_comp_atom.pdbx_stereo_config 
_chem_comp_atom.pdbx_ordinal 
DA  OP3    O  N N 1   
DA  P      P  N N 2   
DA  OP1    O  N N 3   
DA  OP2    O  N N 4   
DA  "O5'"  O  N N 5   
DA  "C5'"  C  N N 6   
DA  "C4'"  C  N R 7   
DA  "O4'"  O  N N 8   
DA  "C3'"  C  N S 9   
DA  "O3'"  O  N N 10  
DA  "C2'"  C  N N 11  
DA  "C1'"  C  N R 12  
DA  N9     N  Y N 13  
DA  C8     C  Y N 14  
DA  N7     N  Y N 15  
DA  C5     C  Y N 16  
DA  C6     C  Y N 17  
DA  N6     N  N N 18  
DA  N1     N  Y N 19  
DA  C2     C  Y N 20  
DA  N3     N  Y N 21  
DA  C4     C  Y N 22  
DA  HOP3   H  N N 23  
DA  HOP2   H  N N 24  
DA  "H5'"  H  N N 25  
DA  "H5''" H  N N 26  
DA  "H4'"  H  N N 27  
DA  "H3'"  H  N N 28  
DA  "HO3'" H  N N 29  
DA  "H2'"  H  N N 30  
DA  "H2''" H  N N 31  
DA  "H1'"  H  N N 32  
DA  H8     H  N N 33  
DA  H61    H  N N 34  
DA  H62    H  N N 35  
DA  H2     H  N N 36  
DC  OP3    O  N N 37  
DC  P      P  N N 38  
DC  OP1    O  N N 39  
DC  OP2    O  N N 40  
DC  "O5'"  O  N N 41  
DC  "C5'"  C  N N 42  
DC  "C4'"  C  N R 43  
DC  "O4'"  O  N N 44  
DC  "C3'"  C  N S 45  
DC  "O3'"  O  N N 46  
DC  "C2'"  C  N N 47  
DC  "C1'"  C  N R 48  
DC  N1     N  N N 49  
DC  C2     C  N N 50  
DC  O2     O  N N 51  
DC  N3     N  N N 52  
DC  C4     C  N N 53  
DC  N4     N  N N 54  
DC  C5     C  N N 55  
DC  C6     C  N N 56  
DC  HOP3   H  N N 57  
DC  HOP2   H  N N 58  
DC  "H5'"  H  N N 59  
DC  "H5''" H  N N 60  
DC  "H4'"  H  N N 61  
DC  "H3'"  H  N N 62  
DC  "HO3'" H  N N 63  
DC  "H2'"  H  N N 64  
DC  "H2''" H  N N 65  
DC  "H1'"  H  N N 66  
DC  H41    H  N N 67  
DC  H42    H  N N 68  
DC  H5     H  N N 69  
DC  H6     H  N N 70  
DG  OP3    O  N N 71  
DG  P      P  N N 72  
DG  OP1    O  N N 73  
DG  OP2    O  N N 74  
DG  "O5'"  O  N N 75  
DG  "C5'"  C  N N 76  
DG  "C4'"  C  N R 77  
DG  "O4'"  O  N N 78  
DG  "C3'"  C  N S 79  
DG  "O3'"  O  N N 80  
DG  "C2'"  C  N N 81  
DG  "C1'"  C  N R 82  
DG  N9     N  Y N 83  
DG  C8     C  Y N 84  
DG  N7     N  Y N 85  
DG  C5     C  Y N 86  
DG  C6     C  N N 87  
DG  O6     O  N N 88  
DG  N1     N  N N 89  
DG  C2     C  N N 90  
DG  N2     N  N N 91  
DG  N3     N  N N 92  
DG  C4     C  Y N 93  
DG  HOP3   H  N N 94  
DG  HOP2   H  N N 95  
DG  "H5'"  H  N N 96  
DG  "H5''" H  N N 97  
DG  "H4'"  H  N N 98  
DG  "H3'"  H  N N 99  
DG  "HO3'" H  N N 100 
DG  "H2'"  H  N N 101 
DG  "H2''" H  N N 102 
DG  "H1'"  H  N N 103 
DG  H8     H  N N 104 
DG  H1     H  N N 105 
DG  H21    H  N N 106 
DG  H22    H  N N 107 
DT  OP3    O  N N 108 
DT  P      P  N N 109 
DT  OP1    O  N N 110 
DT  OP2    O  N N 111 
DT  "O5'"  O  N N 112 
DT  "C5'"  C  N N 113 
DT  "C4'"  C  N R 114 
DT  "O4'"  O  N N 115 
DT  "C3'"  C  N S 116 
DT  "O3'"  O  N N 117 
DT  "C2'"  C  N N 118 
DT  "C1'"  C  N R 119 
DT  N1     N  N N 120 
DT  C2     C  N N 121 
DT  O2     O  N N 122 
DT  N3     N  N N 123 
DT  C4     C  N N 124 
DT  O4     O  N N 125 
DT  C5     C  N N 126 
DT  C7     C  N N 127 
DT  C6     C  N N 128 
DT  HOP3   H  N N 129 
DT  HOP2   H  N N 130 
DT  "H5'"  H  N N 131 
DT  "H5''" H  N N 132 
DT  "H4'"  H  N N 133 
DT  "H3'"  H  N N 134 
DT  "HO3'" H  N N 135 
DT  "H2'"  H  N N 136 
DT  "H2''" H  N N 137 
DT  "H1'"  H  N N 138 
DT  H3     H  N N 139 
DT  H71    H  N N 140 
DT  H72    H  N N 141 
DT  H73    H  N N 142 
DT  H6     H  N N 143 
HOH O      O  N N 144 
HOH H1     H  N N 145 
HOH H2     H  N N 146 
MG  MG     MG N N 147 
WFB C4     C  Y N 148 
WFB C14    C  Y N 149 
WFB C5     C  Y N 150 
WFB C6     C  Y N 151 
WFB C11    C  Y N 152 
WFB C7     C  Y N 153 
WFB C8     C  Y N 154 
WFB C9     C  Y N 155 
WFB C10    C  Y N 156 
WFB C12    C  Y N 157 
WFB C13    C  Y N 158 
WFB N1     N  N N 159 
WFB N2     N  N N 160 
WFB C3     C  Y N 161 
WFB N3     N  Y N 162 
WFB C1     C  N N 163 
WFB C15    C  N N 164 
WFB C16    C  Y N 165 
WFB C17    C  Y N 166 
WFB C18    C  Y N 167 
WFB C19    C  Y N 168 
WFB C2     C  Y N 169 
WFB C20    C  Y N 170 
WFB C21    C  Y N 171 
WFB N4     N  N N 172 
WFB N5     N  N N 173 
WFB N6     N  Y N 174 
WFB H6     H  N N 175 
WFB H7     H  N N 176 
WFB H8     H  N N 177 
WFB H9     H  N N 178 
WFB H10    H  N N 179 
WFB H1     H  N N 180 
WFB H2     H  N N 181 
WFB H4     H  N N 182 
WFB H5     H  N N 183 
WFB H15    H  N N 184 
WFB H16    H  N N 185 
WFB H18    H  N N 186 
WFB H19    H  N N 187 
WFB H20    H  N N 188 
WFB H11    H  N N 189 
WFB H12    H  N N 190 
WFB H13    H  N N 191 
WFB H17    H  N N 192 
# 
loop_
_chem_comp_bond.comp_id 
_chem_comp_bond.atom_id_1 
_chem_comp_bond.atom_id_2 
_chem_comp_bond.value_order 
_chem_comp_bond.pdbx_aromatic_flag 
_chem_comp_bond.pdbx_stereo_config 
_chem_comp_bond.pdbx_ordinal 
DA  OP3   P      sing N N 1   
DA  OP3   HOP3   sing N N 2   
DA  P     OP1    doub N N 3   
DA  P     OP2    sing N N 4   
DA  P     "O5'"  sing N N 5   
DA  OP2   HOP2   sing N N 6   
DA  "O5'" "C5'"  sing N N 7   
DA  "C5'" "C4'"  sing N N 8   
DA  "C5'" "H5'"  sing N N 9   
DA  "C5'" "H5''" sing N N 10  
DA  "C4'" "O4'"  sing N N 11  
DA  "C4'" "C3'"  sing N N 12  
DA  "C4'" "H4'"  sing N N 13  
DA  "O4'" "C1'"  sing N N 14  
DA  "C3'" "O3'"  sing N N 15  
DA  "C3'" "C2'"  sing N N 16  
DA  "C3'" "H3'"  sing N N 17  
DA  "O3'" "HO3'" sing N N 18  
DA  "C2'" "C1'"  sing N N 19  
DA  "C2'" "H2'"  sing N N 20  
DA  "C2'" "H2''" sing N N 21  
DA  "C1'" N9     sing N N 22  
DA  "C1'" "H1'"  sing N N 23  
DA  N9    C8     sing Y N 24  
DA  N9    C4     sing Y N 25  
DA  C8    N7     doub Y N 26  
DA  C8    H8     sing N N 27  
DA  N7    C5     sing Y N 28  
DA  C5    C6     sing Y N 29  
DA  C5    C4     doub Y N 30  
DA  C6    N6     sing N N 31  
DA  C6    N1     doub Y N 32  
DA  N6    H61    sing N N 33  
DA  N6    H62    sing N N 34  
DA  N1    C2     sing Y N 35  
DA  C2    N3     doub Y N 36  
DA  C2    H2     sing N N 37  
DA  N3    C4     sing Y N 38  
DC  OP3   P      sing N N 39  
DC  OP3   HOP3   sing N N 40  
DC  P     OP1    doub N N 41  
DC  P     OP2    sing N N 42  
DC  P     "O5'"  sing N N 43  
DC  OP2   HOP2   sing N N 44  
DC  "O5'" "C5'"  sing N N 45  
DC  "C5'" "C4'"  sing N N 46  
DC  "C5'" "H5'"  sing N N 47  
DC  "C5'" "H5''" sing N N 48  
DC  "C4'" "O4'"  sing N N 49  
DC  "C4'" "C3'"  sing N N 50  
DC  "C4'" "H4'"  sing N N 51  
DC  "O4'" "C1'"  sing N N 52  
DC  "C3'" "O3'"  sing N N 53  
DC  "C3'" "C2'"  sing N N 54  
DC  "C3'" "H3'"  sing N N 55  
DC  "O3'" "HO3'" sing N N 56  
DC  "C2'" "C1'"  sing N N 57  
DC  "C2'" "H2'"  sing N N 58  
DC  "C2'" "H2''" sing N N 59  
DC  "C1'" N1     sing N N 60  
DC  "C1'" "H1'"  sing N N 61  
DC  N1    C2     sing N N 62  
DC  N1    C6     sing N N 63  
DC  C2    O2     doub N N 64  
DC  C2    N3     sing N N 65  
DC  N3    C4     doub N N 66  
DC  C4    N4     sing N N 67  
DC  C4    C5     sing N N 68  
DC  N4    H41    sing N N 69  
DC  N4    H42    sing N N 70  
DC  C5    C6     doub N N 71  
DC  C5    H5     sing N N 72  
DC  C6    H6     sing N N 73  
DG  OP3   P      sing N N 74  
DG  OP3   HOP3   sing N N 75  
DG  P     OP1    doub N N 76  
DG  P     OP2    sing N N 77  
DG  P     "O5'"  sing N N 78  
DG  OP2   HOP2   sing N N 79  
DG  "O5'" "C5'"  sing N N 80  
DG  "C5'" "C4'"  sing N N 81  
DG  "C5'" "H5'"  sing N N 82  
DG  "C5'" "H5''" sing N N 83  
DG  "C4'" "O4'"  sing N N 84  
DG  "C4'" "C3'"  sing N N 85  
DG  "C4'" "H4'"  sing N N 86  
DG  "O4'" "C1'"  sing N N 87  
DG  "C3'" "O3'"  sing N N 88  
DG  "C3'" "C2'"  sing N N 89  
DG  "C3'" "H3'"  sing N N 90  
DG  "O3'" "HO3'" sing N N 91  
DG  "C2'" "C1'"  sing N N 92  
DG  "C2'" "H2'"  sing N N 93  
DG  "C2'" "H2''" sing N N 94  
DG  "C1'" N9     sing N N 95  
DG  "C1'" "H1'"  sing N N 96  
DG  N9    C8     sing Y N 97  
DG  N9    C4     sing Y N 98  
DG  C8    N7     doub Y N 99  
DG  C8    H8     sing N N 100 
DG  N7    C5     sing Y N 101 
DG  C5    C6     sing N N 102 
DG  C5    C4     doub Y N 103 
DG  C6    O6     doub N N 104 
DG  C6    N1     sing N N 105 
DG  N1    C2     sing N N 106 
DG  N1    H1     sing N N 107 
DG  C2    N2     sing N N 108 
DG  C2    N3     doub N N 109 
DG  N2    H21    sing N N 110 
DG  N2    H22    sing N N 111 
DG  N3    C4     sing N N 112 
DT  OP3   P      sing N N 113 
DT  OP3   HOP3   sing N N 114 
DT  P     OP1    doub N N 115 
DT  P     OP2    sing N N 116 
DT  P     "O5'"  sing N N 117 
DT  OP2   HOP2   sing N N 118 
DT  "O5'" "C5'"  sing N N 119 
DT  "C5'" "C4'"  sing N N 120 
DT  "C5'" "H5'"  sing N N 121 
DT  "C5'" "H5''" sing N N 122 
DT  "C4'" "O4'"  sing N N 123 
DT  "C4'" "C3'"  sing N N 124 
DT  "C4'" "H4'"  sing N N 125 
DT  "O4'" "C1'"  sing N N 126 
DT  "C3'" "O3'"  sing N N 127 
DT  "C3'" "C2'"  sing N N 128 
DT  "C3'" "H3'"  sing N N 129 
DT  "O3'" "HO3'" sing N N 130 
DT  "C2'" "C1'"  sing N N 131 
DT  "C2'" "H2'"  sing N N 132 
DT  "C2'" "H2''" sing N N 133 
DT  "C1'" N1     sing N N 134 
DT  "C1'" "H1'"  sing N N 135 
DT  N1    C2     sing N N 136 
DT  N1    C6     sing N N 137 
DT  C2    O2     doub N N 138 
DT  C2    N3     sing N N 139 
DT  N3    C4     sing N N 140 
DT  N3    H3     sing N N 141 
DT  C4    O4     doub N N 142 
DT  C4    C5     sing N N 143 
DT  C5    C7     sing N N 144 
DT  C5    C6     doub N N 145 
DT  C7    H71    sing N N 146 
DT  C7    H72    sing N N 147 
DT  C7    H73    sing N N 148 
DT  C6    H6     sing N N 149 
HOH O     H1     sing N N 150 
HOH O     H2     sing N N 151 
WFB N2    C1     doub N N 152 
WFB N1    C1     sing N N 153 
WFB C1    C2     sing N N 154 
WFB C2    C21    doub Y N 155 
WFB C2    C3     sing Y N 156 
WFB C21   C20    sing Y N 157 
WFB C3    C4     doub Y N 158 
WFB C20   C5     doub Y N 159 
WFB C4    C5     sing Y N 160 
WFB C5    C6     sing N N 161 
WFB C6    C7     doub Y N 162 
WFB C6    C19    sing Y N 163 
WFB C7    C8     sing Y N 164 
WFB C19   C18    doub Y N 165 
WFB C8    C9     doub Y N 166 
WFB C18   C9     sing Y N 167 
WFB C18   N6     sing Y N 168 
WFB C9    N3     sing Y N 169 
WFB N6    C10    sing Y N 170 
WFB N3    C10    doub Y N 171 
WFB C10   C11    sing N N 172 
WFB C11   C17    doub Y N 173 
WFB C11   C12    sing Y N 174 
WFB C17   C16    sing Y N 175 
WFB C12   C13    doub Y N 176 
WFB C16   C14    doub Y N 177 
WFB C13   C14    sing Y N 178 
WFB C14   C15    sing N N 179 
WFB C15   N5     doub N N 180 
WFB C15   N4     sing N N 181 
WFB C4    H6     sing N N 182 
WFB C7    H7     sing N N 183 
WFB C8    H8     sing N N 184 
WFB C12   H9     sing N N 185 
WFB C13   H10    sing N N 186 
WFB N1    H1     sing N N 187 
WFB N1    H2     sing N N 188 
WFB N2    H4     sing N N 189 
WFB C3    H5     sing N N 190 
WFB C16   H15    sing N N 191 
WFB C17   H16    sing N N 192 
WFB C19   H18    sing N N 193 
WFB C20   H19    sing N N 194 
WFB C21   H20    sing N N 195 
WFB N4    H11    sing N N 196 
WFB N4    H12    sing N N 197 
WFB N5    H13    sing N N 198 
WFB N6    H17    sing N N 199 
# 
loop_
_ndb_struct_conf_na.entry_id 
_ndb_struct_conf_na.feature 
8FDR 'double helix'        
8FDR 'b-form double helix' 
# 
loop_
_ndb_struct_na_base_pair.model_number 
_ndb_struct_na_base_pair.i_label_asym_id 
_ndb_struct_na_base_pair.i_label_comp_id 
_ndb_struct_na_base_pair.i_label_seq_id 
_ndb_struct_na_base_pair.i_symmetry 
_ndb_struct_na_base_pair.j_label_asym_id 
_ndb_struct_na_base_pair.j_label_comp_id 
_ndb_struct_na_base_pair.j_label_seq_id 
_ndb_struct_na_base_pair.j_symmetry 
_ndb_struct_na_base_pair.shear 
_ndb_struct_na_base_pair.stretch 
_ndb_struct_na_base_pair.stagger 
_ndb_struct_na_base_pair.buckle 
_ndb_struct_na_base_pair.propeller 
_ndb_struct_na_base_pair.opening 
_ndb_struct_na_base_pair.pair_number 
_ndb_struct_na_base_pair.pair_name 
_ndb_struct_na_base_pair.i_auth_asym_id 
_ndb_struct_na_base_pair.i_auth_seq_id 
_ndb_struct_na_base_pair.i_PDB_ins_code 
_ndb_struct_na_base_pair.j_auth_asym_id 
_ndb_struct_na_base_pair.j_auth_seq_id 
_ndb_struct_na_base_pair.j_PDB_ins_code 
_ndb_struct_na_base_pair.hbond_type_28 
_ndb_struct_na_base_pair.hbond_type_12 
1 A DC 1  1_555 B DG 12 1_555 0.223  -0.173 0.282  1.215   -11.943 -1.590 1  B_DC1:DG24_C  B 1  ? C 24 ? 19 1 
1 A DG 2  1_555 B DC 11 1_555 -0.159 -0.235 0.608  10.075  -10.932 -3.263 2  B_DG2:DC23_C  B 2  ? C 23 ? 19 1 
1 A DC 3  1_555 B DG 10 1_555 0.203  -0.241 0.273  -6.668  -5.315  0.447  3  B_DC3:DG22_C  B 3  ? C 22 ? 19 1 
1 A DG 4  1_555 B DC 9  1_555 -0.188 -0.122 0.120  10.885  -7.243  0.247  4  B_DG4:DC21_C  B 4  ? C 21 ? 19 1 
1 A DA 5  1_555 B DT 8  1_555 0.387  -0.095 0.031  6.300   -19.463 2.953  5  B_DA5:DT20_C  B 5  ? C 20 ? 20 1 
1 A DA 6  1_555 B DT 7  1_555 0.263  -0.279 -0.029 0.870   -20.580 3.826  6  B_DA6:DT19_C  B 6  ? C 19 ? 20 1 
1 A DA 7  1_555 B DT 6  1_555 0.099  -0.226 -0.006 1.014   -20.521 5.476  7  B_DA7:DT18_C  B 7  ? C 18 ? 20 1 
1 A DA 8  1_555 B DT 5  1_555 0.197  -0.194 -0.033 -2.884  -15.976 5.121  8  B_DA8:DT17_C  B 8  ? C 17 ? 20 1 
1 A DC 9  1_555 B DG 4  1_555 0.189  -0.072 0.115  -11.133 -8.810  -1.279 9  B_DC9:DG16_C  B 9  ? C 16 ? 19 1 
1 A DG 10 1_555 B DC 3  1_555 -0.049 -0.147 0.335  11.966  -3.870  2.159  10 B_DG10:DC15_C B 10 ? C 15 ? 19 1 
1 A DC 11 1_555 B DG 2  1_555 0.083  -0.226 0.340  3.236   -21.623 -3.892 11 B_DC11:DG14_C B 11 ? C 14 ? 19 1 
1 A DG 12 1_555 B DC 1  1_555 -0.154 -0.167 0.477  6.327   -6.789  -2.947 12 B_DG12:DC13_C B 12 ? C 13 ? 19 1 
# 
loop_
_ndb_struct_na_base_pair_step.model_number 
_ndb_struct_na_base_pair_step.i_label_asym_id_1 
_ndb_struct_na_base_pair_step.i_label_comp_id_1 
_ndb_struct_na_base_pair_step.i_label_seq_id_1 
_ndb_struct_na_base_pair_step.i_symmetry_1 
_ndb_struct_na_base_pair_step.j_label_asym_id_1 
_ndb_struct_na_base_pair_step.j_label_comp_id_1 
_ndb_struct_na_base_pair_step.j_label_seq_id_1 
_ndb_struct_na_base_pair_step.j_symmetry_1 
_ndb_struct_na_base_pair_step.i_label_asym_id_2 
_ndb_struct_na_base_pair_step.i_label_comp_id_2 
_ndb_struct_na_base_pair_step.i_label_seq_id_2 
_ndb_struct_na_base_pair_step.i_symmetry_2 
_ndb_struct_na_base_pair_step.j_label_asym_id_2 
_ndb_struct_na_base_pair_step.j_label_comp_id_2 
_ndb_struct_na_base_pair_step.j_label_seq_id_2 
_ndb_struct_na_base_pair_step.j_symmetry_2 
_ndb_struct_na_base_pair_step.shift 
_ndb_struct_na_base_pair_step.slide 
_ndb_struct_na_base_pair_step.rise 
_ndb_struct_na_base_pair_step.tilt 
_ndb_struct_na_base_pair_step.roll 
_ndb_struct_na_base_pair_step.twist 
_ndb_struct_na_base_pair_step.x_displacement 
_ndb_struct_na_base_pair_step.y_displacement 
_ndb_struct_na_base_pair_step.helical_rise 
_ndb_struct_na_base_pair_step.inclination 
_ndb_struct_na_base_pair_step.tip 
_ndb_struct_na_base_pair_step.helical_twist 
_ndb_struct_na_base_pair_step.step_number 
_ndb_struct_na_base_pair_step.step_name 
_ndb_struct_na_base_pair_step.i_auth_asym_id_1 
_ndb_struct_na_base_pair_step.i_auth_seq_id_1 
_ndb_struct_na_base_pair_step.i_PDB_ins_code_1 
_ndb_struct_na_base_pair_step.j_auth_asym_id_1 
_ndb_struct_na_base_pair_step.j_auth_seq_id_1 
_ndb_struct_na_base_pair_step.j_PDB_ins_code_1 
_ndb_struct_na_base_pair_step.i_auth_asym_id_2 
_ndb_struct_na_base_pair_step.i_auth_seq_id_2 
_ndb_struct_na_base_pair_step.i_PDB_ins_code_2 
_ndb_struct_na_base_pair_step.j_auth_asym_id_2 
_ndb_struct_na_base_pair_step.j_auth_seq_id_2 
_ndb_struct_na_base_pair_step.j_PDB_ins_code_2 
1 A DC 1  1_555 B DG 12 1_555 A DG 2  1_555 B DC 11 1_555 -0.130 -0.044 3.037 -2.931 5.095   34.516 -0.787 -0.195 3.001 8.511   
4.895  34.998 1  BB_DC1DG2:DC23DG24_CC   B 1  ? C 24 ? B 2  ? C 23 ? 
1 A DG 2  1_555 B DC 11 1_555 A DC 3  1_555 B DG 10 1_555 0.638  0.367  3.753 3.244  -7.415  42.467 1.332  -0.502 3.678 -10.126 
-4.430 43.196 2  BB_DG2DC3:DG22DC23_CC   B 2  ? C 23 ? B 3  ? C 22 ? 
1 A DC 3  1_555 B DG 10 1_555 A DG 4  1_555 B DC 9  1_555 -0.261 0.643  2.987 2.609  8.928   27.369 -0.580 1.069  3.006 18.214  
-5.323 28.878 3  BB_DC3DG4:DC21DG22_CC   B 3  ? C 22 ? B 4  ? C 21 ? 
1 A DG 4  1_555 B DC 9  1_555 A DA 5  1_555 B DT 8  1_555 0.119  -0.125 3.386 1.202  3.568   37.488 -0.673 -0.023 3.363 5.534   
-1.864 37.670 4  BB_DG4DA5:DT20DC21_CC   B 4  ? C 21 ? B 5  ? C 20 ? 
1 A DA 5  1_555 B DT 8  1_555 A DA 6  1_555 B DT 7  1_555 0.123  -0.346 3.421 1.232  0.129   35.565 -0.586 -0.013 3.422 0.211   
-2.016 35.586 5  BB_DA5DA6:DT19DT20_CC   B 5  ? C 20 ? B 6  ? C 19 ? 
1 A DA 6  1_555 B DT 7  1_555 A DA 7  1_555 B DT 6  1_555 0.191  -0.248 3.180 1.189  1.582   32.398 -0.713 -0.139 3.169 2.833   
-2.128 32.456 6  BB_DA6DA7:DT18DT19_CC   B 6  ? C 19 ? B 7  ? C 18 ? 
1 A DA 7  1_555 B DT 6  1_555 A DA 8  1_555 B DT 5  1_555 -0.027 -0.229 3.325 0.533  0.887   36.067 -0.497 0.120  3.318 1.432   
-0.861 36.081 7  BB_DA7DA8:DT17DT18_CC   B 7  ? C 18 ? B 8  ? C 17 ? 
1 A DA 8  1_555 B DT 5  1_555 A DC 9  1_555 B DG 4  1_555 -0.526 -0.387 3.545 -0.680 -1.821  37.158 -0.343 0.726  3.568 -2.856  
1.066  37.207 8  BB_DA8DC9:DG16DT17_CC   B 8  ? C 17 ? B 9  ? C 16 ? 
1 A DC 9  1_555 B DG 4  1_555 A DG 10 1_555 B DC 3  1_555 0.514  0.841  2.884 -2.967 3.495   27.403 1.004  -1.706 2.896 7.312   
6.207  27.777 9  BB_DC9DG10:DC15DG16_CC  B 9  ? C 16 ? B 10 ? C 15 ? 
1 A DG 10 1_555 B DC 3  1_555 A DC 11 1_555 B DG 2  1_555 -1.085 0.557  3.592 -1.822 -10.179 41.651 1.864  1.287  3.413 -14.055 
2.516  42.860 10 BB_DG10DC11:DG14DC15_CC B 10 ? C 15 ? B 11 ? C 14 ? 
1 A DC 11 1_555 B DG 2  1_555 A DG 12 1_555 B DC 1  1_555 0.212  0.339  3.186 -0.691 4.580   34.265 -0.123 -0.461 3.199 7.729   
1.166  34.567 11 BB_DC11DG12:DC13DG14_CC B 11 ? C 14 ? B 12 ? C 13 ? 
# 
_pdbx_audit_support.funding_organization   
'National Institutes of Health/National Institute of General Medical Sciences (NIH/NIGMS)' 
_pdbx_audit_support.country                'United States' 
_pdbx_audit_support.grant_number           GM111749 
_pdbx_audit_support.ordinal                1 
# 
loop_
_pdbx_entity_nonpoly.entity_id 
_pdbx_entity_nonpoly.name 
_pdbx_entity_nonpoly.comp_id 
3 "4,4'-(1H-benzimidazole-2,6-diyl)di(benzene-1-carboximidamide)" WFB 
4 'MAGNESIUM ION'                                                 MG  
5 water                                                           HOH 
# 
_pdbx_initial_refinement_model.id               1 
_pdbx_initial_refinement_model.entity_id_list   ? 
_pdbx_initial_refinement_model.type             'experimental model' 
_pdbx_initial_refinement_model.source_name      PDB 
_pdbx_initial_refinement_model.accession_code   1BNA 
_pdbx_initial_refinement_model.details          ? 
# 
_pdbx_struct_assembly_auth_evidence.id                     1 
_pdbx_struct_assembly_auth_evidence.assembly_id            1 
_pdbx_struct_assembly_auth_evidence.experimental_support   'mass spectrometry' 
_pdbx_struct_assembly_auth_evidence.details                ? 
# 
_space_group.name_H-M_alt     'P 21 21 21' 
_space_group.name_Hall        'P 2ac 2ab' 
_space_group.IT_number        19 
_space_group.crystal_system   orthorhombic 
_space_group.id               1 
# 
